data_4XE5
#
_entry.id   4XE5
#
_cell.length_a   64.750
_cell.length_b   301.070
_cell.length_c   242.290
_cell.angle_alpha   90.00
_cell.angle_beta   90.00
_cell.angle_gamma   90.00
#
_symmetry.space_group_name_H-M   'C 2 2 21'
#
loop_
_entity.id
_entity.type
_entity.pdbx_description
1 polymer 'Sodium/potassium-transporting ATPase subunit alpha-1'
2 polymer 'Sodium/potassium-transporting ATPase subunit beta'
3 polymer 'Sodium/potassium-transporting ATPase subunit gamma'
4 non-polymer 'MAGNESIUM ION'
5 non-polymer OUABAIN
6 non-polymer CHOLESTEROL
7 water water
#
loop_
_entity_poly.entity_id
_entity_poly.type
_entity_poly.pdbx_seq_one_letter_code
_entity_poly.pdbx_strand_id
1 'polypeptide(L)'
;MGKGVGRDKYEPAAVSEHGDKKKAKKERDMDELKKEVSMDDHKLSLDELHRKYGTDLSRGLTTARAAEILARDGPNALTP
PPTTPEWVKFCRQLFGGFSMLLWIGAVLCFLAYGIQAATEEEPQNDNLYLGVVLSAVVIITGCFSYYQEAKSSKIMESFK
NMVPQQALVIRNGEKMSINAEEVVVGDLVEVKGGDRIPADLRIISANGCKVDNSSLTGESEPQTRSPDFTNENPLETRNI
AFFSTNCVEGTARGIVVYTGDRTVMGRIATLASGLEGGQTPIAAEIEHFIHIITGVAVFLGVSFFILSLILEYTWLEAVI
FLIGIIVANVPEGLLATVTVCLTLTAKRMARKNCLVKNLEAVETLGSTSTICS(BFD)KTGTLTQNRMTVAHMWFDNQIH
EADTTENQSGVSFDKTSATWLALSRIAGLCNRAVFQANQDNLPILKRAVAGDASESALLKCIEVCCGSVKEMRERYTKIV
EIPFNSTNKYQLSIHKNANAGEPRHLLVMKGAPERILDRCSSILIHGKEQPLDEELKDAFQNAYLELGGLGERVLGFCHL
LLPDEQFPEGFQFDTDDVNFPVDNLCFVGLISMIDPPRAAVPDAVGKCRSAGIKVIMVTGDHPITAKAIAKGVGIISEGN
ETVEDIAARLNIPVSQVNPRDARACVVHGSDLKDMTPEQLDDILKYHTEIVFARTSPQQKLIIVEGCQRQGAIVAVTGDG
VNDSPALKKADIGVAMGIAGSDVSKQAADMILLDDNFASIVTGVEEGRLIFDNLKKSIAYTLTSNIPEITPFLIFIIANI
PLPLGTVTILCIDLGTDMVPAISLAYEQAESDIMKRQPRNPQTDKLVNERLISMAYGQIGMIQALGGFFTYFVIMAENGF
LPNHLLGIRVTWDDRWINDVEDSYGQQWTYEQRKIVEFTCHTAFFVSIVVVQWADLVICKTRRNSVFQQGMKNKILIFGL
FEETALAAFLSYCPGMGVALRMYPLKPTWWFCAFPYSLLIFVYDEVRKLIIRRRPGGWVEKETYY
;
A
2 'polypeptide(L)'
;MARGKAKEEGSWKKFIWNSEKKEFLGRTGGSWFKILLFYVIFYGCLAGIFIGTIQVMLLTISEFKPTYQDRVAPPGLTQI
PQIQKTEIAFRPNDPKSYMTYVDNIDNFLKKYRDSAQKDDMIFEDCGNVPSELKDRGELNNEQGERKVCRFKLEWLGNCS
GINDETYGYKDGKPCVIIKLNRVLGFKPKPPKNESLETYPVMKYNPYVLPVQCTGKRDEDKEKVGSIEYFGLGGYPGFPL
QYYPYYGKLLQPKYLQPLLAVQFTNLTMDTEIRIECKAYGENIGYSEKDRFQGRFDVKIEVKS
;
B
3 'polypeptide(L)' MVAVQGTEDPFYYDYETVRNGGLIFAALAFIVGLVIILSKRFRCGAKRQHRQIPEDGL G
#
# COMPACT_ATOMS: atom_id res chain seq x y z
N GLU A 27 23.16 8.31 -25.74
CA GLU A 27 22.41 7.08 -25.55
C GLU A 27 20.98 7.23 -26.07
N ARG A 28 20.53 8.47 -26.14
CA ARG A 28 19.20 8.76 -26.66
C ARG A 28 19.14 8.35 -28.12
N ASP A 29 20.20 8.65 -28.84
CA ASP A 29 20.33 8.22 -30.23
C ASP A 29 20.35 6.70 -30.32
N MET A 30 20.98 6.07 -29.33
CA MET A 30 21.04 4.61 -29.27
C MET A 30 19.64 4.01 -29.16
N ASP A 31 18.88 4.44 -28.16
CA ASP A 31 17.52 3.96 -27.96
C ASP A 31 16.56 4.46 -29.02
N GLU A 32 17.00 5.44 -29.81
CA GLU A 32 16.27 5.88 -30.99
C GLU A 32 16.50 4.91 -32.15
N LEU A 33 17.69 4.32 -32.19
CA LEU A 33 17.99 3.32 -33.22
C LEU A 33 17.48 1.93 -32.84
N LYS A 34 17.19 1.73 -31.56
CA LYS A 34 16.67 0.43 -31.11
C LYS A 34 15.15 0.30 -31.23
N LYS A 35 14.47 1.43 -31.40
CA LYS A 35 13.02 1.43 -31.53
C LYS A 35 12.60 1.21 -32.98
N GLU A 36 13.59 1.23 -33.86
CA GLU A 36 13.37 1.04 -35.29
C GLU A 36 13.55 -0.42 -35.68
N VAL A 37 12.65 -0.91 -36.54
CA VAL A 37 12.69 -2.31 -36.96
C VAL A 37 13.99 -2.58 -37.72
N SER A 38 14.43 -3.83 -37.72
CA SER A 38 15.75 -4.17 -38.25
C SER A 38 15.82 -4.27 -39.77
N MET A 39 17.03 -4.55 -40.25
CA MET A 39 17.32 -4.80 -41.66
C MET A 39 18.49 -5.78 -41.77
N ASP A 40 18.84 -6.22 -42.97
CA ASP A 40 19.91 -7.22 -43.09
C ASP A 40 20.49 -7.37 -44.49
N ASP A 41 21.51 -8.24 -44.59
CA ASP A 41 22.16 -8.64 -45.84
C ASP A 41 21.58 -9.94 -46.36
N HIS A 42 20.53 -10.42 -45.72
CA HIS A 42 19.99 -11.78 -45.89
C HIS A 42 19.77 -12.19 -47.34
N LYS A 43 19.53 -11.22 -48.20
CA LYS A 43 19.32 -11.49 -49.61
C LYS A 43 20.61 -11.24 -50.36
N LEU A 44 21.25 -12.32 -50.77
CA LEU A 44 22.54 -12.29 -51.45
C LEU A 44 22.73 -13.61 -52.18
N SER A 45 23.66 -13.65 -53.12
CA SER A 45 24.14 -14.92 -53.62
C SER A 45 25.06 -15.47 -52.54
N LEU A 46 25.08 -16.78 -52.34
CA LEU A 46 26.04 -17.40 -51.43
C LEU A 46 27.46 -16.99 -51.83
N ASP A 47 27.68 -16.79 -53.14
CA ASP A 47 28.94 -16.28 -53.66
C ASP A 47 29.32 -14.96 -52.98
N GLU A 48 28.40 -14.00 -53.03
CA GLU A 48 28.62 -12.67 -52.47
C GLU A 48 28.56 -12.73 -50.95
N LEU A 49 27.82 -13.69 -50.41
CA LEU A 49 27.74 -13.91 -48.97
C LEU A 49 29.11 -14.25 -48.38
N HIS A 50 29.79 -15.23 -48.97
CA HIS A 50 31.09 -15.63 -48.44
C HIS A 50 32.22 -14.76 -49.02
N ARG A 51 31.91 -13.98 -50.06
CA ARG A 51 32.88 -12.99 -50.55
C ARG A 51 32.91 -11.80 -49.60
N LYS A 52 31.76 -11.50 -49.00
CA LYS A 52 31.62 -10.45 -48.00
C LYS A 52 32.11 -10.88 -46.62
N TYR A 53 31.68 -12.07 -46.20
CA TYR A 53 32.02 -12.57 -44.87
C TYR A 53 33.42 -13.17 -44.82
N GLY A 54 33.99 -13.46 -46.00
CA GLY A 54 35.30 -14.06 -46.08
C GLY A 54 35.33 -15.46 -45.50
N THR A 55 34.45 -16.33 -46.00
CA THR A 55 34.26 -17.67 -45.44
C THR A 55 34.22 -18.72 -46.54
N ASP A 56 34.52 -19.96 -46.19
CA ASP A 56 34.26 -21.09 -47.07
C ASP A 56 32.91 -21.71 -46.68
N LEU A 57 32.09 -22.04 -47.67
CA LEU A 57 30.76 -22.56 -47.41
C LEU A 57 30.78 -23.94 -46.80
N SER A 58 31.56 -24.84 -47.38
CA SER A 58 31.64 -26.23 -46.93
C SER A 58 32.56 -26.42 -45.73
N ARG A 59 33.70 -25.74 -45.74
CA ARG A 59 34.73 -25.93 -44.72
C ARG A 59 34.66 -24.91 -43.59
N GLY A 60 33.69 -23.99 -43.66
CA GLY A 60 33.59 -22.93 -42.67
C GLY A 60 34.81 -22.04 -42.70
N LEU A 61 35.31 -21.70 -41.52
CA LEU A 61 36.55 -20.93 -41.41
C LEU A 61 37.64 -21.73 -40.72
N THR A 62 38.83 -21.15 -40.62
CA THR A 62 39.94 -21.82 -39.94
C THR A 62 39.79 -21.64 -38.43
N THR A 63 40.38 -22.56 -37.68
CA THR A 63 40.36 -22.50 -36.22
C THR A 63 40.99 -21.19 -35.71
N ALA A 64 42.06 -20.77 -36.35
CA ALA A 64 42.77 -19.56 -35.94
C ALA A 64 41.91 -18.33 -36.19
N ARG A 65 41.14 -18.34 -37.27
CA ARG A 65 40.27 -17.21 -37.61
C ARG A 65 39.13 -17.08 -36.60
N ALA A 66 38.54 -18.21 -36.24
CA ALA A 66 37.48 -18.23 -35.22
C ALA A 66 38.01 -17.74 -33.88
N ALA A 67 39.19 -18.22 -33.51
CA ALA A 67 39.82 -17.81 -32.26
C ALA A 67 40.24 -16.33 -32.31
N GLU A 68 40.40 -15.78 -33.51
CA GLU A 68 40.70 -14.36 -33.68
C GLU A 68 39.46 -13.48 -33.53
N ILE A 69 38.35 -13.91 -34.12
CA ILE A 69 37.11 -13.14 -34.04
C ILE A 69 36.49 -13.21 -32.65
N LEU A 70 36.69 -14.34 -31.95
CA LEU A 70 36.13 -14.52 -30.61
C LEU A 70 36.67 -13.50 -29.60
N ALA A 71 37.94 -13.14 -29.75
CA ALA A 71 38.59 -12.20 -28.84
C ALA A 71 38.58 -10.78 -29.40
N ARG A 72 38.02 -10.63 -30.60
CA ARG A 72 38.00 -9.34 -31.28
C ARG A 72 36.96 -8.39 -30.70
N ASP A 73 35.77 -8.90 -30.45
CA ASP A 73 34.70 -8.08 -29.88
C ASP A 73 34.23 -8.64 -28.54
N GLY A 74 33.63 -9.82 -28.59
CA GLY A 74 33.13 -10.46 -27.39
C GLY A 74 32.51 -11.81 -27.69
N PRO A 75 32.38 -12.65 -26.66
CA PRO A 75 31.78 -13.99 -26.73
C PRO A 75 30.34 -13.94 -27.20
N ASN A 76 29.78 -15.07 -27.60
CA ASN A 76 28.40 -15.05 -28.04
C ASN A 76 27.45 -15.30 -26.88
N ALA A 77 26.80 -14.22 -26.49
CA ALA A 77 25.90 -14.18 -25.35
C ALA A 77 25.46 -12.74 -25.21
N LEU A 78 24.37 -12.52 -24.49
CA LEU A 78 23.94 -11.16 -24.23
C LEU A 78 24.69 -10.64 -23.02
N THR A 79 25.09 -9.37 -23.06
CA THR A 79 25.65 -8.73 -21.88
C THR A 79 24.63 -8.90 -20.78
N PRO A 80 25.06 -9.43 -19.62
CA PRO A 80 24.16 -9.67 -18.49
C PRO A 80 23.35 -8.41 -18.18
N PRO A 81 22.09 -8.57 -17.71
CA PRO A 81 21.21 -7.40 -17.59
C PRO A 81 21.84 -6.25 -16.81
N PRO A 82 21.84 -5.05 -17.40
CA PRO A 82 22.53 -3.85 -16.90
C PRO A 82 22.11 -3.48 -15.49
N THR A 83 20.97 -3.99 -15.04
CA THR A 83 20.50 -3.71 -13.70
C THR A 83 20.94 -4.80 -12.73
N THR A 84 21.86 -4.43 -11.85
CA THR A 84 22.26 -5.27 -10.72
C THR A 84 22.44 -4.36 -9.51
N PRO A 85 21.32 -3.77 -9.04
CA PRO A 85 21.42 -2.74 -8.01
C PRO A 85 22.04 -3.27 -6.72
N GLU A 86 23.03 -2.55 -6.19
CA GLU A 86 23.63 -2.92 -4.92
C GLU A 86 22.60 -2.74 -3.83
N TRP A 87 22.83 -3.39 -2.68
CA TRP A 87 21.89 -3.34 -1.57
C TRP A 87 21.74 -1.91 -1.03
N VAL A 88 22.59 -1.01 -1.51
CA VAL A 88 22.40 0.43 -1.35
C VAL A 88 21.06 0.87 -1.96
N LYS A 89 20.50 0.02 -2.81
CA LYS A 89 19.15 0.23 -3.38
C LYS A 89 18.10 0.31 -2.28
N PHE A 90 18.49 -0.06 -1.08
CA PHE A 90 17.70 0.17 0.12
C PHE A 90 17.17 1.61 0.14
N CYS A 91 18.05 2.55 -0.21
CA CYS A 91 17.71 3.97 -0.25
C CYS A 91 16.47 4.27 -1.08
N ARG A 92 16.24 3.48 -2.13
CA ARG A 92 15.08 3.65 -3.00
C ARG A 92 13.77 3.58 -2.22
N GLN A 93 13.74 2.68 -1.24
CA GLN A 93 12.53 2.47 -0.45
C GLN A 93 12.41 3.49 0.67
N LEU A 94 13.47 4.26 0.90
CA LEU A 94 13.48 5.22 2.00
C LEU A 94 13.05 6.61 1.55
N PHE A 95 12.74 6.77 0.27
CA PHE A 95 12.38 8.10 -0.22
C PHE A 95 10.97 8.16 -0.79
N GLY A 96 10.77 7.64 -2.00
CA GLY A 96 9.47 7.66 -2.66
C GLY A 96 8.87 9.05 -2.70
N GLY A 97 7.54 9.15 -2.70
CA GLY A 97 6.91 10.44 -2.47
C GLY A 97 6.39 10.72 -1.07
N PHE A 98 5.97 9.68 -0.35
CA PHE A 98 5.42 9.89 0.99
C PHE A 98 6.48 9.95 2.09
N SER A 99 7.44 9.03 2.02
CA SER A 99 8.51 9.00 3.00
C SER A 99 9.30 10.32 2.96
N MET A 100 9.21 11.01 1.83
CA MET A 100 9.71 12.38 1.71
C MET A 100 8.94 13.36 2.60
N LEU A 101 7.60 13.24 2.58
CA LEU A 101 6.76 14.10 3.42
C LEU A 101 7.07 13.87 4.90
N LEU A 102 7.21 12.60 5.28
CA LEU A 102 7.58 12.32 6.66
C LEU A 102 9.00 12.81 6.98
N TRP A 103 9.87 12.79 5.99
CA TRP A 103 11.25 13.26 6.16
C TRP A 103 11.28 14.74 6.46
N ILE A 104 10.60 15.54 5.63
CA ILE A 104 10.58 16.98 5.86
C ILE A 104 9.81 17.29 7.13
N GLY A 105 8.88 16.40 7.52
CA GLY A 105 8.19 16.55 8.78
C GLY A 105 9.20 16.46 9.91
N ALA A 106 10.02 15.41 9.87
CA ALA A 106 11.06 15.20 10.87
C ALA A 106 12.06 16.35 10.89
N VAL A 107 12.46 16.81 9.72
CA VAL A 107 13.42 17.90 9.63
C VAL A 107 12.83 19.18 10.22
N LEU A 108 11.54 19.39 10.01
CA LEU A 108 10.86 20.53 10.62
C LEU A 108 10.79 20.37 12.12
N CYS A 109 10.67 19.13 12.58
CA CYS A 109 10.67 18.84 14.02
C CYS A 109 12.01 19.20 14.64
N PHE A 110 13.08 18.67 14.06
CA PHE A 110 14.44 18.93 14.53
C PHE A 110 14.79 20.41 14.46
N LEU A 111 14.32 21.07 13.41
CA LEU A 111 14.51 22.50 13.24
C LEU A 111 13.82 23.26 14.36
N ALA A 112 12.58 22.88 14.65
CA ALA A 112 11.82 23.51 15.72
C ALA A 112 12.51 23.33 17.06
N TYR A 113 13.07 22.15 17.30
CA TYR A 113 13.83 21.92 18.52
C TYR A 113 15.06 22.83 18.56
N GLY A 114 15.71 22.97 17.41
CA GLY A 114 16.85 23.85 17.27
C GLY A 114 16.51 25.28 17.65
N ILE A 115 15.35 25.74 17.19
CA ILE A 115 14.87 27.07 17.55
C ILE A 115 14.51 27.11 19.04
N GLN A 116 14.13 25.96 19.58
CA GLN A 116 13.73 25.86 20.98
C GLN A 116 14.93 25.69 21.90
N ALA A 117 16.12 25.67 21.31
CA ALA A 117 17.35 25.68 22.10
C ALA A 117 17.67 27.12 22.51
N ALA A 118 16.81 28.05 22.12
CA ALA A 118 16.95 29.47 22.45
C ALA A 118 16.80 29.71 23.95
N THR A 119 16.18 28.75 24.64
CA THR A 119 16.01 28.83 26.07
C THR A 119 16.04 27.42 26.65
N GLU A 120 15.86 27.29 27.96
CA GLU A 120 15.72 25.98 28.59
C GLU A 120 14.35 25.42 28.19
N GLU A 121 14.32 24.21 27.62
CA GLU A 121 13.11 23.77 26.95
C GLU A 121 12.74 22.30 27.16
N GLU A 122 11.46 22.07 27.40
CA GLU A 122 10.86 20.74 27.54
C GLU A 122 10.93 19.72 26.37
N PRO A 123 10.92 20.16 25.09
CA PRO A 123 10.79 19.22 23.95
C PRO A 123 11.74 18.02 23.95
N GLN A 124 12.76 18.03 24.80
CA GLN A 124 13.59 16.84 25.04
C GLN A 124 12.68 15.61 25.20
N ASN A 125 11.54 15.80 25.85
CA ASN A 125 10.50 14.78 25.90
C ASN A 125 9.38 14.97 24.87
N ASP A 126 9.47 16.01 24.03
CA ASP A 126 8.39 16.28 23.07
C ASP A 126 8.80 16.27 21.60
N ASN A 127 9.46 17.34 21.17
CA ASN A 127 9.63 17.56 19.73
C ASN A 127 10.78 16.77 19.11
N LEU A 128 11.89 16.69 19.82
CA LEU A 128 13.00 15.85 19.37
C LEU A 128 12.52 14.41 19.23
N TYR A 129 11.74 13.94 20.21
CA TYR A 129 11.16 12.61 20.14
C TYR A 129 10.23 12.47 18.95
N LEU A 130 9.57 13.57 18.58
CA LEU A 130 8.64 13.54 17.48
C LEU A 130 9.39 13.33 16.17
N GLY A 131 10.44 14.11 15.96
CA GLY A 131 11.28 13.96 14.78
C GLY A 131 11.95 12.59 14.69
N VAL A 132 12.51 12.13 15.81
CA VAL A 132 13.13 10.82 15.86
C VAL A 132 12.10 9.72 15.56
N VAL A 133 10.88 9.91 16.04
CA VAL A 133 9.81 8.95 15.78
C VAL A 133 9.48 8.91 14.30
N LEU A 134 9.30 10.09 13.69
CA LEU A 134 9.04 10.17 12.26
C LEU A 134 10.13 9.45 11.47
N SER A 135 11.37 9.73 11.83
CA SER A 135 12.53 9.10 11.22
C SER A 135 12.47 7.58 11.33
N ALA A 136 12.14 7.10 12.54
CA ALA A 136 12.02 5.68 12.80
C ALA A 136 10.94 5.05 11.93
N VAL A 137 9.84 5.77 11.74
CA VAL A 137 8.73 5.28 10.93
C VAL A 137 9.15 5.12 9.48
N VAL A 138 9.78 6.15 8.93
CA VAL A 138 10.28 6.05 7.55
C VAL A 138 11.26 4.91 7.37
N ILE A 139 12.25 4.86 8.26
CA ILE A 139 13.26 3.80 8.22
C ILE A 139 12.62 2.42 8.23
N ILE A 140 11.78 2.15 9.25
CA ILE A 140 11.16 0.85 9.41
C ILE A 140 10.26 0.47 8.23
N THR A 141 9.46 1.43 7.76
CA THR A 141 8.60 1.20 6.60
C THR A 141 9.42 0.79 5.38
N GLY A 142 10.45 1.57 5.09
CA GLY A 142 11.37 1.27 4.01
C GLY A 142 11.98 -0.11 4.17
N CYS A 143 12.36 -0.46 5.40
CA CYS A 143 12.93 -1.76 5.72
C CYS A 143 11.99 -2.88 5.31
N PHE A 144 10.73 -2.75 5.72
CA PHE A 144 9.73 -3.78 5.48
C PHE A 144 9.42 -3.94 4.00
N SER A 145 9.09 -2.83 3.33
CA SER A 145 8.78 -2.87 1.90
C SER A 145 9.97 -3.43 1.11
N TYR A 146 11.18 -2.98 1.45
CA TYR A 146 12.39 -3.46 0.81
C TYR A 146 12.59 -4.94 1.05
N TYR A 147 12.21 -5.42 2.24
CA TYR A 147 12.36 -6.83 2.54
C TYR A 147 11.39 -7.67 1.72
N GLN A 148 10.19 -7.12 1.51
CA GLN A 148 9.20 -7.81 0.68
C GLN A 148 9.67 -7.90 -0.77
N GLU A 149 10.04 -6.75 -1.32
CA GLU A 149 10.52 -6.68 -2.70
C GLU A 149 11.77 -7.54 -2.90
N ALA A 150 12.65 -7.57 -1.91
CA ALA A 150 13.87 -8.37 -1.98
C ALA A 150 13.54 -9.86 -1.91
N LYS A 151 12.53 -10.21 -1.13
CA LYS A 151 12.05 -11.59 -1.04
C LYS A 151 11.54 -12.05 -2.40
N SER A 152 10.78 -11.17 -3.05
CA SER A 152 10.31 -11.43 -4.41
C SER A 152 11.51 -11.58 -5.37
N SER A 153 12.53 -10.75 -5.17
CA SER A 153 13.75 -10.83 -5.97
C SER A 153 14.42 -12.19 -5.84
N LYS A 154 14.51 -12.67 -4.60
CA LYS A 154 15.13 -13.97 -4.32
C LYS A 154 14.36 -15.10 -4.98
N ILE A 155 13.05 -15.15 -4.73
CA ILE A 155 12.22 -16.21 -5.31
C ILE A 155 12.21 -16.13 -6.83
N MET A 156 12.55 -14.96 -7.38
CA MET A 156 12.75 -14.83 -8.82
C MET A 156 14.13 -15.32 -9.27
N GLU A 157 15.12 -15.18 -8.40
CA GLU A 157 16.47 -15.65 -8.71
C GLU A 157 16.51 -17.18 -8.73
N SER A 158 15.74 -17.81 -7.85
CA SER A 158 15.72 -19.26 -7.75
C SER A 158 15.14 -19.90 -9.00
N PHE A 159 14.28 -19.15 -9.69
CA PHE A 159 13.60 -19.65 -10.86
C PHE A 159 14.52 -19.65 -12.08
N LYS A 160 15.74 -19.14 -11.93
CA LYS A 160 16.61 -19.07 -13.09
C LYS A 160 17.35 -20.37 -13.29
N ASN A 161 16.95 -21.10 -14.32
CA ASN A 161 17.64 -22.30 -14.72
C ASN A 161 18.18 -22.13 -16.12
N MET A 162 19.49 -21.98 -16.22
CA MET A 162 20.12 -21.79 -17.51
C MET A 162 21.01 -22.98 -17.83
N VAL A 163 20.59 -23.81 -18.78
CA VAL A 163 21.38 -24.98 -19.17
C VAL A 163 22.23 -24.67 -20.39
N PRO A 164 23.56 -24.82 -20.27
CA PRO A 164 24.44 -24.58 -21.41
C PRO A 164 24.13 -25.52 -22.56
N GLN A 165 23.94 -24.96 -23.76
CA GLN A 165 23.71 -25.76 -24.95
C GLN A 165 24.83 -25.51 -25.94
N GLN A 166 25.68 -26.49 -26.16
CA GLN A 166 26.85 -26.29 -27.01
C GLN A 166 26.46 -26.34 -28.49
N ALA A 167 26.95 -25.36 -29.24
CA ALA A 167 26.67 -25.29 -30.67
C ALA A 167 27.52 -26.27 -31.44
N LEU A 168 27.01 -26.73 -32.57
CA LEU A 168 27.80 -27.55 -33.48
C LEU A 168 28.30 -26.68 -34.62
N VAL A 169 29.60 -26.40 -34.60
CA VAL A 169 30.19 -25.54 -35.62
C VAL A 169 30.96 -26.43 -36.61
N ILE A 170 31.46 -25.82 -37.69
CA ILE A 170 32.28 -26.52 -38.65
C ILE A 170 33.47 -25.64 -39.03
N ARG A 171 34.68 -26.11 -38.75
CA ARG A 171 35.87 -25.34 -39.03
C ARG A 171 36.96 -26.21 -39.67
N ASN A 172 37.63 -25.66 -40.67
CA ASN A 172 38.64 -26.37 -41.44
C ASN A 172 38.16 -27.71 -41.98
N GLY A 173 36.88 -27.77 -42.33
CA GLY A 173 36.29 -28.95 -42.91
C GLY A 173 35.81 -29.98 -41.90
N GLU A 174 36.05 -29.71 -40.62
CA GLU A 174 35.69 -30.65 -39.56
C GLU A 174 34.62 -30.10 -38.62
N LYS A 175 33.62 -30.92 -38.32
CA LYS A 175 32.56 -30.52 -37.40
C LYS A 175 33.05 -30.61 -35.96
N MET A 176 33.00 -29.49 -35.25
CA MET A 176 33.37 -29.50 -33.83
C MET A 176 32.26 -28.87 -33.00
N SER A 177 31.84 -29.59 -31.96
CA SER A 177 30.81 -29.08 -31.06
C SER A 177 31.48 -28.33 -29.92
N ILE A 178 31.30 -27.02 -29.90
CA ILE A 178 31.96 -26.16 -28.93
C ILE A 178 30.92 -25.37 -28.14
N ASN A 179 31.35 -24.79 -27.03
CA ASN A 179 30.47 -23.95 -26.23
C ASN A 179 29.84 -22.85 -27.07
N ALA A 180 28.56 -22.58 -26.82
CA ALA A 180 27.80 -21.62 -27.61
C ALA A 180 28.39 -20.22 -27.55
N GLU A 181 29.04 -19.89 -26.44
CA GLU A 181 29.63 -18.57 -26.26
C GLU A 181 30.93 -18.41 -27.04
N GLU A 182 31.41 -19.50 -27.63
CA GLU A 182 32.64 -19.48 -28.43
C GLU A 182 32.37 -19.36 -29.94
N VAL A 183 31.10 -19.25 -30.31
CA VAL A 183 30.71 -19.12 -31.71
C VAL A 183 30.93 -17.70 -32.21
N VAL A 184 31.45 -17.56 -33.42
CA VAL A 184 31.80 -16.25 -33.97
C VAL A 184 30.94 -15.84 -35.16
N VAL A 185 31.26 -14.71 -35.76
CA VAL A 185 30.58 -14.25 -36.97
C VAL A 185 31.14 -14.89 -38.23
N GLY A 186 30.26 -15.46 -39.04
CA GLY A 186 30.64 -15.94 -40.36
C GLY A 186 31.34 -17.27 -40.36
N ASP A 187 30.92 -18.16 -39.47
CA ASP A 187 31.43 -19.52 -39.45
C ASP A 187 30.28 -20.51 -39.61
N LEU A 188 30.53 -21.60 -40.35
CA LEU A 188 29.48 -22.55 -40.67
C LEU A 188 28.96 -23.28 -39.44
N VAL A 189 27.64 -23.27 -39.28
CA VAL A 189 27.00 -23.96 -38.16
C VAL A 189 25.88 -24.88 -38.67
N GLU A 190 25.85 -26.09 -38.15
CA GLU A 190 24.78 -27.04 -38.46
C GLU A 190 23.82 -27.18 -37.29
N VAL A 191 22.53 -27.18 -37.60
CA VAL A 191 21.52 -27.42 -36.57
C VAL A 191 20.69 -28.65 -36.94
N LYS A 192 20.25 -29.38 -35.92
CA LYS A 192 19.49 -30.61 -36.10
C LYS A 192 18.17 -30.51 -35.37
N GLY A 193 17.37 -31.57 -35.38
CA GLY A 193 16.11 -31.59 -34.66
C GLY A 193 16.29 -31.49 -33.16
N GLY A 194 15.60 -30.52 -32.55
CA GLY A 194 15.66 -30.34 -31.11
C GLY A 194 16.73 -29.37 -30.65
N ASP A 195 17.72 -29.15 -31.51
CA ASP A 195 18.82 -28.26 -31.18
C ASP A 195 18.36 -26.80 -31.21
N ARG A 196 18.96 -25.98 -30.35
CA ARG A 196 18.63 -24.56 -30.28
C ARG A 196 19.60 -23.76 -31.13
N ILE A 197 19.08 -22.78 -31.87
CA ILE A 197 19.91 -21.98 -32.77
C ILE A 197 20.90 -21.11 -32.00
N PRO A 198 22.21 -21.34 -32.24
CA PRO A 198 23.32 -20.71 -31.52
C PRO A 198 23.36 -19.18 -31.63
N ALA A 199 23.21 -18.67 -32.85
CA ALA A 199 23.28 -17.24 -33.10
C ALA A 199 22.46 -16.92 -34.35
N ASP A 200 22.51 -15.69 -34.82
CA ASP A 200 21.73 -15.36 -36.01
C ASP A 200 22.47 -15.82 -37.26
N LEU A 201 21.83 -16.74 -37.99
CA LEU A 201 22.43 -17.42 -39.13
C LEU A 201 21.76 -17.06 -40.45
N ARG A 202 22.54 -17.12 -41.52
CA ARG A 202 22.01 -17.06 -42.89
C ARG A 202 22.09 -18.46 -43.46
N ILE A 203 20.94 -19.05 -43.77
CA ILE A 203 20.91 -20.46 -44.12
C ILE A 203 21.44 -20.68 -45.52
N ILE A 204 22.54 -21.44 -45.62
CA ILE A 204 23.08 -21.84 -46.90
C ILE A 204 22.42 -23.12 -47.45
N SER A 205 22.05 -24.04 -46.56
CA SER A 205 21.45 -25.31 -47.02
C SER A 205 20.46 -25.86 -46.00
N ALA A 206 19.47 -26.62 -46.48
CA ALA A 206 18.44 -27.17 -45.59
C ALA A 206 17.87 -28.50 -46.07
N ASN A 207 17.60 -29.39 -45.12
CA ASN A 207 16.83 -30.60 -45.38
C ASN A 207 15.69 -30.77 -44.37
N GLY A 208 14.45 -30.66 -44.85
CA GLY A 208 13.26 -30.82 -44.02
C GLY A 208 13.24 -30.02 -42.73
N CYS A 209 13.76 -28.80 -42.78
CA CYS A 209 14.00 -28.03 -41.57
C CYS A 209 12.83 -27.11 -41.21
N LYS A 210 12.20 -27.42 -40.08
CA LYS A 210 11.23 -26.53 -39.48
C LYS A 210 11.76 -26.02 -38.15
N VAL A 211 12.03 -24.71 -38.10
CA VAL A 211 12.39 -24.01 -36.87
C VAL A 211 11.14 -23.52 -36.12
N ASP A 212 11.24 -23.42 -34.80
CA ASP A 212 10.16 -22.85 -34.00
C ASP A 212 10.45 -21.40 -33.63
N ASN A 213 9.72 -20.48 -34.26
CA ASN A 213 9.87 -19.06 -34.04
C ASN A 213 8.86 -18.46 -33.06
N SER A 214 8.07 -19.33 -32.44
CA SER A 214 6.91 -18.92 -31.63
C SER A 214 7.20 -17.80 -30.64
N SER A 215 8.32 -17.88 -29.93
CA SER A 215 8.66 -16.85 -28.95
C SER A 215 9.05 -15.52 -29.60
N LEU A 216 9.99 -15.57 -30.55
CA LEU A 216 10.53 -14.35 -31.12
C LEU A 216 9.55 -13.54 -31.98
N THR A 217 9.06 -14.13 -33.07
CA THR A 217 8.19 -13.40 -33.98
C THR A 217 6.71 -13.59 -33.71
N GLY A 218 6.40 -14.54 -32.85
CA GLY A 218 5.01 -14.82 -32.51
C GLY A 218 4.29 -15.80 -33.44
N GLU A 219 4.99 -16.31 -34.45
CA GLU A 219 4.36 -17.25 -35.38
C GLU A 219 4.10 -18.60 -34.71
N SER A 220 2.85 -19.04 -34.72
CA SER A 220 2.44 -20.24 -33.99
C SER A 220 3.01 -21.53 -34.57
N GLU A 221 2.79 -21.72 -35.86
CA GLU A 221 3.23 -22.93 -36.54
C GLU A 221 4.68 -22.82 -36.96
N PRO A 222 5.42 -23.94 -36.92
CA PRO A 222 6.82 -23.92 -37.33
C PRO A 222 6.95 -23.58 -38.80
N GLN A 223 7.79 -22.59 -39.06
CA GLN A 223 8.01 -22.14 -40.41
C GLN A 223 9.19 -22.89 -41.00
N THR A 224 9.00 -23.35 -42.22
CA THR A 224 10.06 -23.97 -42.99
C THR A 224 11.20 -22.98 -43.23
N ARG A 225 12.42 -23.50 -43.21
CA ARG A 225 13.58 -22.67 -43.50
C ARG A 225 14.31 -23.21 -44.74
N SER A 226 14.63 -22.31 -45.65
CA SER A 226 15.24 -22.69 -46.92
C SER A 226 16.39 -21.77 -47.30
N PRO A 227 17.33 -22.25 -48.11
CA PRO A 227 18.41 -21.36 -48.57
C PRO A 227 17.86 -20.15 -49.34
N ASP A 228 16.68 -20.29 -49.91
CA ASP A 228 16.12 -19.29 -50.80
C ASP A 228 15.54 -18.07 -50.09
N PHE A 229 15.68 -16.93 -50.75
CA PHE A 229 15.10 -15.69 -50.26
C PHE A 229 13.62 -15.64 -50.61
N THR A 230 12.78 -15.50 -49.58
CA THR A 230 11.32 -15.50 -49.77
C THR A 230 10.69 -14.11 -49.56
N ASN A 231 10.76 -13.61 -48.34
CA ASN A 231 10.15 -12.32 -48.02
C ASN A 231 11.22 -11.23 -47.79
N GLU A 232 10.92 -10.02 -48.23
CA GLU A 232 11.83 -8.89 -48.09
C GLU A 232 12.14 -8.57 -46.62
N ASN A 233 11.13 -8.73 -45.76
CA ASN A 233 11.33 -8.56 -44.34
C ASN A 233 12.10 -9.75 -43.78
N PRO A 234 13.31 -9.50 -43.26
CA PRO A 234 14.20 -10.57 -42.76
C PRO A 234 13.57 -11.41 -41.65
N LEU A 235 12.49 -10.92 -41.05
CA LEU A 235 11.85 -11.64 -39.96
C LEU A 235 10.96 -12.79 -40.46
N GLU A 236 10.21 -12.55 -41.53
CA GLU A 236 9.32 -13.58 -42.07
C GLU A 236 9.96 -14.43 -43.17
N THR A 237 11.17 -14.07 -43.59
CA THR A 237 11.86 -14.79 -44.66
C THR A 237 12.36 -16.15 -44.17
N ARG A 238 12.59 -17.06 -45.11
CA ARG A 238 12.96 -18.43 -44.78
C ARG A 238 14.48 -18.70 -44.76
N ASN A 239 15.28 -17.74 -45.20
CA ASN A 239 16.73 -17.97 -45.29
C ASN A 239 17.49 -17.56 -44.03
N ILE A 240 16.77 -17.16 -42.99
CA ILE A 240 17.38 -16.77 -41.72
C ILE A 240 16.85 -17.56 -40.53
N ALA A 241 17.76 -18.13 -39.74
CA ALA A 241 17.41 -18.75 -38.47
C ALA A 241 17.81 -17.81 -37.35
N PHE A 242 17.02 -17.77 -36.28
CA PHE A 242 17.23 -16.78 -35.22
C PHE A 242 17.67 -17.36 -33.87
N PHE A 243 18.42 -16.56 -33.12
CA PHE A 243 18.89 -16.92 -31.78
C PHE A 243 17.73 -17.25 -30.84
N SER A 244 17.98 -18.15 -29.90
CA SER A 244 17.01 -18.56 -28.88
C SER A 244 15.82 -19.35 -29.43
N THR A 245 15.74 -19.52 -30.75
CA THR A 245 14.72 -20.38 -31.32
C THR A 245 15.16 -21.84 -31.35
N ASN A 246 14.26 -22.73 -30.94
CA ASN A 246 14.53 -24.16 -31.04
C ASN A 246 14.15 -24.68 -32.42
N CYS A 247 14.96 -25.56 -32.98
CA CYS A 247 14.69 -26.15 -34.28
C CYS A 247 13.77 -27.35 -34.10
N VAL A 248 12.55 -27.28 -34.63
CA VAL A 248 11.61 -28.40 -34.50
C VAL A 248 12.16 -29.67 -35.15
N GLU A 249 12.26 -29.66 -36.47
CA GLU A 249 12.69 -30.87 -37.19
C GLU A 249 13.62 -30.61 -38.36
N GLY A 250 14.24 -31.68 -38.84
CA GLY A 250 15.13 -31.62 -39.99
C GLY A 250 16.54 -31.22 -39.61
N THR A 251 17.30 -30.79 -40.62
CA THR A 251 18.67 -30.33 -40.40
C THR A 251 18.97 -29.14 -41.30
N ALA A 252 19.94 -28.31 -40.90
CA ALA A 252 20.28 -27.13 -41.69
C ALA A 252 21.73 -26.71 -41.49
N ARG A 253 22.25 -25.96 -42.46
CA ARG A 253 23.59 -25.39 -42.41
C ARG A 253 23.54 -23.91 -42.76
N GLY A 254 24.22 -23.08 -41.97
CA GLY A 254 24.25 -21.66 -42.23
C GLY A 254 25.45 -20.90 -41.72
N ILE A 255 25.72 -19.75 -42.35
CA ILE A 255 26.79 -18.86 -41.92
C ILE A 255 26.23 -17.86 -40.91
N VAL A 256 27.00 -17.59 -39.84
CA VAL A 256 26.52 -16.74 -38.77
C VAL A 256 26.60 -15.26 -39.16
N VAL A 257 25.45 -14.60 -39.22
CA VAL A 257 25.39 -13.17 -39.49
C VAL A 257 25.62 -12.35 -38.23
N TYR A 258 24.96 -12.75 -37.14
CA TYR A 258 25.03 -11.98 -35.90
C TYR A 258 25.35 -12.81 -34.67
N THR A 259 26.14 -12.21 -33.76
CA THR A 259 26.51 -12.83 -32.51
C THR A 259 26.25 -11.93 -31.30
N GLY A 260 25.97 -12.54 -30.16
CA GLY A 260 25.86 -11.81 -28.90
C GLY A 260 24.74 -10.78 -28.82
N ASP A 261 25.10 -9.58 -28.34
CA ASP A 261 24.12 -8.51 -28.16
C ASP A 261 23.69 -7.89 -29.49
N ARG A 262 24.42 -8.21 -30.55
CA ARG A 262 24.17 -7.64 -31.87
C ARG A 262 23.06 -8.39 -32.61
N THR A 263 22.58 -9.48 -32.02
CA THR A 263 21.51 -10.27 -32.62
C THR A 263 20.16 -9.58 -32.49
N VAL A 264 19.10 -10.25 -32.96
CA VAL A 264 17.77 -9.66 -32.95
C VAL A 264 17.20 -9.54 -31.54
N MET A 265 17.11 -10.66 -30.82
CA MET A 265 16.55 -10.67 -29.46
C MET A 265 17.47 -9.96 -28.49
N GLY A 266 18.73 -9.77 -28.89
CA GLY A 266 19.67 -9.03 -28.10
C GLY A 266 19.31 -7.56 -28.17
N ARG A 267 18.91 -7.13 -29.37
CA ARG A 267 18.47 -5.76 -29.56
C ARG A 267 17.13 -5.55 -28.88
N ILE A 268 16.28 -6.56 -28.94
CA ILE A 268 15.00 -6.52 -28.25
C ILE A 268 15.21 -6.41 -26.75
N ALA A 269 16.18 -7.17 -26.22
CA ALA A 269 16.46 -7.21 -24.80
C ALA A 269 17.12 -5.93 -24.30
N THR A 270 18.00 -5.37 -25.11
CA THR A 270 18.69 -4.14 -24.75
C THR A 270 17.73 -2.96 -24.85
N LEU A 271 16.74 -3.08 -25.74
CA LEU A 271 15.69 -2.07 -25.84
C LEU A 271 14.76 -2.15 -24.65
N ALA A 272 14.37 -3.38 -24.30
CA ALA A 272 13.45 -3.62 -23.19
C ALA A 272 14.10 -3.26 -21.85
N SER A 273 15.42 -3.41 -21.76
CA SER A 273 16.15 -3.06 -20.55
C SER A 273 16.33 -1.55 -20.47
N GLY A 274 16.22 -0.89 -21.62
CA GLY A 274 16.48 0.54 -21.71
C GLY A 274 15.25 1.43 -21.78
N LEU A 275 14.09 0.88 -21.40
CA LEU A 275 12.88 1.69 -21.33
C LEU A 275 12.56 2.05 -19.87
N GLU A 276 11.50 2.82 -19.66
CA GLU A 276 11.16 3.30 -18.32
C GLU A 276 9.82 2.73 -17.85
N GLY A 277 9.72 2.44 -16.57
CA GLY A 277 8.52 1.86 -16.00
C GLY A 277 7.30 2.75 -16.08
N GLY A 278 7.47 4.04 -15.78
CA GLY A 278 6.36 4.99 -15.75
C GLY A 278 5.71 5.00 -14.38
N GLN A 279 5.14 6.14 -14.01
CA GLN A 279 4.55 6.28 -12.67
C GLN A 279 3.26 5.48 -12.53
N THR A 280 3.14 4.75 -11.42
CA THR A 280 1.93 3.98 -11.14
C THR A 280 0.82 4.90 -10.67
N PRO A 281 -0.43 4.60 -11.08
CA PRO A 281 -1.58 5.43 -10.71
C PRO A 281 -1.70 5.60 -9.19
N ILE A 282 -1.41 4.52 -8.46
CA ILE A 282 -1.49 4.55 -7.00
C ILE A 282 -0.53 5.59 -6.39
N ALA A 283 0.70 5.61 -6.88
CA ALA A 283 1.70 6.54 -6.38
C ALA A 283 1.33 7.98 -6.74
N ALA A 284 0.74 8.15 -7.91
CA ALA A 284 0.28 9.47 -8.36
C ALA A 284 -0.82 9.98 -7.44
N GLU A 285 -1.78 9.11 -7.13
CA GLU A 285 -2.84 9.43 -6.20
C GLU A 285 -2.26 9.81 -4.83
N ILE A 286 -1.22 9.09 -4.41
CA ILE A 286 -0.53 9.42 -3.18
C ILE A 286 0.05 10.83 -3.27
N GLU A 287 0.63 11.19 -4.41
CA GLU A 287 1.19 12.52 -4.61
C GLU A 287 0.12 13.61 -4.49
N HIS A 288 -1.00 13.42 -5.19
CA HIS A 288 -2.15 14.33 -5.12
C HIS A 288 -2.60 14.52 -3.67
N PHE A 289 -2.80 13.40 -2.99
CA PHE A 289 -3.17 13.37 -1.58
C PHE A 289 -2.22 14.19 -0.71
N ILE A 290 -0.92 13.95 -0.87
CA ILE A 290 0.11 14.69 -0.14
C ILE A 290 -0.02 16.19 -0.39
N HIS A 291 -0.19 16.56 -1.66
CA HIS A 291 -0.37 17.97 -2.01
C HIS A 291 -1.56 18.57 -1.27
N ILE A 292 -2.65 17.81 -1.14
CA ILE A 292 -3.80 18.26 -0.36
C ILE A 292 -3.46 18.48 1.12
N ILE A 293 -2.93 17.44 1.76
CA ILE A 293 -2.62 17.49 3.19
C ILE A 293 -1.65 18.61 3.54
N THR A 294 -0.58 18.74 2.77
CA THR A 294 0.39 19.81 2.97
C THR A 294 -0.27 21.16 2.70
N GLY A 295 -1.20 21.18 1.75
CA GLY A 295 -1.95 22.38 1.43
C GLY A 295 -2.70 22.92 2.65
N VAL A 296 -3.50 22.07 3.28
CA VAL A 296 -4.23 22.54 4.46
C VAL A 296 -3.29 22.74 5.64
N ALA A 297 -2.15 22.03 5.63
CA ALA A 297 -1.14 22.16 6.68
C ALA A 297 -0.53 23.56 6.71
N VAL A 298 -0.14 24.04 5.53
CA VAL A 298 0.46 25.36 5.42
C VAL A 298 -0.60 26.46 5.43
N PHE A 299 -1.82 26.13 5.03
CA PHE A 299 -2.91 27.10 5.14
C PHE A 299 -3.18 27.41 6.60
N LEU A 300 -3.38 26.34 7.38
CA LEU A 300 -3.57 26.48 8.81
C LEU A 300 -2.36 27.12 9.47
N GLY A 301 -1.18 26.62 9.13
CA GLY A 301 0.06 27.12 9.70
C GLY A 301 0.25 28.62 9.50
N VAL A 302 0.05 29.07 8.27
CA VAL A 302 0.20 30.47 7.92
C VAL A 302 -0.89 31.35 8.53
N SER A 303 -2.14 30.98 8.32
CA SER A 303 -3.27 31.76 8.85
C SER A 303 -3.16 31.90 10.36
N PHE A 304 -2.74 30.83 11.03
CA PHE A 304 -2.59 30.84 12.48
C PHE A 304 -1.32 31.56 12.94
N PHE A 305 -0.30 31.58 12.09
CA PHE A 305 0.91 32.36 12.38
C PHE A 305 0.53 33.83 12.42
N ILE A 306 -0.12 34.27 11.35
CA ILE A 306 -0.64 35.63 11.27
C ILE A 306 -1.55 35.93 12.46
N LEU A 307 -2.45 35.00 12.78
CA LEU A 307 -3.39 35.21 13.89
C LEU A 307 -2.68 35.36 15.24
N SER A 308 -1.68 34.53 15.47
CA SER A 308 -0.94 34.55 16.72
C SER A 308 -0.12 35.83 16.85
N LEU A 309 0.41 36.32 15.74
CA LEU A 309 1.12 37.60 15.76
C LEU A 309 0.17 38.77 16.06
N ILE A 310 -1.11 38.60 15.71
CA ILE A 310 -2.13 39.64 15.89
C ILE A 310 -2.44 39.89 17.37
N LEU A 311 -2.09 38.95 18.24
CA LEU A 311 -2.48 39.09 19.63
C LEU A 311 -1.36 39.60 20.53
N GLU A 312 -0.46 38.70 20.92
CA GLU A 312 0.65 39.05 21.80
C GLU A 312 2.00 38.50 21.35
N TYR A 313 2.06 37.18 21.26
CA TYR A 313 3.29 36.39 21.22
C TYR A 313 4.34 36.87 20.21
N THR A 314 5.59 36.88 20.66
CA THR A 314 6.73 37.31 19.87
C THR A 314 7.01 36.34 18.73
N TRP A 315 7.78 36.81 17.74
CA TRP A 315 8.09 36.05 16.53
C TRP A 315 8.63 34.65 16.82
N LEU A 316 9.38 34.52 17.91
CA LEU A 316 9.87 33.22 18.37
C LEU A 316 8.72 32.24 18.59
N GLU A 317 7.87 32.57 19.57
CA GLU A 317 6.71 31.77 19.91
C GLU A 317 5.81 31.53 18.69
N ALA A 318 5.69 32.56 17.85
CA ALA A 318 4.87 32.49 16.65
C ALA A 318 5.38 31.43 15.67
N VAL A 319 6.68 31.46 15.41
CA VAL A 319 7.33 30.48 14.55
C VAL A 319 7.13 29.08 15.13
N ILE A 320 7.35 28.97 16.44
CA ILE A 320 7.12 27.71 17.15
C ILE A 320 5.72 27.17 16.89
N PHE A 321 4.73 28.05 16.94
CA PHE A 321 3.34 27.66 16.72
C PHE A 321 3.12 27.21 15.27
N LEU A 322 3.70 27.95 14.34
CA LEU A 322 3.63 27.61 12.92
C LEU A 322 4.13 26.18 12.67
N ILE A 323 5.35 25.92 13.12
CA ILE A 323 5.95 24.59 12.96
C ILE A 323 5.11 23.53 13.66
N GLY A 324 4.68 23.84 14.88
CA GLY A 324 3.86 22.94 15.65
C GLY A 324 2.63 22.49 14.89
N ILE A 325 1.94 23.44 14.27
CA ILE A 325 0.71 23.14 13.52
C ILE A 325 0.99 22.38 12.23
N ILE A 326 1.88 22.89 11.40
CA ILE A 326 2.18 22.26 10.12
C ILE A 326 2.63 20.81 10.33
N VAL A 327 3.46 20.60 11.34
CA VAL A 327 3.91 19.25 11.67
C VAL A 327 2.78 18.41 12.24
N ALA A 328 1.97 19.01 13.11
CA ALA A 328 0.84 18.30 13.71
C ALA A 328 -0.09 17.77 12.63
N ASN A 329 -0.20 18.49 11.53
CA ASN A 329 -1.09 18.09 10.44
C ASN A 329 -0.56 16.87 9.68
N VAL A 330 0.63 16.42 10.04
CA VAL A 330 1.21 15.27 9.37
C VAL A 330 0.78 13.95 10.01
N PRO A 331 0.14 13.08 9.21
CA PRO A 331 -0.36 11.75 9.60
C PRO A 331 0.75 10.73 9.72
N GLU A 332 1.42 10.70 10.87
CA GLU A 332 2.63 9.89 11.04
C GLU A 332 2.44 8.40 10.74
N GLY A 333 1.35 7.82 11.21
CA GLY A 333 1.13 6.38 11.10
C GLY A 333 0.54 5.91 9.78
N LEU A 334 0.16 6.86 8.94
CA LEU A 334 -0.51 6.53 7.68
C LEU A 334 0.43 5.83 6.69
N LEU A 335 1.71 6.16 6.74
CA LEU A 335 2.69 5.45 5.93
C LEU A 335 2.69 3.97 6.29
N ALA A 336 2.86 3.69 7.58
CA ALA A 336 2.86 2.33 8.10
C ALA A 336 1.61 1.58 7.66
N THR A 337 0.45 2.15 7.96
CA THR A 337 -0.82 1.50 7.63
C THR A 337 -1.00 1.21 6.13
N VAL A 338 -0.68 2.20 5.29
CA VAL A 338 -0.83 2.03 3.84
C VAL A 338 0.12 0.95 3.32
N THR A 339 1.40 1.06 3.69
CA THR A 339 2.41 0.07 3.30
C THR A 339 1.99 -1.33 3.72
N VAL A 340 1.50 -1.46 4.95
CA VAL A 340 1.01 -2.74 5.44
C VAL A 340 -0.15 -3.24 4.60
N CYS A 341 -1.05 -2.33 4.22
CA CYS A 341 -2.21 -2.68 3.41
C CYS A 341 -1.80 -3.28 2.06
N LEU A 342 -1.01 -2.50 1.31
CA LEU A 342 -0.47 -2.94 0.04
C LEU A 342 0.24 -4.27 0.18
N THR A 343 1.01 -4.40 1.26
CA THR A 343 1.73 -5.63 1.54
C THR A 343 0.76 -6.81 1.73
N LEU A 344 -0.35 -6.57 2.41
CA LEU A 344 -1.33 -7.62 2.71
C LEU A 344 -1.97 -8.15 1.43
N THR A 345 -2.48 -7.23 0.63
CA THR A 345 -3.08 -7.62 -0.64
C THR A 345 -2.02 -8.34 -1.49
N ALA A 346 -0.79 -7.85 -1.44
CA ALA A 346 0.33 -8.51 -2.14
C ALA A 346 0.57 -9.93 -1.62
N LYS A 347 0.32 -10.14 -0.33
CA LYS A 347 0.45 -11.46 0.28
C LYS A 347 -0.59 -12.39 -0.32
N ARG A 348 -1.82 -11.91 -0.45
CA ARG A 348 -2.87 -12.72 -1.08
C ARG A 348 -2.54 -13.05 -2.54
N MET A 349 -2.09 -12.05 -3.28
CA MET A 349 -1.64 -12.24 -4.66
C MET A 349 -0.60 -13.34 -4.73
N ALA A 350 0.33 -13.34 -3.77
CA ALA A 350 1.35 -14.39 -3.72
C ALA A 350 0.73 -15.75 -3.37
N ARG A 351 -0.32 -15.75 -2.55
CA ARG A 351 -1.01 -17.00 -2.22
C ARG A 351 -1.66 -17.61 -3.46
N LYS A 352 -2.06 -16.76 -4.39
CA LYS A 352 -2.68 -17.25 -5.62
C LYS A 352 -1.63 -17.54 -6.69
N ASN A 353 -0.36 -17.44 -6.29
CA ASN A 353 0.78 -17.66 -7.18
C ASN A 353 0.82 -16.63 -8.30
N CYS A 354 0.28 -15.45 -8.02
CA CYS A 354 0.46 -14.30 -8.88
C CYS A 354 1.49 -13.38 -8.21
N LEU A 355 2.69 -13.30 -8.78
CA LEU A 355 3.77 -12.57 -8.11
C LEU A 355 4.04 -11.21 -8.74
N VAL A 356 4.00 -10.15 -7.94
CA VAL A 356 4.28 -8.82 -8.46
C VAL A 356 5.68 -8.35 -8.06
N LYS A 357 6.50 -8.07 -9.08
CA LYS A 357 7.85 -7.56 -8.89
C LYS A 357 7.87 -6.30 -8.02
N ASN A 358 6.89 -5.44 -8.22
CA ASN A 358 6.82 -4.16 -7.53
C ASN A 358 5.64 -4.12 -6.56
N LEU A 359 5.83 -3.48 -5.41
CA LEU A 359 4.83 -3.51 -4.34
C LEU A 359 3.57 -2.72 -4.67
N GLU A 360 3.72 -1.60 -5.37
CA GLU A 360 2.59 -0.73 -5.68
C GLU A 360 1.94 -1.06 -7.04
N ALA A 361 2.42 -2.11 -7.69
CA ALA A 361 1.87 -2.50 -8.99
C ALA A 361 0.73 -3.51 -8.85
N VAL A 362 0.37 -3.81 -7.61
CA VAL A 362 -0.70 -4.75 -7.30
C VAL A 362 -2.08 -4.19 -7.66
N GLU A 363 -2.28 -2.90 -7.39
CA GLU A 363 -3.57 -2.24 -7.55
C GLU A 363 -3.88 -1.93 -9.01
N THR A 364 -2.83 -1.72 -9.80
CA THR A 364 -2.95 -1.14 -11.13
C THR A 364 -4.02 -1.82 -12.00
N LEU A 365 -4.11 -3.15 -11.91
CA LEU A 365 -5.09 -3.93 -12.68
C LEU A 365 -6.50 -3.35 -12.58
N GLY A 366 -6.91 -3.01 -11.36
CA GLY A 366 -8.25 -2.51 -11.12
C GLY A 366 -8.57 -1.23 -11.86
N SER A 367 -7.54 -0.47 -12.20
CA SER A 367 -7.73 0.79 -12.91
C SER A 367 -7.58 0.64 -14.41
N THR A 368 -7.36 -0.60 -14.86
CA THR A 368 -7.07 -0.85 -16.27
C THR A 368 -8.33 -0.87 -17.14
N SER A 369 -8.40 0.04 -18.10
CA SER A 369 -9.54 0.08 -19.01
C SER A 369 -9.30 -0.62 -20.33
N THR A 370 -8.05 -1.04 -20.58
CA THR A 370 -7.73 -1.77 -21.80
C THR A 370 -6.64 -2.82 -21.57
N ILE A 371 -6.86 -4.01 -22.07
CA ILE A 371 -5.88 -5.09 -21.99
C ILE A 371 -5.40 -5.50 -23.38
N CYS A 372 -4.11 -5.32 -23.64
CA CYS A 372 -3.52 -5.79 -24.88
C CYS A 372 -2.82 -7.12 -24.65
N SER A 373 -3.35 -8.18 -25.25
CA SER A 373 -2.83 -9.51 -25.01
C SER A 373 -2.24 -10.11 -26.26
N LYS A 375 -1.34 -13.61 -28.42
CA LYS A 375 -2.11 -14.82 -28.67
C LYS A 375 -1.35 -16.08 -28.28
N THR A 376 -0.35 -16.45 -29.07
CA THR A 376 0.38 -17.69 -28.82
C THR A 376 1.29 -17.61 -27.61
N GLY A 377 1.13 -18.55 -26.67
CA GLY A 377 1.92 -18.64 -25.47
C GLY A 377 1.21 -17.97 -24.31
N THR A 378 0.25 -17.12 -24.62
CA THR A 378 -0.48 -16.34 -23.62
C THR A 378 -1.92 -16.79 -23.57
N LEU A 379 -2.67 -16.42 -24.60
CA LEU A 379 -4.08 -16.78 -24.72
C LEU A 379 -4.26 -18.25 -25.06
N THR A 380 -3.21 -18.87 -25.62
CA THR A 380 -3.31 -20.25 -26.06
C THR A 380 -2.32 -21.16 -25.36
N GLN A 381 -2.58 -22.47 -25.42
CA GLN A 381 -1.71 -23.46 -24.81
C GLN A 381 -0.42 -23.61 -25.59
N ASN A 382 -0.43 -23.05 -26.80
CA ASN A 382 0.70 -23.13 -27.71
C ASN A 382 1.09 -24.56 -28.01
N ARG A 383 0.09 -25.43 -28.13
CA ARG A 383 0.34 -26.80 -28.50
C ARG A 383 -0.58 -27.21 -29.64
N MET A 384 0.03 -27.55 -30.79
CA MET A 384 -0.75 -27.90 -31.97
C MET A 384 -1.52 -29.19 -31.74
N THR A 385 -2.83 -29.15 -31.98
CA THR A 385 -3.70 -30.29 -31.71
C THR A 385 -4.73 -30.50 -32.83
N VAL A 386 -5.01 -31.76 -33.14
CA VAL A 386 -6.02 -32.11 -34.14
C VAL A 386 -7.41 -31.65 -33.72
N ALA A 387 -8.09 -30.95 -34.61
CA ALA A 387 -9.43 -30.43 -34.30
C ALA A 387 -10.53 -31.17 -35.05
N HIS A 388 -10.63 -30.93 -36.35
CA HIS A 388 -11.69 -31.54 -37.16
C HIS A 388 -11.11 -32.47 -38.22
N MET A 389 -11.91 -33.45 -38.62
CA MET A 389 -11.48 -34.46 -39.58
C MET A 389 -12.54 -34.62 -40.67
N TRP A 390 -12.16 -35.23 -41.79
CA TRP A 390 -13.06 -35.36 -42.92
C TRP A 390 -13.30 -36.83 -43.30
N PHE A 391 -14.52 -37.31 -43.08
CA PHE A 391 -14.88 -38.69 -43.42
C PHE A 391 -16.17 -38.77 -44.22
N ASP A 392 -16.11 -39.42 -45.39
CA ASP A 392 -17.29 -39.66 -46.21
C ASP A 392 -18.03 -38.36 -46.50
N ASN A 393 -17.28 -37.34 -46.91
CA ASN A 393 -17.80 -35.99 -47.14
C ASN A 393 -18.54 -35.44 -45.93
N GLN A 394 -17.97 -35.68 -44.75
CA GLN A 394 -18.55 -35.22 -43.50
C GLN A 394 -17.43 -34.83 -42.56
N ILE A 395 -17.61 -33.73 -41.85
CA ILE A 395 -16.58 -33.25 -40.94
C ILE A 395 -16.94 -33.59 -39.50
N HIS A 396 -16.00 -34.18 -38.77
CA HIS A 396 -16.23 -34.62 -37.41
C HIS A 396 -15.21 -34.00 -36.47
N GLU A 397 -15.69 -33.37 -35.42
CA GLU A 397 -14.80 -32.71 -34.46
C GLU A 397 -14.30 -33.70 -33.41
N ALA A 398 -13.00 -33.68 -33.20
CA ALA A 398 -12.37 -34.52 -32.18
C ALA A 398 -12.46 -33.84 -30.83
N ASP A 399 -11.80 -34.41 -29.83
CA ASP A 399 -11.74 -33.78 -28.52
C ASP A 399 -10.48 -32.91 -28.41
N THR A 400 -10.67 -31.60 -28.35
CA THR A 400 -9.55 -30.65 -28.33
C THR A 400 -9.13 -30.22 -26.93
N THR A 401 -9.84 -30.70 -25.92
CA THR A 401 -9.54 -30.33 -24.55
C THR A 401 -8.33 -31.11 -24.01
N GLU A 402 -7.63 -30.51 -23.05
CA GLU A 402 -6.42 -31.08 -22.49
C GLU A 402 -6.70 -32.32 -21.62
N ASN A 403 -7.82 -32.30 -20.90
CA ASN A 403 -8.19 -33.40 -20.02
C ASN A 403 -9.13 -34.41 -20.70
N GLN A 404 -9.39 -34.18 -21.98
CA GLN A 404 -10.30 -35.04 -22.77
C GLN A 404 -11.70 -35.08 -22.17
N SER A 405 -12.26 -33.90 -21.87
CA SER A 405 -13.58 -33.79 -21.26
C SER A 405 -14.69 -33.56 -22.29
N GLY A 406 -14.33 -33.58 -23.57
CA GLY A 406 -15.28 -33.30 -24.62
C GLY A 406 -15.95 -34.54 -25.18
N VAL A 407 -16.29 -34.47 -26.47
CA VAL A 407 -17.03 -35.54 -27.12
C VAL A 407 -16.17 -36.25 -28.16
N SER A 408 -16.18 -37.58 -28.12
CA SER A 408 -15.47 -38.41 -29.09
C SER A 408 -16.35 -38.71 -30.31
N PHE A 409 -15.74 -38.74 -31.48
CA PHE A 409 -16.45 -39.01 -32.73
C PHE A 409 -16.79 -40.49 -32.87
N ASP A 410 -17.33 -40.88 -34.02
CA ASP A 410 -17.66 -42.27 -34.28
C ASP A 410 -16.52 -42.98 -35.02
N LYS A 411 -15.86 -43.90 -34.33
CA LYS A 411 -14.68 -44.60 -34.86
C LYS A 411 -15.00 -45.96 -35.47
N THR A 412 -16.28 -46.32 -35.49
CA THR A 412 -16.71 -47.59 -36.06
C THR A 412 -16.47 -47.65 -37.56
N SER A 413 -16.49 -46.49 -38.20
CA SER A 413 -16.29 -46.39 -39.64
C SER A 413 -14.91 -46.89 -40.06
N ALA A 414 -14.87 -47.68 -41.14
CA ALA A 414 -13.61 -48.23 -41.63
C ALA A 414 -12.77 -47.13 -42.29
N THR A 415 -13.42 -46.10 -42.80
CA THR A 415 -12.73 -44.96 -43.40
C THR A 415 -11.82 -44.32 -42.36
N TRP A 416 -12.31 -44.24 -41.12
CA TRP A 416 -11.52 -43.73 -40.01
C TRP A 416 -10.34 -44.64 -39.73
N LEU A 417 -10.53 -45.94 -39.86
CA LEU A 417 -9.46 -46.89 -39.63
C LEU A 417 -8.34 -46.66 -40.65
N ALA A 418 -8.72 -46.59 -41.93
CA ALA A 418 -7.76 -46.34 -43.00
C ALA A 418 -7.03 -45.01 -42.80
N LEU A 419 -7.78 -43.96 -42.57
CA LEU A 419 -7.19 -42.63 -42.39
C LEU A 419 -6.23 -42.60 -41.21
N SER A 420 -6.67 -43.14 -40.07
CA SER A 420 -5.86 -43.20 -38.88
C SER A 420 -4.57 -43.97 -39.12
N ARG A 421 -4.68 -45.07 -39.85
CA ARG A 421 -3.50 -45.87 -40.18
C ARG A 421 -2.54 -45.07 -41.05
N ILE A 422 -3.07 -44.33 -42.02
CA ILE A 422 -2.24 -43.49 -42.87
C ILE A 422 -1.50 -42.42 -42.07
N ALA A 423 -2.25 -41.68 -41.26
CA ALA A 423 -1.70 -40.58 -40.48
C ALA A 423 -0.67 -41.07 -39.46
N GLY A 424 -0.90 -42.26 -38.91
CA GLY A 424 -0.01 -42.83 -37.92
C GLY A 424 1.25 -43.44 -38.52
N LEU A 425 1.10 -44.05 -39.69
CA LEU A 425 2.20 -44.78 -40.32
C LEU A 425 3.22 -43.88 -41.02
N CYS A 426 2.77 -42.78 -41.62
CA CYS A 426 3.74 -41.82 -42.13
C CYS A 426 3.91 -40.65 -41.18
N ASN A 427 5.03 -40.66 -40.45
CA ASN A 427 5.43 -39.56 -39.58
C ASN A 427 6.89 -39.63 -39.17
N ARG A 428 7.46 -38.50 -38.75
CA ARG A 428 8.77 -38.49 -38.11
C ARG A 428 8.60 -38.48 -36.60
N ALA A 429 7.34 -38.47 -36.17
CA ALA A 429 7.01 -38.32 -34.76
C ALA A 429 7.25 -39.61 -33.98
N VAL A 430 7.98 -39.47 -32.88
CA VAL A 430 8.28 -40.59 -32.01
C VAL A 430 8.17 -40.14 -30.56
N PHE A 431 7.40 -40.88 -29.76
CA PHE A 431 7.36 -40.66 -28.32
C PHE A 431 8.75 -40.92 -27.76
N GLN A 432 9.29 -39.97 -27.01
CA GLN A 432 10.65 -40.12 -26.50
C GLN A 432 10.71 -41.20 -25.41
N ALA A 433 11.92 -41.47 -24.91
CA ALA A 433 12.18 -42.65 -24.10
C ALA A 433 11.40 -42.70 -22.80
N ASN A 434 11.36 -41.57 -22.09
CA ASN A 434 10.86 -41.54 -20.72
C ASN A 434 9.37 -41.23 -20.57
N GLN A 435 8.64 -41.11 -21.68
CA GLN A 435 7.20 -40.86 -21.56
C GLN A 435 6.47 -42.19 -21.51
N ASP A 436 5.97 -42.53 -20.33
CA ASP A 436 5.19 -43.75 -20.12
C ASP A 436 3.91 -43.43 -19.34
N ASN A 437 4.11 -42.97 -18.11
CA ASN A 437 2.99 -42.71 -17.21
C ASN A 437 2.22 -41.44 -17.55
N LEU A 438 2.93 -40.45 -18.09
CA LEU A 438 2.35 -39.15 -18.43
C LEU A 438 1.13 -39.27 -19.36
N PRO A 439 0.17 -38.33 -19.22
CA PRO A 439 -0.99 -38.27 -20.11
C PRO A 439 -0.57 -38.10 -21.56
N ILE A 440 -1.25 -38.77 -22.48
CA ILE A 440 -0.83 -38.83 -23.88
C ILE A 440 -0.75 -37.44 -24.53
N LEU A 441 -1.54 -36.50 -24.01
CA LEU A 441 -1.53 -35.13 -24.53
C LEU A 441 -0.32 -34.31 -24.05
N LYS A 442 -0.22 -34.09 -22.74
CA LYS A 442 0.83 -33.23 -22.18
C LYS A 442 2.23 -33.86 -22.22
N ARG A 443 2.32 -35.13 -22.61
CA ARG A 443 3.62 -35.80 -22.71
C ARG A 443 4.42 -35.28 -23.90
N ALA A 444 5.73 -35.39 -23.81
CA ALA A 444 6.62 -34.85 -24.84
C ALA A 444 6.73 -35.75 -26.07
N VAL A 445 6.97 -35.13 -27.22
CA VAL A 445 7.10 -35.86 -28.48
C VAL A 445 8.24 -35.27 -29.32
N ALA A 446 9.08 -36.13 -29.86
CA ALA A 446 10.12 -35.68 -30.78
C ALA A 446 9.60 -35.78 -32.20
N GLY A 447 9.37 -34.62 -32.81
CA GLY A 447 8.78 -34.55 -34.13
C GLY A 447 8.29 -33.16 -34.49
N ASP A 448 7.59 -33.04 -35.62
CA ASP A 448 7.06 -31.76 -36.06
C ASP A 448 5.86 -31.38 -35.20
N ALA A 449 5.31 -30.19 -35.42
CA ALA A 449 4.05 -29.79 -34.79
C ALA A 449 2.92 -30.71 -35.22
N SER A 450 2.62 -30.68 -36.52
CA SER A 450 1.61 -31.52 -37.14
C SER A 450 1.80 -32.99 -36.80
N GLU A 451 3.04 -33.46 -36.90
CA GLU A 451 3.36 -34.85 -36.63
C GLU A 451 3.11 -35.20 -35.16
N SER A 452 3.37 -34.25 -34.26
CA SER A 452 3.13 -34.44 -32.83
C SER A 452 1.64 -34.56 -32.54
N ALA A 453 0.86 -33.60 -33.05
CA ALA A 453 -0.59 -33.62 -32.87
C ALA A 453 -1.20 -34.91 -33.42
N LEU A 454 -0.83 -35.25 -34.65
CA LEU A 454 -1.30 -36.48 -35.29
C LEU A 454 -0.96 -37.70 -34.42
N LEU A 455 0.31 -37.78 -34.00
CA LEU A 455 0.77 -38.88 -33.17
C LEU A 455 -0.05 -39.04 -31.90
N LYS A 456 -0.27 -37.94 -31.18
CA LYS A 456 -1.04 -37.96 -29.95
C LYS A 456 -2.48 -38.40 -30.21
N CYS A 457 -3.12 -37.79 -31.21
CA CYS A 457 -4.50 -38.13 -31.55
C CYS A 457 -4.68 -39.62 -31.87
N ILE A 458 -3.81 -40.15 -32.73
CA ILE A 458 -3.88 -41.56 -33.11
C ILE A 458 -3.58 -42.45 -31.89
N GLU A 459 -2.68 -42.01 -31.03
CA GLU A 459 -2.35 -42.78 -29.83
C GLU A 459 -3.56 -42.86 -28.90
N VAL A 460 -4.26 -41.75 -28.68
CA VAL A 460 -5.44 -41.79 -27.81
C VAL A 460 -6.61 -42.54 -28.44
N CYS A 461 -7.02 -42.13 -29.64
CA CYS A 461 -8.27 -42.62 -30.23
C CYS A 461 -8.23 -44.05 -30.77
N CYS A 462 -7.24 -44.35 -31.61
CA CYS A 462 -7.20 -45.63 -32.32
C CYS A 462 -6.33 -46.66 -31.59
N GLY A 463 -5.82 -46.28 -30.42
CA GLY A 463 -4.97 -47.17 -29.65
C GLY A 463 -3.49 -46.89 -29.88
N SER A 464 -2.63 -47.81 -29.45
CA SER A 464 -1.18 -47.59 -29.51
C SER A 464 -0.63 -47.57 -30.93
N VAL A 465 0.22 -46.60 -31.20
CA VAL A 465 0.86 -46.45 -32.51
C VAL A 465 2.23 -47.12 -32.55
N LYS A 466 2.59 -47.82 -31.48
CA LYS A 466 3.87 -48.52 -31.45
C LYS A 466 3.81 -49.78 -32.32
N GLU A 467 3.01 -50.74 -31.86
CA GLU A 467 2.86 -52.02 -32.55
C GLU A 467 2.18 -51.84 -33.91
N MET A 468 1.45 -50.74 -34.05
CA MET A 468 0.74 -50.43 -35.28
C MET A 468 1.68 -49.84 -36.34
N ARG A 469 2.67 -49.06 -35.90
CA ARG A 469 3.68 -48.53 -36.81
C ARG A 469 4.68 -49.60 -37.19
N GLU A 470 5.03 -50.46 -36.24
CA GLU A 470 5.96 -51.55 -36.55
C GLU A 470 5.25 -52.74 -37.19
N ARG A 471 3.92 -52.69 -37.23
CA ARG A 471 3.12 -53.71 -37.91
C ARG A 471 3.46 -53.72 -39.40
N TYR A 472 3.46 -52.53 -39.98
CA TYR A 472 3.82 -52.32 -41.37
C TYR A 472 5.29 -51.91 -41.45
N THR A 473 6.07 -52.63 -42.26
CA THR A 473 7.50 -52.35 -42.36
C THR A 473 7.81 -51.34 -43.47
N LYS A 474 8.39 -50.20 -43.09
CA LYS A 474 8.70 -49.14 -44.04
C LYS A 474 9.92 -49.48 -44.89
N ILE A 475 9.77 -49.32 -46.21
CA ILE A 475 10.80 -49.69 -47.17
C ILE A 475 11.63 -48.49 -47.63
N VAL A 476 11.03 -47.62 -48.43
CA VAL A 476 11.68 -46.38 -48.84
C VAL A 476 10.69 -45.22 -48.78
N GLU A 477 11.08 -44.16 -48.07
CA GLU A 477 10.21 -43.00 -47.85
C GLU A 477 10.78 -41.72 -48.45
N ILE A 478 9.90 -40.78 -48.76
CA ILE A 478 10.31 -39.45 -49.21
C ILE A 478 9.90 -38.41 -48.18
N PRO A 479 10.87 -37.84 -47.45
CA PRO A 479 10.57 -36.75 -46.51
C PRO A 479 9.96 -35.56 -47.26
N PHE A 480 9.26 -34.69 -46.56
CA PHE A 480 8.55 -33.59 -47.22
C PHE A 480 9.53 -32.71 -47.99
N ASN A 481 9.25 -32.57 -49.29
CA ASN A 481 10.15 -31.90 -50.22
C ASN A 481 10.16 -30.39 -50.01
N SER A 482 11.26 -29.74 -50.41
CA SER A 482 11.37 -28.28 -50.35
C SER A 482 10.30 -27.65 -51.23
N THR A 483 9.94 -28.34 -52.30
CA THR A 483 8.87 -27.91 -53.20
C THR A 483 7.77 -28.97 -53.26
N ASN A 484 6.52 -28.50 -53.25
CA ASN A 484 5.31 -29.33 -53.28
C ASN A 484 5.04 -30.03 -51.95
N LYS A 485 6.06 -30.10 -51.10
CA LYS A 485 5.97 -30.57 -49.71
C LYS A 485 5.12 -31.83 -49.53
N TYR A 486 5.25 -32.78 -50.46
CA TYR A 486 4.52 -34.05 -50.32
C TYR A 486 5.39 -35.07 -49.59
N GLN A 487 4.83 -35.69 -48.56
CA GLN A 487 5.57 -36.71 -47.80
C GLN A 487 4.91 -38.08 -47.94
N LEU A 488 5.64 -39.02 -48.53
CA LEU A 488 5.10 -40.35 -48.74
C LEU A 488 6.02 -41.44 -48.19
N SER A 489 5.40 -42.57 -47.87
CA SER A 489 6.12 -43.74 -47.40
C SER A 489 5.31 -44.95 -47.82
N ILE A 490 5.96 -46.10 -47.95
CA ILE A 490 5.29 -47.30 -48.44
C ILE A 490 5.77 -48.56 -47.71
N HIS A 491 4.81 -49.35 -47.24
CA HIS A 491 5.09 -50.47 -46.39
C HIS A 491 4.44 -51.73 -46.94
N LYS A 492 4.80 -52.87 -46.37
CA LYS A 492 4.18 -54.14 -46.72
C LYS A 492 2.76 -54.23 -46.14
N ASN A 493 2.08 -55.35 -46.38
CA ASN A 493 0.72 -55.54 -45.89
C ASN A 493 0.66 -56.49 -44.69
N ALA A 494 -0.05 -56.08 -43.65
CA ALA A 494 -0.18 -56.90 -42.46
C ALA A 494 -1.48 -57.70 -42.40
N ASN A 495 -2.34 -57.56 -43.41
CA ASN A 495 -3.62 -58.25 -43.40
C ASN A 495 -3.56 -59.66 -43.97
N ALA A 496 -4.67 -60.38 -43.83
CA ALA A 496 -4.76 -61.78 -44.25
C ALA A 496 -5.02 -61.98 -45.73
N GLY A 497 -6.02 -61.28 -46.26
CA GLY A 497 -6.51 -61.54 -47.59
C GLY A 497 -5.65 -61.02 -48.73
N GLU A 498 -5.23 -59.77 -48.60
CA GLU A 498 -4.54 -59.07 -49.66
C GLU A 498 -3.08 -58.77 -49.31
N PRO A 499 -2.15 -59.49 -49.93
CA PRO A 499 -0.74 -59.16 -49.71
C PRO A 499 -0.23 -58.10 -50.69
N ARG A 500 -1.00 -57.03 -50.88
CA ARG A 500 -0.59 -55.94 -51.75
C ARG A 500 0.32 -54.95 -51.02
N HIS A 501 1.17 -54.26 -51.78
CA HIS A 501 2.05 -53.24 -51.20
C HIS A 501 1.29 -51.94 -50.92
N LEU A 502 1.34 -51.48 -49.67
CA LEU A 502 0.59 -50.29 -49.28
C LEU A 502 1.44 -49.03 -49.44
N LEU A 503 0.84 -47.97 -49.97
CA LEU A 503 1.53 -46.69 -50.09
C LEU A 503 0.68 -45.60 -49.44
N VAL A 504 1.32 -44.71 -48.67
CA VAL A 504 0.61 -43.62 -48.00
C VAL A 504 1.33 -42.29 -48.20
N MET A 505 0.56 -41.23 -48.39
CA MET A 505 1.17 -39.91 -48.53
C MET A 505 0.28 -38.83 -47.90
N LYS A 506 0.92 -37.86 -47.24
CA LYS A 506 0.23 -36.69 -46.75
C LYS A 506 0.85 -35.43 -47.35
N GLY A 507 0.03 -34.40 -47.53
CA GLY A 507 0.51 -33.15 -48.12
C GLY A 507 -0.58 -32.11 -48.29
N ALA A 508 -0.20 -30.93 -48.76
CA ALA A 508 -1.14 -29.82 -48.94
C ALA A 508 -2.33 -30.25 -49.81
N PRO A 509 -3.55 -29.91 -49.37
CA PRO A 509 -4.81 -30.34 -49.98
C PRO A 509 -4.88 -30.11 -51.50
N GLU A 510 -4.38 -28.97 -51.97
CA GLU A 510 -4.46 -28.64 -53.39
C GLU A 510 -3.58 -29.53 -54.27
N ARG A 511 -2.33 -29.72 -53.84
CA ARG A 511 -1.37 -30.51 -54.60
C ARG A 511 -1.77 -32.00 -54.59
N ILE A 512 -2.23 -32.48 -53.44
CA ILE A 512 -2.68 -33.86 -53.34
C ILE A 512 -3.98 -34.04 -54.13
N LEU A 513 -4.75 -32.98 -54.25
CA LEU A 513 -5.93 -32.98 -55.12
C LEU A 513 -5.50 -33.12 -56.58
N ASP A 514 -4.41 -32.45 -56.93
CA ASP A 514 -3.83 -32.54 -58.27
C ASP A 514 -3.34 -33.96 -58.55
N ARG A 515 -2.76 -34.62 -57.55
CA ARG A 515 -2.16 -35.94 -57.75
C ARG A 515 -3.10 -37.11 -57.45
N CYS A 516 -4.36 -36.83 -57.13
CA CYS A 516 -5.30 -37.92 -56.81
C CYS A 516 -6.49 -38.00 -57.76
N SER A 517 -7.06 -39.20 -57.84
CA SER A 517 -8.22 -39.48 -58.69
C SER A 517 -9.33 -40.19 -57.91
N SER A 518 -9.03 -41.38 -57.41
CA SER A 518 -10.01 -42.19 -56.69
C SER A 518 -10.31 -41.66 -55.28
N ILE A 519 -11.54 -41.88 -54.82
CA ILE A 519 -11.98 -41.45 -53.49
C ILE A 519 -12.52 -42.64 -52.69
N LEU A 520 -12.24 -42.65 -51.39
CA LEU A 520 -12.67 -43.73 -50.50
C LEU A 520 -13.87 -43.34 -49.64
N ILE A 521 -14.94 -44.12 -49.71
CA ILE A 521 -16.12 -43.88 -48.86
C ILE A 521 -16.65 -45.17 -48.21
N HIS A 522 -16.75 -45.14 -46.89
CA HIS A 522 -17.29 -46.26 -46.09
C HIS A 522 -16.62 -47.61 -46.37
N GLY A 523 -15.36 -47.58 -46.78
CA GLY A 523 -14.63 -48.81 -47.03
C GLY A 523 -14.66 -49.29 -48.48
N LYS A 524 -15.29 -48.51 -49.36
CA LYS A 524 -15.28 -48.83 -50.78
C LYS A 524 -15.00 -47.59 -51.64
N GLU A 525 -14.21 -47.79 -52.70
CA GLU A 525 -13.69 -46.69 -53.49
C GLU A 525 -14.69 -46.19 -54.53
N GLN A 526 -14.23 -45.26 -55.35
CA GLN A 526 -15.05 -44.54 -56.33
C GLN A 526 -14.13 -43.65 -57.14
N PRO A 527 -14.63 -43.13 -58.28
CA PRO A 527 -13.87 -42.06 -58.93
C PRO A 527 -14.23 -40.71 -58.32
N LEU A 528 -13.59 -39.63 -58.77
CA LEU A 528 -13.97 -38.30 -58.27
C LEU A 528 -14.96 -37.64 -59.21
N ASP A 529 -16.10 -37.22 -58.66
CA ASP A 529 -17.06 -36.42 -59.41
C ASP A 529 -16.99 -34.98 -58.91
N GLU A 530 -17.15 -34.02 -59.82
CA GLU A 530 -16.96 -32.61 -59.49
C GLU A 530 -17.91 -32.12 -58.39
N GLU A 531 -19.02 -32.83 -58.21
CA GLU A 531 -19.96 -32.51 -57.13
C GLU A 531 -19.30 -32.66 -55.76
N LEU A 532 -18.82 -33.87 -55.48
CA LEU A 532 -18.20 -34.17 -54.19
C LEU A 532 -16.75 -33.70 -54.17
N LYS A 533 -16.18 -33.45 -55.34
CA LYS A 533 -14.84 -32.87 -55.42
C LYS A 533 -14.89 -31.41 -54.96
N ASP A 534 -15.93 -30.69 -55.39
CA ASP A 534 -16.11 -29.31 -54.95
C ASP A 534 -16.74 -29.26 -53.55
N ALA A 535 -17.37 -30.35 -53.12
CA ALA A 535 -17.83 -30.46 -51.73
C ALA A 535 -16.62 -30.55 -50.82
N PHE A 536 -15.65 -31.33 -51.28
CA PHE A 536 -14.34 -31.43 -50.65
C PHE A 536 -13.62 -30.09 -50.63
N GLN A 537 -13.67 -29.38 -51.76
CA GLN A 537 -13.04 -28.07 -51.88
C GLN A 537 -13.61 -27.07 -50.88
N ASN A 538 -14.93 -26.94 -50.87
CA ASN A 538 -15.60 -26.01 -49.97
C ASN A 538 -15.44 -26.42 -48.51
N ALA A 539 -15.31 -27.73 -48.27
CA ALA A 539 -15.02 -28.21 -46.93
C ALA A 539 -13.62 -27.75 -46.51
N TYR A 540 -12.66 -27.86 -47.42
CA TYR A 540 -11.30 -27.42 -47.16
C TYR A 540 -11.22 -25.92 -46.91
N LEU A 541 -12.00 -25.16 -47.67
CA LEU A 541 -12.00 -23.71 -47.51
C LEU A 541 -12.74 -23.31 -46.25
N GLU A 542 -13.66 -24.16 -45.82
CA GLU A 542 -14.40 -23.92 -44.58
C GLU A 542 -13.49 -24.14 -43.37
N LEU A 543 -12.77 -25.25 -43.36
CA LEU A 543 -11.87 -25.55 -42.25
C LEU A 543 -10.66 -24.62 -42.26
N GLY A 544 -10.19 -24.26 -43.44
CA GLY A 544 -9.08 -23.33 -43.58
C GLY A 544 -9.49 -21.94 -43.15
N GLY A 545 -10.73 -21.57 -43.46
CA GLY A 545 -11.27 -20.27 -43.07
C GLY A 545 -11.62 -20.26 -41.59
N LEU A 546 -11.76 -21.44 -41.01
CA LEU A 546 -12.05 -21.57 -39.59
C LEU A 546 -10.78 -21.30 -38.77
N GLY A 547 -9.65 -21.15 -39.46
CA GLY A 547 -8.40 -20.82 -38.82
C GLY A 547 -7.42 -21.97 -38.70
N GLU A 548 -7.93 -23.19 -38.82
CA GLU A 548 -7.12 -24.39 -38.68
C GLU A 548 -6.30 -24.65 -39.94
N ARG A 549 -5.15 -25.31 -39.77
CA ARG A 549 -4.34 -25.70 -40.92
C ARG A 549 -4.70 -27.11 -41.35
N VAL A 550 -4.94 -27.27 -42.65
CA VAL A 550 -5.46 -28.53 -43.17
C VAL A 550 -4.42 -29.32 -43.95
N LEU A 551 -4.31 -30.61 -43.63
CA LEU A 551 -3.40 -31.51 -44.32
C LEU A 551 -4.15 -32.65 -45.00
N GLY A 552 -3.99 -32.77 -46.30
CA GLY A 552 -4.60 -33.84 -47.08
C GLY A 552 -3.94 -35.19 -46.92
N PHE A 553 -4.77 -36.23 -46.80
CA PHE A 553 -4.27 -37.59 -46.62
C PHE A 553 -4.77 -38.56 -47.69
N CYS A 554 -3.83 -39.26 -48.30
CA CYS A 554 -4.15 -40.22 -49.35
C CYS A 554 -3.38 -41.52 -49.17
N HIS A 555 -3.91 -42.58 -49.78
CA HIS A 555 -3.20 -43.84 -49.87
C HIS A 555 -3.51 -44.55 -51.19
N LEU A 556 -2.57 -45.38 -51.62
CA LEU A 556 -2.80 -46.28 -52.74
C LEU A 556 -2.17 -47.64 -52.50
N LEU A 557 -2.97 -48.69 -52.55
CA LEU A 557 -2.44 -50.04 -52.52
C LEU A 557 -1.82 -50.28 -53.90
N LEU A 558 -0.85 -51.17 -54.01
CA LEU A 558 -0.12 -51.29 -55.26
C LEU A 558 -0.42 -52.59 -55.98
N PRO A 559 -0.29 -52.58 -57.32
CA PRO A 559 -0.47 -53.78 -58.13
C PRO A 559 0.70 -54.74 -57.94
N ASP A 560 0.60 -55.56 -56.89
CA ASP A 560 1.67 -56.48 -56.50
C ASP A 560 2.06 -57.46 -57.62
N GLU A 561 1.24 -57.53 -58.66
CA GLU A 561 1.58 -58.32 -59.85
C GLU A 561 2.70 -57.63 -60.64
N GLN A 562 2.58 -56.31 -60.81
CA GLN A 562 3.59 -55.51 -61.47
C GLN A 562 4.76 -55.22 -60.53
N PHE A 563 4.45 -55.12 -59.24
CA PHE A 563 5.44 -54.86 -58.21
C PHE A 563 5.46 -56.00 -57.19
N PRO A 564 6.25 -57.06 -57.49
CA PRO A 564 6.25 -58.29 -56.69
C PRO A 564 6.72 -58.12 -55.24
N GLU A 565 6.67 -59.20 -54.48
CA GLU A 565 7.04 -59.16 -53.06
C GLU A 565 8.55 -59.01 -52.87
N GLY A 566 9.30 -59.28 -53.94
CA GLY A 566 10.74 -59.22 -53.88
C GLY A 566 11.28 -57.95 -54.52
N PHE A 567 10.40 -57.19 -55.17
CA PHE A 567 10.80 -55.96 -55.83
C PHE A 567 11.32 -54.96 -54.81
N GLN A 568 12.56 -54.52 -55.00
CA GLN A 568 13.17 -53.49 -54.16
C GLN A 568 13.13 -52.20 -54.94
N PHE A 569 12.45 -51.18 -54.41
CA PHE A 569 12.28 -49.94 -55.14
C PHE A 569 12.91 -48.81 -54.34
N ASP A 570 13.47 -47.85 -55.04
CA ASP A 570 14.15 -46.74 -54.40
C ASP A 570 13.49 -45.38 -54.70
N THR A 571 14.10 -44.33 -54.18
CA THR A 571 13.62 -42.97 -54.38
C THR A 571 14.17 -42.31 -55.63
N ASP A 572 14.99 -43.04 -56.39
CA ASP A 572 15.62 -42.50 -57.60
C ASP A 572 14.58 -42.10 -58.64
N ASP A 573 13.69 -43.04 -58.95
CA ASP A 573 12.68 -42.83 -59.98
C ASP A 573 11.30 -43.14 -59.41
N VAL A 574 10.28 -43.10 -60.28
CA VAL A 574 8.93 -43.39 -59.80
C VAL A 574 8.58 -44.86 -60.04
N ASN A 575 8.54 -45.60 -58.94
CA ASN A 575 8.13 -46.99 -58.90
C ASN A 575 6.63 -47.15 -58.80
N PHE A 576 6.00 -46.15 -58.19
CA PHE A 576 4.58 -46.21 -57.87
C PHE A 576 3.82 -45.13 -58.62
N PRO A 577 2.56 -45.41 -58.96
CA PRO A 577 1.70 -44.49 -59.73
C PRO A 577 1.31 -43.27 -58.89
N VAL A 578 2.19 -42.27 -58.92
CA VAL A 578 2.03 -41.03 -58.16
C VAL A 578 0.67 -40.34 -58.39
N ASP A 579 0.07 -40.58 -59.55
CA ASP A 579 -1.30 -40.14 -59.80
C ASP A 579 -2.32 -41.27 -59.68
N ASN A 580 -3.60 -40.94 -59.84
CA ASN A 580 -4.69 -41.91 -59.67
C ASN A 580 -4.60 -42.66 -58.34
N LEU A 581 -4.19 -41.95 -57.29
CA LEU A 581 -4.17 -42.51 -55.95
C LEU A 581 -5.57 -42.54 -55.37
N CYS A 582 -5.72 -42.97 -54.12
CA CYS A 582 -7.02 -42.92 -53.48
C CYS A 582 -7.01 -41.92 -52.33
N PHE A 583 -7.70 -40.81 -52.53
CA PHE A 583 -7.79 -39.76 -51.51
C PHE A 583 -8.73 -40.20 -50.40
N VAL A 584 -8.29 -40.11 -49.15
CA VAL A 584 -9.14 -40.58 -48.07
C VAL A 584 -9.91 -39.45 -47.41
N GLY A 585 -9.20 -38.53 -46.77
CA GLY A 585 -9.84 -37.43 -46.09
C GLY A 585 -8.90 -36.34 -45.65
N LEU A 586 -9.44 -35.35 -44.95
CA LEU A 586 -8.65 -34.22 -44.48
C LEU A 586 -8.47 -34.26 -42.96
N ILE A 587 -7.33 -33.75 -42.50
CA ILE A 587 -7.08 -33.59 -41.08
C ILE A 587 -6.62 -32.16 -40.80
N SER A 588 -7.42 -31.44 -40.01
CA SER A 588 -7.11 -30.05 -39.67
C SER A 588 -6.71 -29.91 -38.20
N MET A 589 -5.86 -28.92 -37.91
CA MET A 589 -5.28 -28.76 -36.58
C MET A 589 -5.09 -27.30 -36.18
N ILE A 590 -5.11 -27.06 -34.86
CA ILE A 590 -4.93 -25.72 -34.31
C ILE A 590 -4.47 -25.80 -32.86
N ASP A 591 -3.89 -24.72 -32.32
CA ASP A 591 -3.52 -24.67 -30.91
C ASP A 591 -4.65 -24.05 -30.10
N PRO A 592 -5.18 -24.81 -29.13
CA PRO A 592 -6.33 -24.36 -28.34
C PRO A 592 -5.97 -23.33 -27.28
N PRO A 593 -6.93 -22.50 -26.89
CA PRO A 593 -6.75 -21.57 -25.78
C PRO A 593 -6.62 -22.34 -24.46
N ARG A 594 -6.00 -21.72 -23.45
CA ARG A 594 -5.91 -22.35 -22.14
C ARG A 594 -7.31 -22.39 -21.52
N ALA A 595 -7.53 -23.33 -20.62
CA ALA A 595 -8.88 -23.61 -20.10
C ALA A 595 -9.56 -22.40 -19.47
N ALA A 596 -8.83 -21.66 -18.66
CA ALA A 596 -9.41 -20.54 -17.92
C ALA A 596 -9.46 -19.25 -18.74
N VAL A 597 -8.96 -19.30 -19.97
CA VAL A 597 -8.88 -18.11 -20.81
C VAL A 597 -10.23 -17.53 -21.28
N PRO A 598 -11.12 -18.35 -21.87
CA PRO A 598 -12.37 -17.75 -22.36
C PRO A 598 -13.20 -17.12 -21.24
N ASP A 599 -13.31 -17.82 -20.12
CA ASP A 599 -14.01 -17.30 -18.95
C ASP A 599 -13.37 -16.01 -18.47
N ALA A 600 -12.04 -15.97 -18.47
CA ALA A 600 -11.29 -14.79 -18.04
C ALA A 600 -11.61 -13.58 -18.92
N VAL A 601 -11.55 -13.78 -20.24
CA VAL A 601 -11.85 -12.72 -21.19
C VAL A 601 -13.28 -12.22 -21.02
N GLY A 602 -14.21 -13.16 -20.79
CA GLY A 602 -15.59 -12.80 -20.54
C GLY A 602 -15.73 -11.91 -19.32
N LYS A 603 -15.08 -12.31 -18.23
CA LYS A 603 -15.12 -11.54 -16.98
C LYS A 603 -14.47 -10.17 -17.17
N CYS A 604 -13.47 -10.09 -18.04
CA CYS A 604 -12.78 -8.84 -18.32
C CYS A 604 -13.69 -7.90 -19.10
N ARG A 605 -14.41 -8.43 -20.07
CA ARG A 605 -15.37 -7.63 -20.84
C ARG A 605 -16.57 -7.22 -20.00
N SER A 606 -16.86 -8.00 -18.96
CA SER A 606 -17.94 -7.67 -18.04
C SER A 606 -17.54 -6.56 -17.08
N ALA A 607 -16.23 -6.36 -16.92
CA ALA A 607 -15.71 -5.37 -15.99
C ALA A 607 -15.63 -3.99 -16.62
N GLY A 608 -15.96 -3.91 -17.91
CA GLY A 608 -15.86 -2.66 -18.64
C GLY A 608 -14.51 -2.48 -19.29
N ILE A 609 -13.69 -3.53 -19.27
CA ILE A 609 -12.35 -3.47 -19.84
C ILE A 609 -12.34 -3.88 -21.32
N LYS A 610 -11.68 -3.06 -22.15
CA LYS A 610 -11.61 -3.32 -23.57
C LYS A 610 -10.47 -4.27 -23.91
N VAL A 611 -10.80 -5.39 -24.54
CA VAL A 611 -9.81 -6.41 -24.85
C VAL A 611 -9.35 -6.34 -26.29
N ILE A 612 -8.06 -6.11 -26.48
CA ILE A 612 -7.49 -6.06 -27.82
C ILE A 612 -6.34 -7.03 -27.97
N MET A 613 -6.55 -8.04 -28.80
CA MET A 613 -5.50 -8.99 -29.12
C MET A 613 -4.43 -8.32 -29.97
N VAL A 614 -3.17 -8.46 -29.55
CA VAL A 614 -2.06 -7.97 -30.36
C VAL A 614 -1.07 -9.10 -30.63
N THR A 615 -0.95 -9.51 -31.89
CA THR A 615 -0.16 -10.68 -32.25
C THR A 615 0.59 -10.50 -33.56
N GLY A 616 1.71 -11.21 -33.70
CA GLY A 616 2.49 -11.19 -34.92
C GLY A 616 2.20 -12.41 -35.77
N ASP A 617 1.17 -13.16 -35.38
CA ASP A 617 0.77 -14.38 -36.07
C ASP A 617 0.08 -14.06 -37.40
N HIS A 618 -0.31 -15.10 -38.13
CA HIS A 618 -1.04 -14.94 -39.38
C HIS A 618 -2.50 -14.54 -39.08
N PRO A 619 -3.12 -13.74 -39.96
CA PRO A 619 -4.45 -13.20 -39.72
C PRO A 619 -5.54 -14.27 -39.57
N ILE A 620 -5.48 -15.27 -40.44
CA ILE A 620 -6.47 -16.35 -40.49
C ILE A 620 -6.61 -17.08 -39.16
N THR A 621 -5.47 -17.36 -38.53
CA THR A 621 -5.47 -18.03 -37.23
C THR A 621 -5.79 -17.04 -36.10
N ALA A 622 -5.25 -15.83 -36.21
CA ALA A 622 -5.45 -14.80 -35.20
C ALA A 622 -6.92 -14.49 -34.96
N LYS A 623 -7.66 -14.21 -36.03
CA LYS A 623 -9.08 -13.89 -35.92
C LYS A 623 -9.88 -15.06 -35.36
N ALA A 624 -9.57 -16.27 -35.83
CA ALA A 624 -10.24 -17.47 -35.37
C ALA A 624 -10.07 -17.65 -33.86
N ILE A 625 -8.83 -17.56 -33.38
CA ILE A 625 -8.57 -17.67 -31.96
C ILE A 625 -9.32 -16.57 -31.21
N ALA A 626 -9.31 -15.36 -31.76
CA ALA A 626 -9.99 -14.23 -31.16
C ALA A 626 -11.48 -14.50 -30.97
N LYS A 627 -12.09 -15.15 -31.96
CA LYS A 627 -13.50 -15.51 -31.87
C LYS A 627 -13.69 -16.64 -30.86
N GLY A 628 -12.71 -17.53 -30.78
CA GLY A 628 -12.78 -18.64 -29.85
C GLY A 628 -12.76 -18.19 -28.40
N VAL A 629 -11.90 -17.23 -28.09
CA VAL A 629 -11.74 -16.78 -26.72
C VAL A 629 -12.74 -15.68 -26.33
N GLY A 630 -13.39 -15.10 -27.33
CA GLY A 630 -14.41 -14.10 -27.09
C GLY A 630 -13.94 -12.66 -27.18
N ILE A 631 -12.74 -12.45 -27.71
CA ILE A 631 -12.25 -11.09 -27.96
C ILE A 631 -13.11 -10.47 -29.05
N ILE A 632 -13.43 -11.28 -30.06
CA ILE A 632 -14.43 -10.89 -31.04
C ILE A 632 -15.68 -11.75 -30.81
N SER A 633 -16.77 -11.10 -30.41
CA SER A 633 -18.00 -11.80 -30.04
C SER A 633 -18.78 -12.34 -31.23
N GLU A 634 -19.65 -13.30 -30.96
CA GLU A 634 -20.53 -13.85 -31.98
C GLU A 634 -21.54 -12.79 -32.42
N GLY A 635 -21.68 -12.63 -33.74
CA GLY A 635 -22.61 -11.67 -34.29
C GLY A 635 -21.94 -10.41 -34.84
N ASN A 636 -20.72 -10.14 -34.39
CA ASN A 636 -19.98 -8.99 -34.88
C ASN A 636 -19.21 -9.32 -36.15
N GLU A 637 -19.20 -8.38 -37.08
CA GLU A 637 -18.53 -8.58 -38.36
C GLU A 637 -17.45 -7.55 -38.65
N THR A 638 -16.32 -8.03 -39.12
CA THR A 638 -15.27 -7.18 -39.66
C THR A 638 -15.67 -6.67 -41.05
N VAL A 639 -14.98 -5.63 -41.51
CA VAL A 639 -15.19 -5.07 -42.84
C VAL A 639 -15.19 -6.16 -43.93
N GLU A 640 -14.20 -7.04 -43.86
CA GLU A 640 -14.04 -8.12 -44.83
C GLU A 640 -15.20 -9.12 -44.78
N ASP A 641 -15.81 -9.29 -43.62
CA ASP A 641 -16.96 -10.18 -43.48
C ASP A 641 -18.17 -9.62 -44.20
N ILE A 642 -18.44 -8.34 -43.97
CA ILE A 642 -19.51 -7.63 -44.65
C ILE A 642 -19.31 -7.66 -46.16
N ALA A 643 -18.07 -7.43 -46.58
CA ALA A 643 -17.76 -7.46 -48.01
C ALA A 643 -17.91 -8.86 -48.59
N ALA A 644 -17.71 -9.87 -47.74
CA ALA A 644 -17.81 -11.26 -48.18
C ALA A 644 -19.26 -11.72 -48.33
N ARG A 645 -20.12 -11.30 -47.39
CA ARG A 645 -21.51 -11.73 -47.41
C ARG A 645 -22.34 -11.04 -48.50
N LEU A 646 -21.99 -9.78 -48.79
CA LEU A 646 -22.75 -8.97 -49.74
C LEU A 646 -22.21 -9.04 -51.17
N ASN A 647 -21.13 -9.80 -51.36
CA ASN A 647 -20.49 -9.97 -52.67
C ASN A 647 -20.14 -8.65 -53.36
N ILE A 648 -19.60 -7.72 -52.57
CA ILE A 648 -19.14 -6.43 -53.10
C ILE A 648 -17.69 -6.22 -52.70
N PRO A 649 -16.97 -5.35 -53.47
CA PRO A 649 -15.58 -5.03 -53.13
C PRO A 649 -15.40 -4.61 -51.68
N VAL A 650 -14.27 -4.98 -51.10
CA VAL A 650 -13.98 -4.69 -49.70
C VAL A 650 -13.95 -3.20 -49.42
N SER A 651 -13.53 -2.42 -50.42
CA SER A 651 -13.39 -0.97 -50.27
C SER A 651 -14.74 -0.25 -50.32
N GLN A 652 -15.79 -0.96 -50.72
CA GLN A 652 -17.12 -0.35 -50.85
C GLN A 652 -17.82 -0.06 -49.52
N VAL A 653 -17.88 -1.05 -48.66
CA VAL A 653 -18.69 -0.99 -47.43
C VAL A 653 -18.19 0.07 -46.44
N ASN A 654 -19.10 0.57 -45.60
CA ASN A 654 -18.78 1.61 -44.63
C ASN A 654 -18.22 1.02 -43.34
N PRO A 655 -16.95 1.34 -43.03
CA PRO A 655 -16.24 0.81 -41.85
C PRO A 655 -16.93 1.12 -40.53
N ARG A 656 -17.81 2.13 -40.52
CA ARG A 656 -18.60 2.45 -39.35
C ARG A 656 -19.58 1.33 -39.04
N ASP A 657 -19.98 0.61 -40.08
CA ASP A 657 -20.91 -0.49 -39.93
C ASP A 657 -20.20 -1.74 -39.37
N ALA A 658 -18.88 -1.71 -39.37
CA ALA A 658 -18.08 -2.81 -38.84
C ALA A 658 -17.65 -2.53 -37.41
N ARG A 659 -18.19 -3.30 -36.47
CA ARG A 659 -17.85 -3.12 -35.07
C ARG A 659 -16.52 -3.76 -34.71
N ALA A 660 -16.18 -4.86 -35.38
CA ALA A 660 -14.93 -5.56 -35.11
C ALA A 660 -13.95 -5.35 -36.26
N CYS A 661 -12.66 -5.39 -35.96
CA CYS A 661 -11.65 -5.17 -36.99
C CYS A 661 -10.40 -6.01 -36.79
N VAL A 662 -9.86 -6.51 -37.89
CA VAL A 662 -8.56 -7.16 -37.87
C VAL A 662 -7.59 -6.37 -38.74
N VAL A 663 -6.58 -5.81 -38.09
CA VAL A 663 -5.60 -4.97 -38.79
C VAL A 663 -4.38 -5.77 -39.18
N HIS A 664 -4.14 -5.89 -40.49
CA HIS A 664 -2.95 -6.55 -40.98
C HIS A 664 -1.72 -5.73 -40.61
N GLY A 665 -0.63 -6.41 -40.28
CA GLY A 665 0.60 -5.76 -39.89
C GLY A 665 1.24 -4.98 -41.02
N SER A 666 0.90 -5.37 -42.25
CA SER A 666 1.41 -4.70 -43.44
C SER A 666 0.95 -3.25 -43.51
N ASP A 667 -0.28 -3.00 -43.07
CA ASP A 667 -0.85 -1.67 -43.14
C ASP A 667 -0.33 -0.77 -42.00
N LEU A 668 -0.05 -1.36 -40.85
CA LEU A 668 0.31 -0.61 -39.65
C LEU A 668 1.59 0.22 -39.82
N LYS A 669 2.50 -0.24 -40.66
CA LYS A 669 3.76 0.46 -40.93
C LYS A 669 3.52 1.80 -41.62
N ASP A 670 2.47 1.87 -42.44
CA ASP A 670 2.13 3.08 -43.18
C ASP A 670 1.19 4.00 -42.41
N MET A 671 0.80 3.58 -41.21
CA MET A 671 -0.19 4.30 -40.43
C MET A 671 0.39 5.49 -39.68
N THR A 672 -0.43 6.53 -39.55
CA THR A 672 -0.08 7.74 -38.82
C THR A 672 -0.73 7.65 -37.43
N PRO A 673 -0.47 8.62 -36.53
CA PRO A 673 -1.13 8.49 -35.22
C PRO A 673 -2.65 8.67 -35.27
N GLU A 674 -3.13 9.55 -36.15
CA GLU A 674 -4.54 9.82 -36.28
C GLU A 674 -5.31 8.58 -36.71
N GLN A 675 -4.71 7.81 -37.62
CA GLN A 675 -5.32 6.60 -38.14
C GLN A 675 -5.44 5.51 -37.07
N LEU A 676 -4.39 5.36 -36.26
CA LEU A 676 -4.41 4.40 -35.16
C LEU A 676 -5.42 4.81 -34.10
N ASP A 677 -5.49 6.10 -33.84
CA ASP A 677 -6.46 6.65 -32.90
C ASP A 677 -7.89 6.35 -33.36
N ASP A 678 -8.17 6.63 -34.64
CA ASP A 678 -9.48 6.35 -35.21
C ASP A 678 -9.82 4.87 -35.15
N ILE A 679 -8.85 4.02 -35.47
CA ILE A 679 -9.06 2.58 -35.39
C ILE A 679 -9.42 2.16 -33.97
N LEU A 680 -8.67 2.65 -32.99
CA LEU A 680 -8.90 2.28 -31.59
C LEU A 680 -10.20 2.85 -31.03
N LYS A 681 -10.63 4.00 -31.54
CA LYS A 681 -11.84 4.66 -31.09
C LYS A 681 -13.11 4.02 -31.67
N TYR A 682 -13.09 3.77 -32.98
CA TYR A 682 -14.30 3.42 -33.70
C TYR A 682 -14.54 1.92 -33.83
N HIS A 683 -13.68 1.12 -33.19
CA HIS A 683 -13.87 -0.32 -33.19
C HIS A 683 -13.79 -0.87 -31.77
N THR A 684 -14.84 -1.59 -31.37
CA THR A 684 -14.93 -2.13 -30.02
C THR A 684 -14.07 -3.39 -29.85
N GLU A 685 -14.10 -4.26 -30.84
CA GLU A 685 -13.32 -5.49 -30.80
C GLU A 685 -12.20 -5.43 -31.83
N ILE A 686 -10.97 -5.35 -31.34
CA ILE A 686 -9.82 -5.10 -32.21
C ILE A 686 -8.76 -6.19 -32.11
N VAL A 687 -8.33 -6.68 -33.26
CA VAL A 687 -7.26 -7.66 -33.32
C VAL A 687 -6.17 -7.23 -34.30
N PHE A 688 -4.98 -6.96 -33.77
CA PHE A 688 -3.83 -6.61 -34.60
C PHE A 688 -3.04 -7.86 -34.95
N ALA A 689 -2.93 -8.17 -36.23
CA ALA A 689 -2.25 -9.38 -36.68
C ALA A 689 -0.99 -9.06 -37.48
N ARG A 690 -0.04 -10.00 -37.46
CA ARG A 690 1.25 -9.85 -38.13
C ARG A 690 1.98 -8.58 -37.66
N THR A 691 1.96 -8.33 -36.35
CA THR A 691 2.59 -7.13 -35.80
C THR A 691 3.95 -7.40 -35.16
N SER A 692 4.93 -6.58 -35.52
CA SER A 692 6.27 -6.68 -34.94
C SER A 692 6.24 -6.17 -33.50
N PRO A 693 7.27 -6.51 -32.70
CA PRO A 693 7.34 -6.05 -31.30
C PRO A 693 7.27 -4.53 -31.15
N GLN A 694 8.01 -3.81 -31.99
CA GLN A 694 7.99 -2.36 -31.99
C GLN A 694 6.57 -1.86 -32.26
N GLN A 695 5.86 -2.54 -33.16
CA GLN A 695 4.48 -2.18 -33.47
C GLN A 695 3.57 -2.46 -32.28
N LYS A 696 3.89 -3.48 -31.50
CA LYS A 696 3.16 -3.76 -30.27
C LYS A 696 3.33 -2.58 -29.32
N LEU A 697 4.58 -2.13 -29.21
CA LEU A 697 4.91 -0.94 -28.42
C LEU A 697 4.11 0.28 -28.90
N ILE A 698 3.98 0.42 -30.22
CA ILE A 698 3.26 1.54 -30.81
C ILE A 698 1.75 1.46 -30.54
N ILE A 699 1.23 0.25 -30.52
CA ILE A 699 -0.18 0.02 -30.21
C ILE A 699 -0.46 0.35 -28.75
N VAL A 700 0.42 -0.10 -27.86
CA VAL A 700 0.30 0.21 -26.44
C VAL A 700 0.35 1.71 -26.21
N GLU A 701 1.36 2.36 -26.77
CA GLU A 701 1.49 3.81 -26.69
C GLU A 701 0.28 4.52 -27.26
N GLY A 702 -0.29 3.95 -28.32
CA GLY A 702 -1.47 4.50 -28.95
C GLY A 702 -2.66 4.41 -28.02
N CYS A 703 -2.72 3.33 -27.25
CA CYS A 703 -3.76 3.16 -26.25
C CYS A 703 -3.59 4.15 -25.10
N GLN A 704 -2.32 4.46 -24.80
CA GLN A 704 -2.03 5.41 -23.72
C GLN A 704 -2.25 6.85 -24.16
N ARG A 705 -2.23 7.08 -25.46
CA ARG A 705 -2.52 8.41 -26.01
C ARG A 705 -3.97 8.77 -25.73
N GLN A 706 -4.82 7.75 -25.66
CA GLN A 706 -6.23 7.97 -25.35
C GLN A 706 -6.40 8.39 -23.89
N GLY A 707 -5.33 8.28 -23.11
CA GLY A 707 -5.36 8.64 -21.71
C GLY A 707 -6.01 7.55 -20.88
N ALA A 708 -5.73 6.30 -21.23
CA ALA A 708 -6.30 5.15 -20.55
C ALA A 708 -5.23 4.20 -20.03
N ILE A 709 -5.45 3.68 -18.83
CA ILE A 709 -4.52 2.75 -18.20
C ILE A 709 -4.46 1.43 -18.96
N VAL A 710 -3.25 0.90 -19.15
CA VAL A 710 -3.08 -0.29 -19.97
C VAL A 710 -2.36 -1.44 -19.27
N ALA A 711 -2.95 -2.62 -19.38
CA ALA A 711 -2.33 -3.86 -18.93
C ALA A 711 -1.98 -4.70 -20.14
N VAL A 712 -0.78 -5.25 -20.16
CA VAL A 712 -0.40 -6.10 -21.28
C VAL A 712 -0.02 -7.49 -20.79
N THR A 713 -0.41 -8.52 -21.53
CA THR A 713 -0.06 -9.90 -21.21
C THR A 713 0.58 -10.57 -22.42
N GLY A 714 1.73 -11.22 -22.19
CA GLY A 714 2.43 -11.89 -23.26
C GLY A 714 3.30 -13.04 -22.80
N ASP A 715 3.99 -13.69 -23.73
CA ASP A 715 4.85 -14.82 -23.41
C ASP A 715 6.30 -14.58 -23.88
N GLY A 716 6.49 -14.43 -25.19
CA GLY A 716 7.81 -14.39 -25.79
C GLY A 716 8.48 -13.03 -25.66
N VAL A 717 9.64 -12.92 -26.30
CA VAL A 717 10.44 -11.70 -26.21
C VAL A 717 9.87 -10.56 -27.02
N ASN A 718 8.98 -10.88 -27.97
CA ASN A 718 8.36 -9.87 -28.81
C ASN A 718 7.44 -8.97 -27.98
N ASP A 719 7.11 -9.45 -26.78
CA ASP A 719 6.26 -8.72 -25.88
C ASP A 719 7.09 -7.90 -24.88
N SER A 720 8.41 -8.06 -24.94
CA SER A 720 9.31 -7.35 -24.01
C SER A 720 9.20 -5.82 -24.07
N PRO A 721 9.19 -5.22 -25.28
CA PRO A 721 9.01 -3.77 -25.29
C PRO A 721 7.62 -3.32 -24.81
N ALA A 722 6.59 -4.08 -25.15
CA ALA A 722 5.24 -3.74 -24.73
C ALA A 722 5.07 -3.88 -23.22
N LEU A 723 5.34 -5.09 -22.72
CA LEU A 723 5.18 -5.40 -21.29
C LEU A 723 5.93 -4.42 -20.39
N LYS A 724 7.02 -3.88 -20.91
CA LYS A 724 7.82 -2.88 -20.20
C LYS A 724 7.12 -1.53 -20.17
N LYS A 725 6.69 -1.07 -21.33
CA LYS A 725 6.13 0.27 -21.48
C LYS A 725 4.74 0.39 -20.86
N ALA A 726 4.04 -0.73 -20.79
CA ALA A 726 2.66 -0.74 -20.31
C ALA A 726 2.57 -0.24 -18.88
N ASP A 727 1.43 0.34 -18.54
CA ASP A 727 1.15 0.77 -17.18
C ASP A 727 1.36 -0.41 -16.23
N ILE A 728 0.88 -1.59 -16.63
CA ILE A 728 1.32 -2.82 -15.96
C ILE A 728 1.52 -4.00 -16.92
N GLY A 729 2.70 -4.62 -16.85
CA GLY A 729 2.97 -5.83 -17.59
C GLY A 729 2.68 -7.09 -16.81
N VAL A 730 2.27 -8.15 -17.52
CA VAL A 730 2.01 -9.46 -16.93
C VAL A 730 2.64 -10.53 -17.82
N ALA A 731 3.60 -11.27 -17.28
CA ALA A 731 4.24 -12.32 -18.04
C ALA A 731 3.77 -13.69 -17.56
N MET A 732 4.25 -14.73 -18.24
CA MET A 732 3.94 -16.10 -17.87
C MET A 732 5.16 -16.78 -17.26
N GLY A 733 4.96 -17.41 -16.10
CA GLY A 733 6.06 -18.01 -15.36
C GLY A 733 6.85 -19.06 -16.13
N ILE A 734 6.13 -20.05 -16.66
CA ILE A 734 6.78 -21.17 -17.34
C ILE A 734 6.96 -20.94 -18.85
N ALA A 735 5.86 -20.75 -19.57
CA ALA A 735 5.90 -20.70 -21.03
C ALA A 735 6.41 -19.37 -21.58
N GLY A 736 6.70 -18.43 -20.71
CA GLY A 736 7.24 -17.14 -21.13
C GLY A 736 8.75 -17.14 -21.18
N SER A 737 9.31 -16.27 -22.02
CA SER A 737 10.77 -16.16 -22.16
C SER A 737 11.36 -15.37 -20.99
N ASP A 738 12.68 -15.22 -20.99
CA ASP A 738 13.37 -14.55 -19.90
C ASP A 738 13.31 -13.03 -19.99
N VAL A 739 13.48 -12.51 -21.21
CA VAL A 739 13.52 -11.07 -21.43
C VAL A 739 12.21 -10.40 -21.01
N SER A 740 11.10 -10.94 -21.51
CA SER A 740 9.79 -10.38 -21.20
C SER A 740 9.41 -10.63 -19.74
N LYS A 741 10.07 -11.60 -19.12
CA LYS A 741 9.87 -11.87 -17.71
C LYS A 741 10.56 -10.81 -16.87
N GLN A 742 11.70 -10.34 -17.37
CA GLN A 742 12.42 -9.25 -16.71
C GLN A 742 11.72 -7.92 -16.91
N ALA A 743 11.16 -7.71 -18.10
CA ALA A 743 10.54 -6.44 -18.44
C ALA A 743 9.14 -6.29 -17.85
N ALA A 744 8.59 -7.38 -17.33
CA ALA A 744 7.24 -7.36 -16.77
C ALA A 744 7.25 -6.84 -15.32
N ASP A 745 6.21 -6.11 -14.95
CA ASP A 745 6.03 -5.67 -13.58
C ASP A 745 5.26 -6.72 -12.76
N MET A 746 4.70 -7.72 -13.44
CA MET A 746 4.01 -8.82 -12.77
C MET A 746 4.18 -10.15 -13.52
N ILE A 747 4.12 -11.27 -12.80
CA ILE A 747 4.33 -12.61 -13.35
C ILE A 747 3.26 -13.59 -12.87
N LEU A 748 2.81 -14.47 -13.76
CA LEU A 748 1.92 -15.56 -13.37
C LEU A 748 2.68 -16.88 -13.31
N LEU A 749 2.86 -17.41 -12.11
CA LEU A 749 3.69 -18.58 -11.91
C LEU A 749 3.04 -19.87 -12.41
N ASP A 750 1.72 -19.96 -12.25
CA ASP A 750 0.99 -21.17 -12.62
C ASP A 750 0.42 -21.12 -14.04
N ASP A 751 0.71 -20.02 -14.74
CA ASP A 751 0.18 -19.77 -16.09
C ASP A 751 -1.34 -19.87 -16.14
N ASN A 752 -2.00 -19.36 -15.10
CA ASN A 752 -3.45 -19.29 -15.08
C ASN A 752 -3.91 -17.89 -15.46
N PHE A 753 -4.54 -17.79 -16.63
CA PHE A 753 -4.94 -16.48 -17.16
C PHE A 753 -6.03 -15.84 -16.30
N ALA A 754 -6.86 -16.68 -15.69
CA ALA A 754 -7.97 -16.22 -14.86
C ALA A 754 -7.50 -15.29 -13.74
N SER A 755 -6.25 -15.44 -13.31
CA SER A 755 -5.69 -14.59 -12.28
C SER A 755 -5.81 -13.11 -12.62
N ILE A 756 -5.69 -12.81 -13.92
CA ILE A 756 -5.82 -11.43 -14.39
C ILE A 756 -7.14 -10.85 -13.88
N VAL A 757 -8.23 -11.61 -14.05
CA VAL A 757 -9.53 -11.19 -13.54
C VAL A 757 -9.41 -10.93 -12.04
N THR A 758 -8.88 -11.91 -11.31
CA THR A 758 -8.70 -11.77 -9.88
C THR A 758 -7.95 -10.47 -9.60
N GLY A 759 -6.92 -10.22 -10.41
CA GLY A 759 -6.14 -9.02 -10.28
C GLY A 759 -7.01 -7.78 -10.36
N VAL A 760 -7.77 -7.66 -11.45
CA VAL A 760 -8.58 -6.45 -11.65
C VAL A 760 -9.68 -6.45 -10.60
N GLU A 761 -9.98 -7.62 -10.05
CA GLU A 761 -10.89 -7.66 -8.92
C GLU A 761 -10.17 -7.10 -7.70
N GLU A 762 -9.02 -7.69 -7.40
CA GLU A 762 -8.27 -7.33 -6.21
C GLU A 762 -7.96 -5.85 -6.19
N GLY A 763 -7.34 -5.39 -7.27
CA GLY A 763 -6.99 -4.00 -7.43
C GLY A 763 -8.16 -3.06 -7.28
N ARG A 764 -9.36 -3.50 -7.64
CA ARG A 764 -10.52 -2.64 -7.56
C ARG A 764 -11.06 -2.57 -6.13
N LEU A 765 -10.84 -3.64 -5.36
CA LEU A 765 -11.29 -3.66 -3.97
C LEU A 765 -10.37 -2.89 -3.06
N ILE A 766 -9.07 -3.18 -3.18
CA ILE A 766 -8.05 -2.60 -2.30
C ILE A 766 -8.07 -1.08 -2.36
N PHE A 767 -8.53 -0.55 -3.49
CA PHE A 767 -8.68 0.88 -3.65
C PHE A 767 -9.68 1.40 -2.63
N ASP A 768 -10.90 0.87 -2.65
CA ASP A 768 -11.96 1.33 -1.76
C ASP A 768 -11.51 1.33 -0.31
N ASN A 769 -11.08 0.16 0.16
CA ASN A 769 -10.60 0.01 1.53
C ASN A 769 -9.57 1.06 1.89
N LEU A 770 -8.65 1.34 0.96
CA LEU A 770 -7.61 2.33 1.19
C LEU A 770 -8.21 3.65 1.64
N LYS A 771 -9.21 4.12 0.89
CA LYS A 771 -9.91 5.35 1.22
C LYS A 771 -10.31 5.29 2.67
N LYS A 772 -11.04 4.23 3.01
CA LYS A 772 -11.57 4.04 4.34
C LYS A 772 -10.43 4.19 5.31
N SER A 773 -9.38 3.40 5.08
CA SER A 773 -8.21 3.40 5.95
C SER A 773 -7.73 4.83 6.16
N ILE A 774 -7.44 5.49 5.04
CA ILE A 774 -6.92 6.85 5.08
C ILE A 774 -7.86 7.71 5.90
N ALA A 775 -9.13 7.67 5.53
CA ALA A 775 -10.16 8.48 6.15
C ALA A 775 -10.04 8.36 7.65
N TYR A 776 -9.95 7.11 8.12
CA TYR A 776 -9.92 6.81 9.54
C TYR A 776 -8.85 7.65 10.24
N THR A 777 -7.61 7.55 9.76
CA THR A 777 -6.51 8.22 10.44
C THR A 777 -6.67 9.73 10.33
N LEU A 778 -7.21 10.18 9.19
CA LEU A 778 -7.33 11.61 8.96
C LEU A 778 -8.47 12.17 9.81
N THR A 779 -9.31 11.29 10.33
CA THR A 779 -10.37 11.75 11.21
C THR A 779 -9.75 12.05 12.57
N SER A 780 -8.62 11.38 12.85
CA SER A 780 -7.98 11.52 14.16
C SER A 780 -7.25 12.85 14.31
N ASN A 781 -6.84 13.44 13.19
CA ASN A 781 -6.04 14.66 13.23
C ASN A 781 -6.80 15.86 13.79
N ILE A 782 -8.10 15.95 13.53
CA ILE A 782 -8.86 17.08 14.05
C ILE A 782 -8.87 17.08 15.58
N PRO A 783 -9.28 15.97 16.22
CA PRO A 783 -9.17 16.00 17.69
C PRO A 783 -7.74 15.97 18.19
N GLU A 784 -6.78 15.62 17.34
CA GLU A 784 -5.38 15.67 17.73
C GLU A 784 -4.85 17.09 17.71
N ILE A 785 -5.17 17.84 16.65
CA ILE A 785 -4.58 19.16 16.43
C ILE A 785 -5.23 20.27 17.28
N THR A 786 -6.56 20.28 17.32
CA THR A 786 -7.32 21.35 17.99
C THR A 786 -6.97 21.64 19.46
N PRO A 787 -6.61 20.62 20.27
CA PRO A 787 -6.23 20.95 21.64
C PRO A 787 -5.08 21.95 21.72
N PHE A 788 -4.08 21.81 20.86
CA PHE A 788 -2.95 22.73 20.83
C PHE A 788 -3.33 24.03 20.11
N LEU A 789 -4.43 23.99 19.36
CA LEU A 789 -4.90 25.17 18.66
C LEU A 789 -5.52 26.16 19.64
N ILE A 790 -6.63 25.76 20.25
CA ILE A 790 -7.34 26.64 21.16
C ILE A 790 -6.50 26.92 22.41
N PHE A 791 -5.56 26.02 22.69
CA PHE A 791 -4.56 26.22 23.71
C PHE A 791 -3.90 27.59 23.52
N ILE A 792 -3.53 27.89 22.27
CA ILE A 792 -2.95 29.18 21.90
C ILE A 792 -3.99 30.29 21.92
N ILE A 793 -5.22 29.94 21.53
CA ILE A 793 -6.32 30.90 21.42
C ILE A 793 -6.90 31.30 22.76
N ALA A 794 -7.58 30.37 23.44
CA ALA A 794 -8.30 30.69 24.67
C ALA A 794 -7.37 30.72 25.88
N ASN A 795 -6.09 30.46 25.65
CA ASN A 795 -5.08 30.43 26.71
C ASN A 795 -5.48 29.48 27.85
N ILE A 796 -6.03 28.33 27.49
CA ILE A 796 -6.40 27.30 28.45
C ILE A 796 -5.25 26.31 28.67
N PRO A 797 -5.22 25.63 29.82
CA PRO A 797 -4.23 24.56 30.00
C PRO A 797 -4.33 23.50 28.91
N LEU A 798 -3.20 22.97 28.48
CA LEU A 798 -3.16 22.02 27.37
C LEU A 798 -3.96 20.76 27.64
N PRO A 799 -5.01 20.52 26.83
CA PRO A 799 -5.85 19.33 26.95
C PRO A 799 -5.15 18.03 26.54
N LEU A 800 -4.29 18.11 25.53
CA LEU A 800 -3.71 16.91 24.93
C LEU A 800 -2.20 17.04 24.70
N GLY A 801 -1.43 16.16 25.32
CA GLY A 801 0.00 16.17 25.20
C GLY A 801 0.50 15.50 23.93
N THR A 802 1.82 15.51 23.75
CA THR A 802 2.43 14.93 22.56
C THR A 802 2.43 13.41 22.62
N VAL A 803 2.81 12.90 23.79
CA VAL A 803 2.90 11.46 24.03
C VAL A 803 1.58 10.78 23.73
N THR A 804 0.49 11.37 24.20
CA THR A 804 -0.85 10.85 23.95
C THR A 804 -1.12 10.74 22.44
N ILE A 805 -0.85 11.83 21.71
CA ILE A 805 -1.06 11.85 20.27
C ILE A 805 -0.28 10.73 19.56
N LEU A 806 0.97 10.53 19.97
CA LEU A 806 1.75 9.43 19.40
C LEU A 806 1.14 8.08 19.79
N CYS A 807 0.54 8.02 20.97
CA CYS A 807 -0.13 6.80 21.43
C CYS A 807 -1.48 6.61 20.75
N ILE A 808 -1.88 7.60 19.95
CA ILE A 808 -3.07 7.47 19.12
C ILE A 808 -2.73 7.10 17.68
N ASP A 809 -1.99 7.97 16.99
CA ASP A 809 -1.65 7.71 15.59
C ASP A 809 -0.91 6.38 15.45
N LEU A 810 0.22 6.25 16.14
CA LEU A 810 0.99 5.01 16.11
C LEU A 810 0.65 4.02 17.22
N GLY A 811 -0.03 4.48 18.25
CA GLY A 811 -0.32 3.63 19.39
C GLY A 811 -1.47 2.65 19.25
N THR A 812 -2.62 3.17 18.83
CA THR A 812 -3.87 2.42 18.92
C THR A 812 -4.49 2.20 17.55
N ASP A 813 -4.77 3.31 16.85
CA ASP A 813 -5.49 3.30 15.58
C ASP A 813 -4.87 2.37 14.53
N MET A 814 -3.64 1.94 14.75
CA MET A 814 -2.95 1.06 13.81
C MET A 814 -3.75 -0.21 13.50
N VAL A 815 -4.06 -1.01 14.53
CA VAL A 815 -4.76 -2.27 14.33
C VAL A 815 -6.14 -2.10 13.66
N PRO A 816 -6.96 -1.12 14.11
CA PRO A 816 -8.20 -0.92 13.36
C PRO A 816 -7.98 -0.51 11.91
N ALA A 817 -7.02 0.37 11.67
CA ALA A 817 -6.73 0.86 10.32
C ALA A 817 -6.30 -0.28 9.40
N ILE A 818 -5.55 -1.22 9.96
CA ILE A 818 -5.12 -2.40 9.21
C ILE A 818 -6.31 -3.32 8.98
N SER A 819 -7.14 -3.47 10.00
CA SER A 819 -8.31 -4.34 9.92
C SER A 819 -9.31 -3.82 8.88
N LEU A 820 -9.22 -2.53 8.58
CA LEU A 820 -10.10 -1.91 7.61
C LEU A 820 -9.77 -2.38 6.21
N ALA A 821 -8.64 -3.07 6.07
CA ALA A 821 -8.22 -3.63 4.79
C ALA A 821 -8.88 -4.98 4.53
N TYR A 822 -9.42 -5.60 5.58
CA TYR A 822 -10.04 -6.91 5.45
C TYR A 822 -11.52 -6.80 5.13
N GLU A 823 -11.98 -5.56 4.93
CA GLU A 823 -13.33 -5.33 4.44
C GLU A 823 -13.51 -5.89 3.03
N GLN A 824 -14.67 -6.47 2.77
CA GLN A 824 -14.96 -7.02 1.45
C GLN A 824 -15.70 -6.02 0.58
N ALA A 825 -16.17 -6.50 -0.56
CA ALA A 825 -16.89 -5.64 -1.48
C ALA A 825 -18.28 -5.29 -0.94
N GLU A 826 -18.64 -4.03 -1.05
CA GLU A 826 -19.96 -3.55 -0.62
C GLU A 826 -21.02 -3.86 -1.66
N SER A 827 -20.58 -4.10 -2.89
CA SER A 827 -21.45 -4.44 -4.02
C SER A 827 -20.63 -5.22 -5.03
N ASP A 828 -21.18 -5.44 -6.23
CA ASP A 828 -20.38 -6.11 -7.25
C ASP A 828 -19.42 -5.07 -7.84
N ILE A 829 -18.13 -5.32 -7.69
CA ILE A 829 -17.11 -4.43 -8.20
C ILE A 829 -16.82 -4.67 -9.68
N MET A 830 -17.08 -5.89 -10.15
CA MET A 830 -16.79 -6.23 -11.53
C MET A 830 -17.93 -5.83 -12.46
N LYS A 831 -19.02 -5.36 -11.87
CA LYS A 831 -20.15 -4.85 -12.65
C LYS A 831 -19.89 -3.42 -13.12
N ARG A 832 -19.23 -2.62 -12.28
CA ARG A 832 -19.04 -1.21 -12.55
C ARG A 832 -17.94 -0.96 -13.57
N GLN A 833 -18.03 0.18 -14.27
CA GLN A 833 -17.01 0.58 -15.22
C GLN A 833 -15.73 0.96 -14.49
N PRO A 834 -14.57 0.75 -15.14
CA PRO A 834 -13.28 1.13 -14.56
C PRO A 834 -13.26 2.60 -14.14
N ARG A 835 -12.51 2.91 -13.09
CA ARG A 835 -12.46 4.27 -12.56
C ARG A 835 -11.83 5.24 -13.54
N ASN A 836 -12.24 6.50 -13.46
CA ASN A 836 -11.61 7.55 -14.26
C ASN A 836 -10.51 8.24 -13.46
N PRO A 837 -9.27 8.18 -13.96
CA PRO A 837 -8.12 8.72 -13.24
C PRO A 837 -8.22 10.23 -13.00
N GLN A 838 -8.80 10.95 -13.94
CA GLN A 838 -8.98 12.39 -13.81
C GLN A 838 -10.12 12.72 -12.87
N THR A 839 -11.26 12.06 -13.07
CA THR A 839 -12.46 12.30 -12.29
C THR A 839 -12.40 11.64 -10.91
N ASP A 840 -12.38 10.32 -10.90
CA ASP A 840 -12.37 9.56 -9.66
C ASP A 840 -11.00 9.62 -8.98
N LYS A 841 -10.98 10.10 -7.74
CA LYS A 841 -9.73 10.25 -6.98
C LYS A 841 -9.70 9.37 -5.74
N LEU A 842 -8.50 9.07 -5.27
CA LEU A 842 -8.34 8.27 -4.06
C LEU A 842 -8.76 9.11 -2.87
N VAL A 843 -8.01 10.19 -2.62
CA VAL A 843 -8.43 11.16 -1.63
C VAL A 843 -8.87 12.44 -2.33
N ASN A 844 -10.14 12.80 -2.14
CA ASN A 844 -10.73 13.94 -2.83
C ASN A 844 -11.49 14.86 -1.87
N GLU A 845 -11.90 16.02 -2.39
CA GLU A 845 -12.55 17.08 -1.62
C GLU A 845 -13.67 16.57 -0.73
N ARG A 846 -14.46 15.65 -1.24
CA ARG A 846 -15.54 15.03 -0.48
C ARG A 846 -15.00 14.39 0.79
N LEU A 847 -13.93 13.61 0.64
CA LEU A 847 -13.36 12.86 1.76
C LEU A 847 -12.89 13.80 2.87
N ILE A 848 -12.15 14.84 2.51
CA ILE A 848 -11.68 15.81 3.49
C ILE A 848 -12.86 16.52 4.12
N SER A 849 -13.86 16.82 3.30
CA SER A 849 -15.09 17.44 3.77
C SER A 849 -15.73 16.58 4.86
N MET A 850 -15.56 15.26 4.75
CA MET A 850 -16.08 14.35 5.76
C MET A 850 -15.18 14.30 7.00
N ALA A 851 -13.97 13.76 6.84
CA ALA A 851 -13.09 13.47 7.98
C ALA A 851 -12.75 14.69 8.82
N TYR A 852 -12.17 15.69 8.18
CA TYR A 852 -11.82 16.93 8.86
C TYR A 852 -13.07 17.73 9.21
N GLY A 853 -13.98 17.80 8.25
CA GLY A 853 -15.14 18.67 8.37
C GLY A 853 -16.15 18.26 9.42
N GLN A 854 -16.57 17.00 9.40
CA GLN A 854 -17.71 16.58 10.21
C GLN A 854 -17.34 15.69 11.39
N ILE A 855 -16.96 14.45 11.11
CA ILE A 855 -16.74 13.45 12.15
C ILE A 855 -15.67 13.88 13.16
N GLY A 856 -14.53 14.31 12.64
CA GLY A 856 -13.42 14.76 13.48
C GLY A 856 -13.81 15.87 14.43
N MET A 857 -14.72 16.72 13.99
CA MET A 857 -15.18 17.84 14.81
C MET A 857 -15.95 17.31 16.02
N ILE A 858 -16.82 16.34 15.78
CA ILE A 858 -17.57 15.70 16.85
C ILE A 858 -16.61 15.01 17.83
N GLN A 859 -15.57 14.38 17.28
CA GLN A 859 -14.54 13.75 18.10
C GLN A 859 -13.86 14.78 19.01
N ALA A 860 -13.51 15.92 18.45
CA ALA A 860 -12.89 17.01 19.20
C ALA A 860 -13.81 17.50 20.32
N LEU A 861 -15.09 17.66 19.99
CA LEU A 861 -16.09 18.07 20.99
C LEU A 861 -16.17 17.09 22.15
N GLY A 862 -16.14 15.80 21.82
CA GLY A 862 -16.14 14.77 22.85
C GLY A 862 -14.92 14.89 23.76
N GLY A 863 -13.76 15.03 23.14
CA GLY A 863 -12.51 15.18 23.89
C GLY A 863 -12.50 16.36 24.85
N PHE A 864 -12.85 17.54 24.34
CA PHE A 864 -12.90 18.74 25.17
C PHE A 864 -13.95 18.60 26.26
N PHE A 865 -15.05 17.92 25.94
CA PHE A 865 -16.05 17.62 26.95
C PHE A 865 -15.42 16.86 28.11
N THR A 866 -14.79 15.72 27.82
CA THR A 866 -14.13 14.91 28.85
C THR A 866 -13.16 15.74 29.67
N TYR A 867 -12.40 16.52 28.93
CA TYR A 867 -11.43 17.45 29.46
C TYR A 867 -12.05 18.37 30.54
N PHE A 868 -13.12 19.07 30.15
CA PHE A 868 -13.82 19.96 31.07
C PHE A 868 -14.46 19.20 32.22
N VAL A 869 -14.89 17.97 31.96
CA VAL A 869 -15.45 17.13 33.01
C VAL A 869 -14.41 16.91 34.10
N ILE A 870 -13.24 16.43 33.69
CA ILE A 870 -12.18 16.13 34.66
C ILE A 870 -11.78 17.37 35.42
N MET A 871 -11.52 18.45 34.70
CA MET A 871 -11.03 19.66 35.38
C MET A 871 -12.06 20.26 36.31
N ALA A 872 -13.32 20.24 35.88
CA ALA A 872 -14.40 20.80 36.68
C ALA A 872 -14.62 19.96 37.92
N GLU A 873 -14.43 18.64 37.80
CA GLU A 873 -14.63 17.76 38.95
C GLU A 873 -13.48 17.88 39.97
N ASN A 874 -12.32 18.36 39.51
CA ASN A 874 -11.17 18.53 40.39
C ASN A 874 -11.05 19.94 40.97
N GLY A 875 -12.05 20.77 40.72
CA GLY A 875 -12.10 22.11 41.29
C GLY A 875 -11.90 23.28 40.34
N PHE A 876 -11.52 23.00 39.10
CA PHE A 876 -11.34 24.06 38.12
C PHE A 876 -12.46 24.12 37.11
N LEU A 877 -13.30 25.15 37.21
CA LEU A 877 -14.44 25.33 36.32
C LEU A 877 -14.00 25.88 34.97
N PRO A 878 -14.68 25.48 33.88
CA PRO A 878 -14.30 25.85 32.52
C PRO A 878 -14.15 27.36 32.29
N ASN A 879 -15.13 28.15 32.71
CA ASN A 879 -15.05 29.60 32.49
C ASN A 879 -13.90 30.25 33.25
N HIS A 880 -13.48 29.62 34.33
CA HIS A 880 -12.34 30.09 35.10
C HIS A 880 -11.03 29.74 34.39
N LEU A 881 -11.07 28.69 33.58
CA LEU A 881 -9.86 28.12 32.96
C LEU A 881 -9.25 28.99 31.88
N LEU A 882 -9.93 30.08 31.54
CA LEU A 882 -9.48 30.96 30.49
C LEU A 882 -8.33 31.87 30.94
N GLY A 883 -7.22 31.80 30.24
CA GLY A 883 -6.11 32.71 30.50
C GLY A 883 -5.21 32.24 31.62
N ILE A 884 -5.53 31.05 32.13
CA ILE A 884 -4.81 30.49 33.28
C ILE A 884 -3.43 29.97 32.91
N ARG A 885 -3.28 29.47 31.68
CA ARG A 885 -2.09 28.72 31.29
C ARG A 885 -0.80 29.49 31.52
N VAL A 886 -0.86 30.81 31.37
CA VAL A 886 0.27 31.68 31.64
C VAL A 886 0.85 31.40 33.03
N THR A 887 -0.02 31.46 34.03
CA THR A 887 0.36 31.13 35.39
C THR A 887 0.43 29.61 35.59
N TRP A 888 -0.31 28.87 34.76
CA TRP A 888 -0.41 27.41 34.93
C TRP A 888 0.88 26.72 34.53
N ASP A 889 1.41 27.09 33.37
CA ASP A 889 2.64 26.49 32.87
C ASP A 889 3.85 27.03 33.61
N ASP A 890 3.64 28.06 34.43
CA ASP A 890 4.70 28.60 35.25
C ASP A 890 5.07 27.59 36.33
N ARG A 891 6.36 27.26 36.39
CA ARG A 891 6.83 26.24 37.32
C ARG A 891 6.89 26.76 38.75
N TRP A 892 7.13 28.06 38.87
CA TRP A 892 7.45 28.65 40.16
C TRP A 892 6.28 29.36 40.85
N ILE A 893 5.09 29.29 40.26
CA ILE A 893 3.90 29.72 40.96
C ILE A 893 3.27 28.50 41.60
N ASN A 894 3.40 28.38 42.92
CA ASN A 894 2.84 27.24 43.64
C ASN A 894 1.54 27.53 44.37
N ASP A 895 1.07 28.78 44.27
CA ASP A 895 -0.29 29.10 44.68
C ASP A 895 -1.09 29.50 43.46
N VAL A 896 -1.99 28.62 43.04
CA VAL A 896 -2.84 28.85 41.89
C VAL A 896 -4.30 28.60 42.26
N GLU A 897 -5.10 29.65 42.23
CA GLU A 897 -6.47 29.59 42.73
C GLU A 897 -7.45 28.98 41.73
N ASP A 898 -8.11 27.90 42.14
CA ASP A 898 -9.18 27.33 41.34
C ASP A 898 -10.46 28.11 41.59
N SER A 899 -11.60 27.60 41.12
CA SER A 899 -12.86 28.29 41.35
C SER A 899 -13.27 28.26 42.82
N TYR A 900 -12.74 27.28 43.56
CA TYR A 900 -13.11 27.13 44.98
C TYR A 900 -12.24 27.96 45.91
N GLY A 901 -11.11 28.46 45.39
CA GLY A 901 -10.23 29.29 46.17
C GLY A 901 -9.02 28.56 46.74
N GLN A 902 -8.87 27.29 46.36
CA GLN A 902 -7.73 26.50 46.83
C GLN A 902 -6.44 26.83 46.10
N GLN A 903 -5.30 26.53 46.73
CA GLN A 903 -4.01 26.82 46.15
C GLN A 903 -3.32 25.55 45.65
N TRP A 904 -2.90 25.58 44.39
CA TRP A 904 -2.28 24.43 43.74
C TRP A 904 -0.79 24.65 43.45
N THR A 905 0.05 23.71 43.86
CA THR A 905 1.46 23.76 43.51
C THR A 905 1.63 23.40 42.05
N TYR A 906 2.88 23.31 41.59
CA TYR A 906 3.12 23.03 40.18
C TYR A 906 2.81 21.58 39.84
N GLU A 907 3.55 20.66 40.43
CA GLU A 907 3.40 19.24 40.11
C GLU A 907 2.00 18.71 40.35
N GLN A 908 1.26 19.29 41.30
CA GLN A 908 -0.12 18.87 41.54
C GLN A 908 -1.01 19.14 40.33
N ARG A 909 -1.07 20.40 39.91
CA ARG A 909 -1.93 20.80 38.81
C ARG A 909 -1.43 20.22 37.49
N LYS A 910 -0.12 20.03 37.39
CA LYS A 910 0.46 19.39 36.22
C LYS A 910 0.06 17.92 36.16
N ILE A 911 -0.03 17.28 37.32
CA ILE A 911 -0.52 15.91 37.41
C ILE A 911 -1.96 15.85 36.94
N VAL A 912 -2.77 16.79 37.41
CA VAL A 912 -4.15 16.88 36.96
C VAL A 912 -4.20 16.99 35.44
N GLU A 913 -3.44 17.93 34.89
CA GLU A 913 -3.34 18.13 33.44
C GLU A 913 -2.94 16.85 32.72
N PHE A 914 -2.02 16.11 33.33
CA PHE A 914 -1.54 14.86 32.74
C PHE A 914 -2.61 13.78 32.84
N THR A 915 -3.44 13.88 33.89
CA THR A 915 -4.58 13.00 34.03
C THR A 915 -5.66 13.41 33.01
N CYS A 916 -5.62 14.68 32.60
CA CYS A 916 -6.52 15.16 31.54
C CYS A 916 -6.05 14.68 30.17
N HIS A 917 -4.75 14.46 30.05
CA HIS A 917 -4.18 13.96 28.81
C HIS A 917 -4.66 12.55 28.52
N THR A 918 -4.58 11.70 29.53
CA THR A 918 -4.90 10.30 29.41
C THR A 918 -6.38 10.09 29.07
N ALA A 919 -7.26 10.83 29.74
CA ALA A 919 -8.69 10.71 29.50
C ALA A 919 -9.06 11.27 28.13
N PHE A 920 -8.30 12.27 27.68
CA PHE A 920 -8.48 12.81 26.34
C PHE A 920 -8.11 11.72 25.33
N PHE A 921 -7.00 11.06 25.58
CA PHE A 921 -6.51 9.95 24.76
C PHE A 921 -7.54 8.81 24.68
N VAL A 922 -8.02 8.38 25.83
CA VAL A 922 -9.04 7.35 25.91
C VAL A 922 -10.27 7.77 25.15
N SER A 923 -10.69 9.02 25.33
CA SER A 923 -11.87 9.54 24.63
C SER A 923 -11.67 9.47 23.11
N ILE A 924 -10.45 9.77 22.66
CA ILE A 924 -10.12 9.63 21.25
C ILE A 924 -10.37 8.20 20.81
N VAL A 925 -9.90 7.25 21.61
CA VAL A 925 -10.17 5.85 21.30
C VAL A 925 -11.68 5.58 21.18
N VAL A 926 -12.43 6.12 22.14
CA VAL A 926 -13.87 5.92 22.21
C VAL A 926 -14.60 6.38 20.96
N VAL A 927 -14.28 7.59 20.50
CA VAL A 927 -14.91 8.08 19.27
C VAL A 927 -14.35 7.34 18.05
N GLN A 928 -13.12 6.85 18.17
CA GLN A 928 -12.54 6.06 17.09
C GLN A 928 -13.22 4.70 16.95
N TRP A 929 -13.95 4.28 17.98
CA TRP A 929 -14.82 3.11 17.86
C TRP A 929 -15.85 3.34 16.75
N ALA A 930 -16.65 4.37 16.95
CA ALA A 930 -17.74 4.71 16.06
C ALA A 930 -17.19 5.07 14.69
N ASP A 931 -16.09 5.80 14.67
CA ASP A 931 -15.45 6.17 13.41
C ASP A 931 -15.00 4.93 12.65
N LEU A 932 -14.50 3.94 13.39
CA LEU A 932 -14.06 2.69 12.78
C LEU A 932 -15.25 1.94 12.17
N VAL A 933 -16.32 1.81 12.94
CA VAL A 933 -17.51 1.11 12.48
C VAL A 933 -18.11 1.77 11.24
N ILE A 934 -18.19 3.10 11.26
CA ILE A 934 -18.81 3.80 10.14
C ILE A 934 -17.88 3.90 8.92
N CYS A 935 -16.57 3.85 9.16
CA CYS A 935 -15.61 3.86 8.05
C CYS A 935 -15.57 2.50 7.39
N LYS A 936 -16.04 1.49 8.11
CA LYS A 936 -16.12 0.12 7.60
C LYS A 936 -16.91 0.05 6.30
N THR A 937 -17.84 0.99 6.13
CA THR A 937 -18.69 1.02 4.95
C THR A 937 -18.82 2.45 4.41
N ARG A 938 -18.53 2.62 3.13
CA ARG A 938 -18.66 3.93 2.49
C ARG A 938 -20.10 4.23 2.12
N ARG A 939 -20.84 3.21 1.68
CA ARG A 939 -22.21 3.39 1.26
C ARG A 939 -23.19 2.61 2.13
N ASN A 940 -23.07 1.29 2.12
CA ASN A 940 -24.00 0.41 2.81
C ASN A 940 -24.13 0.72 4.29
N SER A 941 -25.32 0.52 4.85
CA SER A 941 -25.51 0.65 6.29
C SER A 941 -24.82 -0.54 6.97
N VAL A 942 -24.35 -0.33 8.20
CA VAL A 942 -23.59 -1.35 8.90
C VAL A 942 -24.46 -2.59 9.18
N PHE A 943 -25.76 -2.37 9.30
CA PHE A 943 -26.70 -3.48 9.50
C PHE A 943 -26.75 -4.40 8.29
N GLN A 944 -26.16 -3.95 7.19
CA GLN A 944 -26.13 -4.73 5.96
C GLN A 944 -24.80 -5.47 5.79
N GLN A 945 -23.72 -4.71 5.66
CA GLN A 945 -22.39 -5.29 5.41
C GLN A 945 -21.96 -6.19 6.57
N GLY A 946 -22.53 -5.94 7.75
CA GLY A 946 -22.30 -6.80 8.89
C GLY A 946 -20.95 -6.60 9.55
N MET A 947 -20.81 -7.15 10.75
CA MET A 947 -19.59 -7.06 11.52
C MET A 947 -18.67 -8.22 11.21
N LYS A 948 -19.02 -8.96 10.16
CA LYS A 948 -18.38 -10.22 9.81
C LYS A 948 -16.86 -10.15 9.71
N ASN A 949 -16.29 -8.95 9.60
CA ASN A 949 -14.84 -8.81 9.65
C ASN A 949 -14.35 -8.99 11.09
N LYS A 950 -13.53 -10.01 11.29
CA LYS A 950 -13.08 -10.41 12.63
C LYS A 950 -11.93 -9.54 13.09
N ILE A 951 -11.03 -9.26 12.17
CA ILE A 951 -9.86 -8.45 12.44
C ILE A 951 -10.29 -7.08 12.95
N LEU A 952 -11.46 -6.63 12.50
CA LEU A 952 -12.03 -5.37 12.95
C LEU A 952 -12.43 -5.44 14.43
N ILE A 953 -13.13 -6.52 14.77
CA ILE A 953 -13.56 -6.77 16.14
C ILE A 953 -12.38 -6.78 17.09
N PHE A 954 -11.39 -7.61 16.75
CA PHE A 954 -10.17 -7.68 17.55
C PHE A 954 -9.49 -6.33 17.58
N GLY A 955 -9.63 -5.57 16.50
CA GLY A 955 -9.15 -4.20 16.46
C GLY A 955 -9.74 -3.44 17.63
N LEU A 956 -11.05 -3.53 17.78
CA LEU A 956 -11.75 -2.87 18.88
C LEU A 956 -11.28 -3.34 20.26
N PHE A 957 -11.34 -4.65 20.49
CA PHE A 957 -10.96 -5.21 21.79
C PHE A 957 -9.52 -4.86 22.18
N GLU A 958 -8.58 -5.15 21.30
CA GLU A 958 -7.17 -4.83 21.51
C GLU A 958 -6.97 -3.35 21.74
N GLU A 959 -7.68 -2.53 20.98
CA GLU A 959 -7.57 -1.08 21.12
C GLU A 959 -7.93 -0.65 22.53
N THR A 960 -9.13 -1.03 22.96
CA THR A 960 -9.63 -0.67 24.27
C THR A 960 -8.73 -1.20 25.39
N ALA A 961 -8.34 -2.46 25.28
CA ALA A 961 -7.47 -3.09 26.27
C ALA A 961 -6.12 -2.36 26.35
N LEU A 962 -5.62 -1.93 25.20
CA LEU A 962 -4.35 -1.22 25.14
C LEU A 962 -4.45 0.13 25.83
N ALA A 963 -5.52 0.87 25.51
CA ALA A 963 -5.74 2.16 26.14
C ALA A 963 -5.83 2.02 27.65
N ALA A 964 -6.70 1.10 28.09
CA ALA A 964 -6.89 0.84 29.50
C ALA A 964 -5.58 0.43 30.18
N PHE A 965 -4.75 -0.30 29.45
CA PHE A 965 -3.46 -0.70 29.97
C PHE A 965 -2.57 0.52 30.18
N LEU A 966 -2.41 1.30 29.13
CA LEU A 966 -1.64 2.54 29.17
C LEU A 966 -2.03 3.41 30.34
N SER A 967 -3.33 3.56 30.56
CA SER A 967 -3.81 4.36 31.66
C SER A 967 -3.47 3.73 33.01
N TYR A 968 -3.81 2.44 33.16
CA TYR A 968 -3.75 1.78 34.45
C TYR A 968 -2.48 0.96 34.73
N CYS A 969 -1.53 0.92 33.80
CA CYS A 969 -0.29 0.20 34.06
C CYS A 969 0.57 0.95 35.07
N PRO A 970 1.13 0.24 36.06
CA PRO A 970 1.97 0.84 37.09
C PRO A 970 3.25 1.50 36.57
N GLY A 971 3.49 2.73 37.00
CA GLY A 971 4.70 3.45 36.63
C GLY A 971 4.58 4.23 35.34
N MET A 972 3.38 4.25 34.77
CA MET A 972 3.15 4.96 33.51
C MET A 972 2.93 6.46 33.75
N GLY A 973 2.72 6.82 35.00
CA GLY A 973 2.65 8.22 35.41
C GLY A 973 4.05 8.79 35.56
N VAL A 974 5.00 7.89 35.84
CA VAL A 974 6.42 8.24 35.86
C VAL A 974 7.02 8.22 34.46
N ALA A 975 6.60 7.24 33.65
CA ALA A 975 7.19 7.04 32.34
C ALA A 975 6.60 7.96 31.28
N LEU A 976 5.37 7.67 30.85
CA LEU A 976 4.72 8.46 29.81
C LEU A 976 3.89 9.58 30.41
N ARG A 977 3.93 9.66 31.74
CA ARG A 977 3.09 10.60 32.50
C ARG A 977 1.62 10.43 32.10
N MET A 978 1.22 9.17 31.97
CA MET A 978 -0.18 8.79 31.83
C MET A 978 -0.67 8.23 33.16
N TYR A 979 -1.75 8.81 33.67
CA TYR A 979 -2.25 8.46 34.99
C TYR A 979 -3.60 7.78 34.90
N PRO A 980 -3.88 6.90 35.87
CA PRO A 980 -5.13 6.13 35.87
C PRO A 980 -6.36 7.01 35.85
N LEU A 981 -7.42 6.55 35.20
CA LEU A 981 -8.65 7.31 35.10
C LEU A 981 -9.72 6.81 36.07
N LYS A 982 -10.34 7.75 36.77
CA LYS A 982 -11.54 7.45 37.55
C LYS A 982 -12.61 6.91 36.61
N PRO A 983 -13.45 5.97 37.11
CA PRO A 983 -14.38 5.22 36.26
C PRO A 983 -15.23 6.10 35.34
N THR A 984 -15.83 7.13 35.95
CA THR A 984 -16.80 7.98 35.27
C THR A 984 -16.20 8.66 34.05
N TRP A 985 -14.89 8.94 34.11
CA TRP A 985 -14.17 9.59 33.02
C TRP A 985 -14.44 8.88 31.71
N TRP A 986 -14.49 7.56 31.78
CA TRP A 986 -14.59 6.74 30.60
C TRP A 986 -15.89 6.96 29.81
N PHE A 987 -16.95 7.33 30.52
CA PHE A 987 -18.27 7.37 29.90
C PHE A 987 -18.64 8.75 29.39
N CYS A 988 -17.71 9.68 29.49
CA CYS A 988 -17.97 11.04 29.06
C CYS A 988 -17.96 11.16 27.54
N ALA A 989 -17.20 10.29 26.87
CA ALA A 989 -17.06 10.38 25.43
C ALA A 989 -18.11 9.55 24.69
N PHE A 990 -18.96 8.86 25.43
CA PHE A 990 -19.95 7.94 24.86
C PHE A 990 -21.02 8.58 23.95
N PRO A 991 -21.72 9.63 24.42
CA PRO A 991 -22.80 10.17 23.60
C PRO A 991 -22.32 10.79 22.29
N TYR A 992 -21.08 11.27 22.26
CA TYR A 992 -20.54 11.83 21.05
C TYR A 992 -20.26 10.73 20.02
N SER A 993 -19.74 9.60 20.51
CA SER A 993 -19.50 8.45 19.65
C SER A 993 -20.81 7.96 19.06
N LEU A 994 -21.80 7.80 19.93
CA LEU A 994 -23.14 7.40 19.52
C LEU A 994 -23.69 8.36 18.47
N LEU A 995 -23.48 9.67 18.70
CA LEU A 995 -23.89 10.69 17.76
C LEU A 995 -23.21 10.49 16.41
N ILE A 996 -21.93 10.14 16.44
CA ILE A 996 -21.18 9.88 15.22
C ILE A 996 -21.79 8.73 14.44
N PHE A 997 -22.03 7.62 15.15
CA PHE A 997 -22.59 6.43 14.52
C PHE A 997 -23.96 6.72 13.90
N VAL A 998 -24.87 7.28 14.69
CA VAL A 998 -26.21 7.62 14.21
C VAL A 998 -26.17 8.56 13.01
N TYR A 999 -25.35 9.61 13.11
CA TYR A 999 -25.21 10.59 12.06
C TYR A 999 -24.73 9.98 10.76
N ASP A 1000 -23.65 9.20 10.82
CA ASP A 1000 -23.12 8.61 9.59
C ASP A 1000 -24.03 7.50 9.09
N GLU A 1001 -24.86 6.95 9.98
CA GLU A 1001 -25.76 5.87 9.61
C GLU A 1001 -26.93 6.41 8.83
N VAL A 1002 -27.48 7.54 9.27
CA VAL A 1002 -28.59 8.17 8.57
C VAL A 1002 -28.07 8.86 7.32
N ARG A 1003 -26.79 9.24 7.34
CA ARG A 1003 -26.16 9.77 6.15
C ARG A 1003 -26.06 8.67 5.11
N LYS A 1004 -25.65 7.48 5.57
CA LYS A 1004 -25.51 6.32 4.68
C LYS A 1004 -26.87 5.67 4.45
N LEU A 1005 -27.90 6.25 5.04
CA LEU A 1005 -29.28 5.91 4.73
C LEU A 1005 -29.74 6.78 3.56
N ILE A 1006 -29.76 8.08 3.79
CA ILE A 1006 -30.21 9.05 2.80
C ILE A 1006 -29.43 8.92 1.49
N ILE A 1007 -28.13 8.63 1.58
CA ILE A 1007 -27.33 8.40 0.38
C ILE A 1007 -27.89 7.23 -0.43
N ARG A 1008 -28.27 6.16 0.26
CA ARG A 1008 -28.87 5.00 -0.40
C ARG A 1008 -30.23 5.35 -1.00
N ARG A 1009 -31.07 6.03 -0.22
CA ARG A 1009 -32.44 6.32 -0.65
C ARG A 1009 -32.50 7.37 -1.75
N ARG A 1010 -31.62 8.36 -1.70
CA ARG A 1010 -31.62 9.44 -2.67
C ARG A 1010 -30.29 9.54 -3.42
N PRO A 1011 -30.10 8.69 -4.43
CA PRO A 1011 -28.85 8.79 -5.20
C PRO A 1011 -28.93 9.84 -6.32
N GLY A 1012 -29.41 11.03 -5.98
CA GLY A 1012 -29.34 12.15 -6.91
C GLY A 1012 -27.90 12.60 -7.10
N GLY A 1013 -27.26 13.06 -6.03
CA GLY A 1013 -27.93 13.44 -4.80
C GLY A 1013 -27.07 14.43 -4.05
N TRP A 1014 -27.69 15.28 -3.24
CA TRP A 1014 -26.96 16.34 -2.55
C TRP A 1014 -26.00 15.76 -1.52
N VAL A 1015 -26.53 14.86 -0.70
CA VAL A 1015 -25.71 14.15 0.27
C VAL A 1015 -24.70 13.25 -0.43
N GLU A 1016 -25.03 12.84 -1.65
CA GLU A 1016 -24.14 11.99 -2.42
C GLU A 1016 -23.00 12.80 -3.04
N LYS A 1017 -23.34 13.96 -3.61
CA LYS A 1017 -22.33 14.81 -4.24
C LYS A 1017 -21.40 15.44 -3.21
N GLU A 1018 -21.95 15.87 -2.08
CA GLU A 1018 -21.18 16.59 -1.07
C GLU A 1018 -20.35 15.70 -0.15
N THR A 1019 -20.92 14.57 0.27
CA THR A 1019 -20.30 13.72 1.27
C THR A 1019 -19.61 12.48 0.69
N TYR A 1020 -20.37 11.63 0.01
CA TYR A 1020 -19.92 10.30 -0.41
C TYR A 1020 -18.56 10.34 -1.10
N TYR A 1021 -17.62 9.54 -0.60
CA TYR A 1021 -16.24 9.60 -1.06
C TYR A 1021 -15.74 8.24 -1.55
N SER B 19 -9.49 29.36 -11.06
CA SER B 19 -9.94 30.28 -10.02
C SER B 19 -11.38 30.72 -10.24
N GLU B 20 -11.64 31.37 -11.37
CA GLU B 20 -12.99 31.78 -11.71
C GLU B 20 -13.28 31.64 -13.20
N LYS B 21 -14.44 31.06 -13.51
CA LYS B 21 -14.94 30.99 -14.87
C LYS B 21 -16.45 30.83 -14.77
N LYS B 22 -17.13 30.67 -15.89
CA LYS B 22 -18.59 30.68 -15.88
C LYS B 22 -19.22 29.30 -15.89
N GLU B 23 -19.97 29.04 -14.82
CA GLU B 23 -20.00 29.96 -13.69
C GLU B 23 -19.55 29.23 -12.43
N PHE B 24 -18.35 29.54 -11.95
CA PHE B 24 -17.85 28.95 -10.71
C PHE B 24 -16.87 29.88 -10.00
N LEU B 25 -16.95 29.92 -8.68
CA LEU B 25 -15.95 30.56 -7.85
C LEU B 25 -15.06 29.47 -7.30
N GLY B 26 -13.75 29.71 -7.27
CA GLY B 26 -12.79 28.67 -6.96
C GLY B 26 -13.07 27.95 -5.65
N ARG B 27 -13.21 26.62 -5.72
CA ARG B 27 -13.12 25.88 -6.99
C ARG B 27 -14.46 25.84 -7.74
N THR B 28 -15.45 25.16 -7.17
CA THR B 28 -16.80 25.14 -7.74
C THR B 28 -17.76 25.98 -6.89
N GLY B 29 -18.20 27.11 -7.42
CA GLY B 29 -18.89 28.11 -6.62
C GLY B 29 -20.39 28.27 -6.81
N GLY B 30 -21.02 27.36 -7.53
CA GLY B 30 -22.45 27.46 -7.76
C GLY B 30 -23.28 27.22 -6.51
N SER B 31 -22.96 26.13 -5.82
CA SER B 31 -23.77 25.64 -4.70
C SER B 31 -23.29 26.11 -3.33
N TRP B 32 -22.31 26.99 -3.31
CA TRP B 32 -21.66 27.43 -2.07
C TRP B 32 -22.64 27.78 -0.96
N PHE B 33 -23.74 28.42 -1.34
CA PHE B 33 -24.81 28.74 -0.40
C PHE B 33 -25.29 27.49 0.34
N LYS B 34 -25.54 26.42 -0.41
CA LYS B 34 -26.02 25.17 0.18
C LYS B 34 -25.02 24.57 1.17
N ILE B 35 -23.75 24.50 0.75
CA ILE B 35 -22.70 23.94 1.58
C ILE B 35 -22.50 24.74 2.86
N LEU B 36 -22.31 26.04 2.72
CA LEU B 36 -22.06 26.91 3.86
C LEU B 36 -23.26 26.95 4.82
N LEU B 37 -24.46 26.94 4.27
CA LEU B 37 -25.67 26.83 5.10
C LEU B 37 -25.64 25.53 5.89
N PHE B 38 -25.32 24.44 5.20
CA PHE B 38 -25.22 23.14 5.83
C PHE B 38 -24.22 23.15 6.99
N TYR B 39 -23.08 23.80 6.80
CA TYR B 39 -22.07 23.85 7.85
C TYR B 39 -22.46 24.79 8.99
N VAL B 40 -23.22 25.83 8.69
CA VAL B 40 -23.72 26.71 9.73
C VAL B 40 -24.68 25.95 10.63
N ILE B 41 -25.66 25.29 10.02
CA ILE B 41 -26.63 24.51 10.78
C ILE B 41 -25.93 23.39 11.54
N PHE B 42 -25.05 22.68 10.85
CA PHE B 42 -24.29 21.56 11.39
C PHE B 42 -23.50 21.96 12.62
N TYR B 43 -22.52 22.84 12.42
CA TYR B 43 -21.67 23.31 13.51
C TYR B 43 -22.50 23.97 14.61
N GLY B 44 -23.65 24.53 14.25
CA GLY B 44 -24.57 25.08 15.22
C GLY B 44 -25.12 23.99 16.13
N CYS B 45 -25.53 22.88 15.51
CA CYS B 45 -26.03 21.74 16.26
C CYS B 45 -24.95 21.14 17.13
N LEU B 46 -23.74 21.01 16.60
CA LEU B 46 -22.62 20.48 17.36
C LEU B 46 -22.32 21.34 18.58
N ALA B 47 -22.31 22.66 18.37
CA ALA B 47 -22.08 23.62 19.45
C ALA B 47 -23.15 23.47 20.53
N GLY B 48 -24.41 23.51 20.12
CA GLY B 48 -25.52 23.34 21.03
C GLY B 48 -25.43 22.06 21.85
N ILE B 49 -25.07 20.97 21.17
CA ILE B 49 -24.90 19.68 21.83
C ILE B 49 -23.82 19.75 22.90
N PHE B 50 -22.65 20.27 22.52
CA PHE B 50 -21.53 20.39 23.45
C PHE B 50 -21.93 21.23 24.67
N ILE B 51 -22.57 22.35 24.42
CA ILE B 51 -23.01 23.22 25.50
C ILE B 51 -24.00 22.48 26.39
N GLY B 52 -24.83 21.64 25.80
CA GLY B 52 -25.75 20.83 26.58
C GLY B 52 -25.03 19.89 27.52
N THR B 53 -24.14 19.07 26.97
CA THR B 53 -23.40 18.11 27.78
C THR B 53 -22.63 18.81 28.89
N ILE B 54 -22.00 19.92 28.53
CA ILE B 54 -21.25 20.72 29.48
C ILE B 54 -22.18 21.29 30.54
N GLN B 55 -23.43 21.51 30.17
CA GLN B 55 -24.39 22.11 31.09
C GLN B 55 -24.84 21.10 32.12
N VAL B 56 -25.12 19.88 31.68
CA VAL B 56 -25.48 18.85 32.63
C VAL B 56 -24.29 18.56 33.54
N MET B 57 -23.12 18.48 32.93
CA MET B 57 -21.87 18.33 33.67
C MET B 57 -21.78 19.38 34.77
N LEU B 58 -22.10 20.63 34.43
CA LEU B 58 -22.08 21.72 35.39
C LEU B 58 -23.21 21.60 36.40
N LEU B 59 -24.27 20.90 36.03
CA LEU B 59 -25.37 20.66 36.94
C LEU B 59 -24.95 19.66 38.00
N THR B 60 -23.96 18.82 37.68
CA THR B 60 -23.53 17.81 38.63
C THR B 60 -22.43 18.28 39.58
N ILE B 61 -22.04 19.55 39.49
CA ILE B 61 -20.96 20.06 40.34
C ILE B 61 -21.47 20.86 41.54
N SER B 62 -20.88 20.63 42.71
CA SER B 62 -21.37 21.23 43.95
C SER B 62 -20.95 22.69 44.13
N GLU B 63 -21.79 23.42 44.85
CA GLU B 63 -21.59 24.85 45.07
C GLU B 63 -20.80 25.13 46.35
N PHE B 64 -20.60 24.08 47.15
CA PHE B 64 -19.95 24.24 48.44
C PHE B 64 -18.57 23.60 48.45
N LYS B 65 -18.54 22.28 48.22
CA LYS B 65 -17.30 21.51 48.27
C LYS B 65 -16.98 20.93 46.89
N PRO B 66 -15.69 20.87 46.54
CA PRO B 66 -15.29 20.23 45.28
C PRO B 66 -15.46 18.72 45.37
N THR B 67 -15.61 18.06 44.22
CA THR B 67 -15.87 16.64 44.20
C THR B 67 -14.64 15.82 44.59
N TYR B 68 -13.47 16.20 44.07
CA TYR B 68 -12.25 15.47 44.41
C TYR B 68 -11.17 16.37 45.00
N GLN B 69 -10.87 16.16 46.28
CA GLN B 69 -9.83 16.92 46.97
C GLN B 69 -8.49 16.17 47.07
N ASP B 70 -8.46 14.94 46.57
CA ASP B 70 -7.32 14.06 46.75
C ASP B 70 -6.02 14.54 46.10
N ARG B 71 -6.14 15.48 45.17
CA ARG B 71 -4.98 15.94 44.41
C ARG B 71 -4.11 16.96 45.17
N VAL B 72 -4.75 17.79 46.00
CA VAL B 72 -4.04 18.80 46.77
C VAL B 72 -3.68 18.32 48.18
N ALA B 73 -3.97 17.05 48.45
CA ALA B 73 -3.91 16.51 49.81
C ALA B 73 -2.67 16.86 50.65
N PRO B 74 -1.46 16.81 50.06
CA PRO B 74 -0.27 17.34 50.76
C PRO B 74 -0.03 18.83 50.53
N PRO B 75 -0.66 19.73 51.33
CA PRO B 75 -0.56 21.17 51.06
C PRO B 75 0.88 21.67 51.01
N GLY B 76 1.13 22.71 50.21
CA GLY B 76 2.47 23.21 50.02
C GLY B 76 2.81 24.46 50.82
N LEU B 77 4.09 24.80 50.84
CA LEU B 77 4.57 26.01 51.51
C LEU B 77 5.04 27.04 50.49
N THR B 78 4.55 28.27 50.62
CA THR B 78 4.83 29.31 49.64
C THR B 78 5.45 30.54 50.28
N GLN B 79 6.03 31.39 49.45
CA GLN B 79 6.73 32.59 49.93
C GLN B 79 6.02 33.86 49.49
N ILE B 80 6.20 34.93 50.24
CA ILE B 80 5.64 36.23 49.87
C ILE B 80 6.27 36.82 48.60
N PRO B 81 7.61 36.88 48.50
CA PRO B 81 8.13 37.43 47.24
C PRO B 81 8.41 36.30 46.25
N GLN B 82 7.38 35.75 45.60
CA GLN B 82 7.60 34.66 44.66
C GLN B 82 8.53 35.10 43.53
N ILE B 83 9.60 34.33 43.34
CA ILE B 83 10.69 34.72 42.45
C ILE B 83 10.47 34.15 41.06
N GLN B 84 11.36 34.53 40.13
CA GLN B 84 11.52 33.82 38.88
C GLN B 84 11.78 32.36 39.20
N LYS B 85 12.96 32.04 39.73
CA LYS B 85 13.16 30.72 40.32
C LYS B 85 13.79 30.78 41.71
N THR B 86 12.97 30.63 42.75
CA THR B 86 13.40 30.38 44.14
C THR B 86 14.65 31.16 44.61
N GLU B 87 14.88 32.38 44.10
CA GLU B 87 16.10 33.10 44.50
C GLU B 87 15.99 34.60 44.77
N ILE B 88 16.23 35.00 46.02
CA ILE B 88 16.28 36.44 46.30
C ILE B 88 17.72 36.89 46.19
N ALA B 89 18.00 37.66 45.15
CA ALA B 89 19.32 38.22 44.93
C ALA B 89 19.21 39.71 44.66
N PHE B 90 19.71 40.52 45.59
CA PHE B 90 19.53 41.97 45.54
C PHE B 90 20.67 42.70 46.24
N ARG B 91 20.85 43.97 45.89
CA ARG B 91 21.83 44.82 46.53
C ARG B 91 21.24 45.48 47.77
N PRO B 92 21.93 45.35 48.92
CA PRO B 92 21.46 45.97 50.18
C PRO B 92 21.45 47.49 50.08
N ASN B 93 22.17 48.02 49.10
CA ASN B 93 22.31 49.45 48.91
C ASN B 93 21.27 50.02 47.95
N ASP B 94 21.34 49.59 46.69
CA ASP B 94 20.45 50.11 45.64
C ASP B 94 18.98 49.95 45.99
N PRO B 95 18.23 51.05 46.02
CA PRO B 95 16.78 50.96 46.24
C PRO B 95 16.09 50.15 45.14
N LYS B 96 16.46 50.40 43.89
CA LYS B 96 15.84 49.75 42.73
C LYS B 96 16.11 48.25 42.68
N SER B 97 16.99 47.78 43.55
CA SER B 97 17.35 46.39 43.60
C SER B 97 16.24 45.53 44.22
N TYR B 98 15.75 45.97 45.38
CA TYR B 98 14.73 45.21 46.10
C TYR B 98 13.29 45.70 45.90
N MET B 99 13.11 46.74 45.06
CA MET B 99 11.78 47.30 44.77
C MET B 99 10.77 46.25 44.34
N THR B 100 11.22 45.31 43.52
CA THR B 100 10.40 44.20 43.08
C THR B 100 9.85 43.46 44.29
N TYR B 101 10.74 42.86 45.06
CA TYR B 101 10.38 42.12 46.27
C TYR B 101 9.51 42.96 47.18
N VAL B 102 10.00 44.14 47.53
CA VAL B 102 9.28 45.04 48.43
C VAL B 102 7.84 45.28 47.98
N ASP B 103 7.65 45.65 46.71
CA ASP B 103 6.31 45.89 46.17
C ASP B 103 5.47 44.62 46.21
N ASN B 104 6.09 43.47 45.99
CA ASN B 104 5.38 42.19 46.10
C ASN B 104 4.84 41.97 47.52
N ILE B 105 5.67 42.26 48.53
CA ILE B 105 5.25 42.05 49.90
C ILE B 105 4.17 43.06 50.28
N ASP B 106 4.30 44.27 49.74
CA ASP B 106 3.31 45.31 49.96
C ASP B 106 1.93 44.88 49.44
N ASN B 107 1.87 44.45 48.18
CA ASN B 107 0.61 44.00 47.61
C ASN B 107 0.10 42.71 48.27
N PHE B 108 1.02 41.92 48.83
CA PHE B 108 0.64 40.70 49.54
C PHE B 108 -0.07 41.00 50.87
N LEU B 109 0.55 41.84 51.70
CA LEU B 109 0.01 42.11 53.03
C LEU B 109 -0.95 43.29 53.05
N LYS B 110 -1.23 43.85 51.87
CA LYS B 110 -2.20 44.94 51.75
C LYS B 110 -3.60 44.52 52.21
N LYS B 111 -3.85 43.22 52.19
CA LYS B 111 -5.16 42.69 52.59
C LYS B 111 -5.29 42.53 54.11
N TYR B 112 -4.16 42.54 54.81
CA TYR B 112 -4.13 42.22 56.25
C TYR B 112 -4.17 43.42 57.20
N ARG B 113 -4.27 44.63 56.66
CA ARG B 113 -4.25 45.84 57.47
C ARG B 113 -5.37 45.86 58.51
N ASP B 114 -5.10 46.53 59.64
CA ASP B 114 -6.10 46.68 60.70
C ASP B 114 -7.29 47.52 60.20
N SER B 115 -7.01 48.41 59.26
CA SER B 115 -8.04 49.21 58.61
C SER B 115 -8.70 48.43 57.49
N ALA B 116 -8.03 47.38 57.02
CA ALA B 116 -8.58 46.55 55.96
C ALA B 116 -9.73 45.69 56.48
N GLN B 117 -9.58 45.17 57.70
CA GLN B 117 -10.72 44.53 58.33
C GLN B 117 -11.32 45.47 59.36
N LYS B 118 -12.38 46.18 58.97
CA LYS B 118 -13.14 47.00 59.92
C LYS B 118 -14.29 46.22 60.57
N ASP B 119 -14.99 45.47 59.73
CA ASP B 119 -16.32 44.94 60.05
C ASP B 119 -16.30 43.85 61.11
N ASP B 120 -17.04 44.05 62.19
CA ASP B 120 -17.21 43.00 63.18
C ASP B 120 -18.25 41.99 62.66
N MET B 121 -18.99 42.40 61.62
CA MET B 121 -19.97 41.54 60.95
C MET B 121 -19.33 40.32 60.30
N ILE B 122 -18.39 40.59 59.39
CA ILE B 122 -17.73 39.52 58.64
C ILE B 122 -16.38 39.12 59.22
N PHE B 123 -15.92 39.84 60.24
CA PHE B 123 -14.66 39.47 60.89
C PHE B 123 -14.86 39.15 62.36
N GLU B 124 -13.96 38.33 62.89
CA GLU B 124 -14.05 37.84 64.26
C GLU B 124 -12.69 38.00 64.94
N ASP B 125 -12.68 38.57 66.13
CA ASP B 125 -11.42 38.73 66.85
C ASP B 125 -11.19 37.48 67.69
N CYS B 126 -10.16 36.72 67.31
CA CYS B 126 -9.87 35.44 67.95
C CYS B 126 -8.65 35.57 68.84
N GLY B 127 -8.26 34.46 69.48
CA GLY B 127 -7.21 34.47 70.47
C GLY B 127 -5.91 35.13 70.07
N ASN B 128 -5.35 35.90 71.00
CA ASN B 128 -4.01 36.46 70.84
C ASN B 128 -2.97 35.36 70.99
N VAL B 129 -3.44 34.17 71.33
CA VAL B 129 -2.60 32.99 71.51
C VAL B 129 -3.22 31.83 70.75
N PRO B 130 -2.37 30.98 70.13
CA PRO B 130 -2.87 29.79 69.41
C PRO B 130 -3.88 28.99 70.21
N SER B 131 -4.98 28.65 69.55
CA SER B 131 -6.11 28.00 70.18
C SER B 131 -6.70 26.90 69.31
N GLU B 132 -7.62 26.12 69.90
CA GLU B 132 -8.26 24.97 69.25
C GLU B 132 -8.99 25.32 67.96
N LEU B 133 -9.08 24.34 67.05
CA LEU B 133 -9.71 24.53 65.74
C LEU B 133 -11.14 25.03 65.88
N LYS B 134 -11.57 25.85 64.93
CA LYS B 134 -12.92 26.41 64.97
C LYS B 134 -13.82 25.76 63.93
N ASP B 135 -14.80 25.00 64.40
CA ASP B 135 -15.76 24.31 63.54
C ASP B 135 -17.09 25.06 63.47
N ARG B 136 -17.42 25.54 62.27
CA ARG B 136 -18.68 26.25 62.09
C ARG B 136 -19.66 25.43 61.27
N GLY B 137 -20.70 24.92 61.94
CA GLY B 137 -21.77 24.20 61.27
C GLY B 137 -21.32 23.08 60.33
N GLU B 138 -21.88 23.07 59.13
CA GLU B 138 -21.57 22.06 58.13
C GLU B 138 -21.17 22.72 56.81
N LEU B 139 -20.99 21.89 55.79
CA LEU B 139 -20.63 22.36 54.46
C LEU B 139 -21.73 23.18 53.78
N ASN B 140 -22.94 23.08 54.32
CA ASN B 140 -24.10 23.66 53.66
C ASN B 140 -24.34 25.13 53.96
N ASN B 141 -25.37 25.67 53.33
CA ASN B 141 -25.72 27.08 53.46
C ASN B 141 -26.75 27.33 54.55
N GLU B 142 -27.07 26.28 55.31
CA GLU B 142 -28.05 26.36 56.39
C GLU B 142 -27.78 27.54 57.32
N GLN B 143 -26.56 27.59 57.86
CA GLN B 143 -26.10 28.81 58.52
C GLN B 143 -25.60 29.76 57.44
N GLY B 144 -25.64 31.05 57.71
CA GLY B 144 -25.24 32.06 56.73
C GLY B 144 -23.74 32.11 56.53
N GLU B 145 -23.28 33.14 55.83
CA GLU B 145 -21.84 33.33 55.56
C GLU B 145 -21.05 33.37 56.87
N ARG B 146 -20.01 32.54 56.93
CA ARG B 146 -19.25 32.37 58.16
C ARG B 146 -18.27 33.53 58.42
N LYS B 147 -18.04 33.81 59.69
CA LYS B 147 -17.06 34.83 60.09
C LYS B 147 -15.64 34.33 59.91
N VAL B 148 -14.69 35.26 59.83
CA VAL B 148 -13.27 34.92 59.66
C VAL B 148 -12.42 35.54 60.76
N CYS B 149 -11.52 34.75 61.34
CA CYS B 149 -10.62 35.25 62.39
C CYS B 149 -9.71 36.38 61.89
N ARG B 150 -9.41 37.32 62.78
CA ARG B 150 -8.55 38.45 62.47
C ARG B 150 -7.08 38.09 62.61
N PHE B 151 -6.25 38.68 61.76
CA PHE B 151 -4.81 38.49 61.87
C PHE B 151 -4.10 39.84 61.88
N LYS B 152 -3.51 40.18 63.01
CA LYS B 152 -2.81 41.45 63.14
C LYS B 152 -1.39 41.35 62.58
N LEU B 153 -0.95 42.40 61.89
CA LEU B 153 0.39 42.40 61.32
C LEU B 153 1.45 42.49 62.41
N GLU B 154 1.01 42.87 63.61
CA GLU B 154 1.89 42.93 64.77
C GLU B 154 2.40 41.56 65.17
N TRP B 155 1.70 40.52 64.71
CA TRP B 155 2.07 39.15 65.05
C TRP B 155 3.44 38.82 64.44
N LEU B 156 3.80 39.52 63.36
CA LEU B 156 5.13 39.41 62.80
C LEU B 156 5.96 40.64 63.18
N GLY B 157 6.90 40.46 64.10
CA GLY B 157 7.70 41.58 64.56
C GLY B 157 8.94 41.77 63.72
N ASN B 158 9.38 43.02 63.60
CA ASN B 158 10.62 43.38 62.92
C ASN B 158 10.61 43.12 61.41
N CYS B 159 9.62 42.36 60.95
CA CYS B 159 9.34 42.28 59.53
C CYS B 159 7.93 42.81 59.31
N SER B 160 7.86 43.99 58.70
CA SER B 160 6.60 44.62 58.29
C SER B 160 5.61 44.89 59.42
N GLY B 161 6.07 44.95 60.66
CA GLY B 161 5.17 45.36 61.72
C GLY B 161 4.84 46.83 61.55
N ILE B 162 3.56 47.10 61.27
CA ILE B 162 3.01 48.45 61.21
C ILE B 162 3.97 49.46 60.55
N ASN B 163 4.30 50.53 61.27
CA ASN B 163 5.13 51.61 60.73
C ASN B 163 6.61 51.47 61.08
N ASP B 164 6.90 51.48 62.37
CA ASP B 164 8.28 51.44 62.85
C ASP B 164 9.01 50.19 62.36
N GLU B 165 10.21 50.43 61.85
CA GLU B 165 11.01 49.49 61.07
C GLU B 165 10.18 48.89 59.90
N THR B 166 10.55 47.74 59.32
CA THR B 166 11.95 47.40 59.04
C THR B 166 12.72 48.58 58.41
N TYR B 167 12.16 49.33 57.44
CA TYR B 167 10.98 49.01 56.65
C TYR B 167 11.44 48.44 55.32
N GLY B 168 12.77 48.42 55.15
CA GLY B 168 13.34 48.03 53.88
C GLY B 168 12.99 46.62 53.49
N TYR B 169 12.28 45.93 54.39
CA TYR B 169 11.83 44.56 54.08
C TYR B 169 13.06 43.74 53.78
N LYS B 170 13.80 43.41 54.85
CA LYS B 170 15.01 42.59 54.81
C LYS B 170 16.28 43.42 54.52
N ASP B 171 16.11 44.73 54.36
CA ASP B 171 17.18 45.63 53.91
C ASP B 171 18.54 45.44 54.60
N GLY B 172 18.54 45.41 55.94
CA GLY B 172 19.75 45.09 56.67
C GLY B 172 20.10 43.62 56.55
N LYS B 173 19.12 42.76 56.87
CA LYS B 173 19.29 41.31 56.81
C LYS B 173 17.98 40.63 56.33
N PRO B 174 18.11 39.58 55.50
CA PRO B 174 17.00 38.92 54.79
C PRO B 174 15.84 38.41 55.66
N CYS B 175 14.61 38.69 55.22
CA CYS B 175 13.39 38.22 55.87
C CYS B 175 12.33 37.80 54.84
N VAL B 176 11.76 36.62 55.04
CA VAL B 176 10.67 36.13 54.19
C VAL B 176 9.60 35.43 55.03
N ILE B 177 8.34 35.78 54.76
CA ILE B 177 7.19 35.12 55.35
C ILE B 177 6.81 33.87 54.56
N ILE B 178 6.59 32.77 55.28
CA ILE B 178 6.09 31.54 54.71
C ILE B 178 4.59 31.41 54.99
N LYS B 179 3.88 30.88 53.99
CA LYS B 179 2.44 30.71 54.05
C LYS B 179 2.01 29.31 53.62
N LEU B 180 1.05 28.75 54.35
CA LEU B 180 0.49 27.45 54.01
C LEU B 180 -0.58 27.58 52.92
N ASN B 181 -0.59 26.65 51.99
CA ASN B 181 -1.61 26.63 50.94
C ASN B 181 -2.99 26.36 51.51
N ARG B 182 -4.02 26.89 50.86
CA ARG B 182 -5.39 26.71 51.32
C ARG B 182 -6.03 25.47 50.69
N VAL B 183 -6.63 24.64 51.54
CA VAL B 183 -7.36 23.45 51.10
C VAL B 183 -8.67 23.34 51.89
N LEU B 184 -9.78 23.18 51.17
CA LEU B 184 -11.09 23.22 51.78
C LEU B 184 -11.31 22.05 52.75
N GLY B 185 -11.69 22.40 53.98
CA GLY B 185 -12.00 21.40 54.99
C GLY B 185 -10.78 20.81 55.66
N PHE B 186 -9.61 21.28 55.28
CA PHE B 186 -8.37 20.74 55.81
C PHE B 186 -8.19 21.10 57.27
N LYS B 187 -7.96 20.10 58.10
CA LYS B 187 -7.76 20.29 59.53
C LYS B 187 -6.37 19.78 59.92
N PRO B 188 -5.36 20.65 59.83
CA PRO B 188 -3.95 20.29 60.07
C PRO B 188 -3.70 19.60 61.40
N LYS B 189 -3.02 18.45 61.36
CA LYS B 189 -2.69 17.72 62.57
C LYS B 189 -1.22 17.86 62.92
N PRO B 190 -0.92 18.60 63.99
CA PRO B 190 0.46 18.80 64.44
C PRO B 190 1.06 17.47 64.93
N PRO B 191 2.39 17.36 64.88
CA PRO B 191 3.05 16.13 65.34
C PRO B 191 2.80 15.92 66.83
N LYS B 192 2.86 14.67 67.27
CA LYS B 192 2.60 14.34 68.66
C LYS B 192 3.68 14.91 69.59
N ASN B 193 3.37 15.02 70.88
CA ASN B 193 4.34 15.47 71.87
C ASN B 193 5.48 14.47 72.06
N GLU B 194 5.31 13.30 71.42
CA GLU B 194 6.26 12.20 71.45
C GLU B 194 7.28 12.37 70.31
N SER B 195 7.21 13.53 69.66
CA SER B 195 7.87 13.79 68.38
C SER B 195 9.35 13.40 68.31
N LEU B 196 9.73 12.83 67.18
CA LEU B 196 11.09 12.32 66.97
C LEU B 196 11.99 13.39 66.38
N GLU B 197 12.93 13.85 67.19
CA GLU B 197 14.00 14.76 66.76
C GLU B 197 13.51 15.90 65.85
N THR B 198 12.69 16.78 66.39
CA THR B 198 12.14 17.87 65.59
C THR B 198 13.01 19.12 65.68
N TYR B 199 14.16 19.01 66.37
CA TYR B 199 15.13 20.10 66.51
C TYR B 199 14.55 21.17 67.45
N PRO B 200 15.35 22.20 67.83
CA PRO B 200 14.74 23.15 68.78
C PRO B 200 13.39 23.73 68.32
N VAL B 201 12.39 23.53 69.17
CA VAL B 201 10.98 23.85 68.91
C VAL B 201 10.36 24.13 70.27
N MET B 202 9.28 24.90 70.32
CA MET B 202 8.64 25.16 71.61
C MET B 202 7.62 24.07 71.96
N LYS B 203 7.04 24.21 73.15
CA LYS B 203 6.27 23.15 73.83
C LYS B 203 4.75 23.21 73.66
N TYR B 204 4.29 24.13 72.82
CA TYR B 204 2.88 24.43 72.65
C TYR B 204 2.27 23.52 71.60
N ASN B 205 3.03 22.49 71.24
CA ASN B 205 2.75 21.64 70.07
C ASN B 205 1.30 21.17 69.81
N PRO B 206 0.48 20.87 70.85
CA PRO B 206 -0.90 20.49 70.53
C PRO B 206 -1.66 21.44 69.59
N TYR B 207 -1.57 22.74 69.83
CA TYR B 207 -2.43 23.69 69.11
C TYR B 207 -1.83 24.36 67.88
N VAL B 208 -0.63 23.97 67.45
CA VAL B 208 -0.09 24.60 66.26
C VAL B 208 0.73 23.68 65.35
N LEU B 209 0.63 23.96 64.05
CA LEU B 209 1.43 23.31 63.01
C LEU B 209 2.79 23.99 62.85
N PRO B 210 3.88 23.29 63.24
CA PRO B 210 5.26 23.82 63.31
C PRO B 210 6.02 23.88 61.98
N VAL B 211 7.04 24.75 61.92
CA VAL B 211 7.92 24.89 60.75
C VAL B 211 9.38 25.12 61.17
N GLN B 212 10.33 24.48 60.50
CA GLN B 212 11.74 24.68 60.80
C GLN B 212 12.58 24.73 59.52
N CYS B 213 13.62 25.55 59.51
CA CYS B 213 14.42 25.77 58.29
C CYS B 213 15.91 25.46 58.49
N THR B 214 16.52 24.86 57.45
CA THR B 214 17.95 24.55 57.45
C THR B 214 18.59 24.83 56.09
N GLY B 215 19.92 24.87 56.05
CA GLY B 215 20.65 25.16 54.82
C GLY B 215 20.54 24.09 53.75
N LYS B 216 20.95 22.88 54.08
CA LYS B 216 20.72 21.74 53.19
C LYS B 216 20.10 20.61 54.01
N ARG B 217 19.31 19.75 53.36
CA ARG B 217 18.33 18.95 54.10
C ARG B 217 18.94 17.78 54.89
N ASP B 218 19.29 16.70 54.20
CA ASP B 218 19.89 15.51 54.85
C ASP B 218 21.40 15.35 54.71
N GLU B 219 22.05 16.24 53.96
CA GLU B 219 23.47 16.05 53.67
C GLU B 219 24.36 17.17 54.22
N ASP B 220 25.65 17.10 53.93
CA ASP B 220 26.60 18.10 54.39
C ASP B 220 26.19 19.49 53.95
N LYS B 221 26.39 20.46 54.84
CA LYS B 221 25.89 21.79 54.58
C LYS B 221 26.99 22.83 54.44
N GLU B 222 26.65 23.86 53.69
CA GLU B 222 27.47 25.06 53.56
C GLU B 222 27.04 26.01 54.66
N LYS B 223 26.18 25.51 55.55
CA LYS B 223 25.30 26.31 56.37
C LYS B 223 26.00 27.41 57.15
N VAL B 224 25.54 28.63 56.90
CA VAL B 224 25.87 29.80 57.68
C VAL B 224 24.54 30.51 57.87
N GLY B 225 24.09 30.65 59.11
CA GLY B 225 22.83 31.31 59.33
C GLY B 225 22.46 31.53 60.77
N SER B 226 21.57 32.48 60.99
CA SER B 226 21.00 32.75 62.30
C SER B 226 19.52 33.01 62.06
N ILE B 227 18.68 32.29 62.80
CA ILE B 227 17.28 32.15 62.48
C ILE B 227 16.44 32.84 63.56
N GLU B 228 15.49 33.69 63.11
CA GLU B 228 14.56 34.31 64.02
C GLU B 228 13.14 34.17 63.48
N TYR B 229 12.28 33.52 64.26
CA TYR B 229 10.90 33.27 63.87
C TYR B 229 9.90 34.19 64.54
N PHE B 230 8.99 34.73 63.74
CA PHE B 230 7.86 35.47 64.28
C PHE B 230 6.57 34.76 63.88
N GLY B 231 5.91 34.21 64.90
CA GLY B 231 4.62 33.56 64.76
C GLY B 231 3.48 34.28 65.47
N LEU B 232 2.33 33.62 65.59
CA LEU B 232 1.25 34.13 66.43
C LEU B 232 1.71 34.01 67.88
N GLY B 233 1.75 35.15 68.58
CA GLY B 233 2.24 35.16 69.94
C GLY B 233 3.70 34.75 70.08
N GLY B 234 4.49 34.99 69.02
CA GLY B 234 5.88 34.62 69.01
C GLY B 234 6.09 33.12 68.93
N TYR B 235 5.22 32.45 68.16
CA TYR B 235 5.19 30.98 68.08
C TYR B 235 5.43 30.42 66.65
N PRO B 236 6.57 29.77 66.44
CA PRO B 236 6.95 29.32 65.10
C PRO B 236 6.01 28.28 64.52
N GLY B 237 4.81 28.71 64.16
CA GLY B 237 3.88 27.81 63.48
C GLY B 237 2.48 28.37 63.37
N PHE B 238 1.70 27.76 62.48
CA PHE B 238 0.32 28.17 62.20
C PHE B 238 -0.65 27.73 63.29
N PRO B 239 -1.45 28.67 63.81
CA PRO B 239 -2.53 28.37 64.75
C PRO B 239 -3.65 27.58 64.10
N LEU B 240 -4.18 26.59 64.81
CA LEU B 240 -5.22 25.75 64.26
C LEU B 240 -6.58 26.45 64.31
N GLN B 241 -6.64 27.54 65.05
CA GLN B 241 -7.90 28.28 65.24
C GLN B 241 -8.38 28.97 63.97
N TYR B 242 -7.53 28.98 62.94
CA TYR B 242 -7.89 29.55 61.65
C TYR B 242 -8.43 28.48 60.71
N TYR B 243 -8.52 27.26 61.21
CA TYR B 243 -8.95 26.11 60.41
C TYR B 243 -10.20 25.45 60.99
N PRO B 244 -10.98 24.76 60.14
CA PRO B 244 -10.81 24.56 58.69
C PRO B 244 -11.23 25.76 57.85
N TYR B 245 -10.67 25.85 56.65
CA TYR B 245 -11.07 26.88 55.69
C TYR B 245 -12.34 26.43 54.98
N TYR B 246 -13.36 27.29 54.98
CA TYR B 246 -14.67 26.89 54.48
C TYR B 246 -14.95 27.26 53.03
N GLY B 247 -13.96 27.81 52.32
CA GLY B 247 -14.10 28.05 50.90
C GLY B 247 -14.29 29.50 50.52
N LYS B 248 -14.20 29.78 49.23
CA LYS B 248 -14.32 31.15 48.72
C LYS B 248 -15.76 31.65 48.81
N LEU B 249 -16.71 30.72 48.70
CA LEU B 249 -18.12 31.06 48.72
C LEU B 249 -18.63 31.37 50.14
N LEU B 250 -18.35 30.47 51.08
CA LEU B 250 -18.81 30.63 52.46
C LEU B 250 -17.94 31.61 53.25
N GLN B 251 -16.65 31.68 52.92
CA GLN B 251 -15.75 32.60 53.60
C GLN B 251 -14.93 33.43 52.63
N PRO B 252 -15.58 34.41 51.97
CA PRO B 252 -14.79 35.34 51.16
C PRO B 252 -14.03 36.30 52.06
N LYS B 253 -12.99 36.94 51.51
CA LYS B 253 -12.11 37.81 52.28
C LYS B 253 -11.53 37.04 53.47
N TYR B 254 -11.17 35.78 53.22
CA TYR B 254 -10.59 34.93 54.24
C TYR B 254 -9.09 35.16 54.40
N LEU B 255 -8.66 35.40 55.63
CA LEU B 255 -7.25 35.67 55.93
C LEU B 255 -6.56 34.46 56.54
N GLN B 256 -5.68 33.83 55.77
CA GLN B 256 -4.93 32.65 56.24
C GLN B 256 -3.71 33.07 57.06
N PRO B 257 -3.28 32.21 58.00
CA PRO B 257 -2.12 32.50 58.85
C PRO B 257 -0.81 32.72 58.08
N LEU B 258 0.07 33.54 58.63
CA LEU B 258 1.36 33.82 58.02
C LEU B 258 2.49 33.72 59.05
N LEU B 259 3.67 33.28 58.59
CA LEU B 259 4.80 33.08 59.51
C LEU B 259 6.08 33.70 59.02
N ALA B 260 6.58 34.70 59.74
CA ALA B 260 7.76 35.40 59.24
C ALA B 260 9.04 34.73 59.74
N VAL B 261 10.01 34.67 58.83
CA VAL B 261 11.32 34.09 59.13
C VAL B 261 12.42 35.03 58.67
N GLN B 262 13.23 35.50 59.63
CA GLN B 262 14.33 36.40 59.28
C GLN B 262 15.67 35.70 59.47
N PHE B 263 16.54 35.90 58.50
CA PHE B 263 17.94 35.50 58.61
C PHE B 263 18.76 36.73 58.96
N THR B 264 19.35 36.74 60.15
CA THR B 264 20.15 37.89 60.55
C THR B 264 21.59 37.72 60.10
N ASN B 265 22.27 36.72 60.63
CA ASN B 265 23.64 36.43 60.24
C ASN B 265 23.70 35.55 59.00
N LEU B 266 24.26 36.08 57.92
CA LEU B 266 24.47 35.34 56.69
C LEU B 266 25.76 35.77 56.03
N THR B 267 26.30 34.94 55.14
CA THR B 267 27.44 35.36 54.33
C THR B 267 26.90 36.13 53.13
N MET B 268 27.36 37.36 52.96
CA MET B 268 26.73 38.30 52.04
C MET B 268 26.88 38.02 50.54
N ASP B 269 28.13 37.87 50.09
CA ASP B 269 28.40 37.76 48.66
C ASP B 269 28.39 36.33 48.11
N THR B 270 28.08 35.36 48.97
CA THR B 270 27.98 33.97 48.53
C THR B 270 26.55 33.44 48.58
N GLU B 271 26.15 32.74 47.54
CA GLU B 271 24.81 32.17 47.46
C GLU B 271 24.69 30.84 48.22
N ILE B 272 23.76 30.80 49.17
CA ILE B 272 23.40 29.57 49.87
C ILE B 272 21.92 29.27 49.67
N ARG B 273 21.56 28.01 49.90
CA ARG B 273 20.19 27.55 49.73
C ARG B 273 19.59 27.26 51.08
N ILE B 274 18.26 27.37 51.15
CA ILE B 274 17.52 27.20 52.38
C ILE B 274 16.25 26.40 52.13
N GLU B 275 16.03 25.37 52.92
CA GLU B 275 14.80 24.60 52.87
C GLU B 275 14.02 24.71 54.18
N CYS B 276 12.75 25.08 54.07
CA CYS B 276 11.85 25.14 55.21
C CYS B 276 10.83 24.02 55.15
N LYS B 277 10.74 23.25 56.24
CA LYS B 277 9.84 22.11 56.29
C LYS B 277 8.78 22.30 57.38
N ALA B 278 7.53 22.00 57.03
CA ALA B 278 6.43 22.03 57.98
C ALA B 278 6.13 20.60 58.42
N TYR B 279 5.95 20.40 59.72
CA TYR B 279 5.80 19.05 60.26
C TYR B 279 4.42 18.79 60.87
N GLY B 280 3.90 17.58 60.66
CA GLY B 280 2.60 17.20 61.17
C GLY B 280 2.08 15.93 60.54
N GLU B 281 1.02 15.37 61.11
CA GLU B 281 0.46 14.11 60.62
C GLU B 281 -0.35 14.33 59.34
N ASN B 282 -0.96 15.50 59.25
CA ASN B 282 -1.70 15.88 58.05
C ASN B 282 -0.78 16.37 56.95
N ILE B 283 0.51 16.49 57.27
CA ILE B 283 1.49 16.98 56.31
C ILE B 283 2.27 15.84 55.67
N GLY B 284 2.57 15.99 54.39
CA GLY B 284 3.37 15.02 53.67
C GLY B 284 4.21 15.75 52.63
N TYR B 285 5.24 15.08 52.13
CA TYR B 285 6.16 15.72 51.21
C TYR B 285 6.41 14.89 49.97
N SER B 286 6.62 15.59 48.85
CA SER B 286 6.96 14.95 47.59
C SER B 286 8.39 15.30 47.20
N GLU B 287 9.16 14.29 46.82
CA GLU B 287 10.54 14.51 46.37
C GLU B 287 10.52 15.17 44.99
N LYS B 288 9.47 14.89 44.24
CA LYS B 288 9.30 15.45 42.90
C LYS B 288 8.79 16.89 42.98
N ASP B 289 7.86 17.14 43.89
CA ASP B 289 7.33 18.49 44.07
C ASP B 289 8.00 19.13 45.29
N ARG B 290 8.90 20.07 45.02
CA ARG B 290 9.76 20.62 46.05
C ARG B 290 9.02 21.64 46.91
N PHE B 291 7.89 22.10 46.40
CA PHE B 291 7.05 23.03 47.13
C PHE B 291 5.91 22.32 47.87
N GLN B 292 5.85 21.00 47.73
CA GLN B 292 4.76 20.25 48.35
C GLN B 292 5.16 19.75 49.73
N GLY B 293 4.55 20.35 50.75
CA GLY B 293 4.85 20.02 52.14
C GLY B 293 6.10 20.73 52.63
N ARG B 294 6.93 21.19 51.70
CA ARG B 294 8.19 21.83 52.06
C ARG B 294 8.45 23.04 51.17
N PHE B 295 9.64 23.60 51.31
CA PHE B 295 9.94 24.91 50.75
C PHE B 295 11.41 25.05 50.38
N ASP B 296 11.70 25.80 49.32
CA ASP B 296 13.09 26.02 48.89
C ASP B 296 13.35 27.43 48.36
N VAL B 297 14.39 28.08 48.88
CA VAL B 297 14.77 29.41 48.41
C VAL B 297 16.28 29.60 48.41
N LYS B 298 16.81 30.18 47.33
CA LYS B 298 18.22 30.51 47.24
C LYS B 298 18.44 32.01 47.52
N ILE B 299 19.43 32.32 48.33
CA ILE B 299 19.72 33.70 48.69
C ILE B 299 21.20 33.91 48.83
N ASP C 9 -10.96 10.57 55.62
CA ASP C 9 -10.66 11.81 54.92
C ASP C 9 -11.05 11.72 53.44
N PRO C 10 -11.61 12.81 52.90
CA PRO C 10 -11.95 12.92 51.47
C PRO C 10 -10.69 12.97 50.60
N PHE C 11 -9.55 13.18 51.24
CA PHE C 11 -8.27 13.35 50.55
C PHE C 11 -7.62 12.02 50.21
N TYR C 12 -8.30 10.92 50.55
CA TYR C 12 -7.85 9.60 50.17
C TYR C 12 -8.75 8.98 49.10
N TYR C 13 -8.18 8.80 47.91
CA TYR C 13 -8.87 8.10 46.85
C TYR C 13 -8.19 6.75 46.65
N ASP C 14 -8.95 5.72 46.33
CA ASP C 14 -8.35 4.41 46.14
C ASP C 14 -7.99 4.27 44.67
N TYR C 15 -6.72 4.34 44.36
CA TYR C 15 -6.30 4.26 42.97
C TYR C 15 -5.94 2.83 42.59
N GLU C 16 -5.78 1.99 43.62
CA GLU C 16 -5.24 0.66 43.39
C GLU C 16 -6.31 -0.32 42.94
N THR C 17 -7.52 -0.16 43.48
CA THR C 17 -8.65 -0.99 43.10
C THR C 17 -9.07 -0.68 41.68
N VAL C 18 -9.21 0.61 41.42
CA VAL C 18 -9.49 1.13 40.10
C VAL C 18 -8.45 0.64 39.09
N ARG C 19 -7.18 0.74 39.49
CA ARG C 19 -6.06 0.23 38.69
C ARG C 19 -6.20 -1.26 38.36
N ASN C 20 -6.36 -2.07 39.41
CA ASN C 20 -6.58 -3.50 39.30
C ASN C 20 -7.70 -3.83 38.33
N GLY C 21 -8.80 -3.10 38.46
CA GLY C 21 -9.96 -3.27 37.60
C GLY C 21 -9.59 -3.01 36.16
N GLY C 22 -8.88 -1.92 35.92
CA GLY C 22 -8.45 -1.57 34.58
C GLY C 22 -7.59 -2.64 33.94
N LEU C 23 -6.57 -3.09 34.65
CA LEU C 23 -5.66 -4.10 34.14
C LEU C 23 -6.35 -5.44 33.89
N ILE C 24 -7.13 -5.87 34.87
CA ILE C 24 -7.90 -7.11 34.75
C ILE C 24 -8.78 -7.06 33.52
N PHE C 25 -9.44 -5.93 33.34
CA PHE C 25 -10.25 -5.78 32.14
C PHE C 25 -9.37 -5.97 30.93
N ALA C 26 -8.23 -5.28 30.92
CA ALA C 26 -7.33 -5.30 29.77
C ALA C 26 -7.01 -6.73 29.36
N ALA C 27 -6.65 -7.54 30.35
CA ALA C 27 -6.35 -8.94 30.11
C ALA C 27 -7.56 -9.65 29.52
N LEU C 28 -8.72 -9.48 30.16
CA LEU C 28 -9.94 -10.13 29.70
C LEU C 28 -10.28 -9.80 28.24
N ALA C 29 -10.34 -8.51 27.91
CA ALA C 29 -10.73 -8.09 26.57
C ALA C 29 -9.70 -8.50 25.55
N PHE C 30 -8.44 -8.48 25.96
CA PHE C 30 -7.37 -8.86 25.04
C PHE C 30 -7.50 -10.32 24.67
N ILE C 31 -7.59 -11.18 25.69
CA ILE C 31 -7.69 -12.61 25.42
C ILE C 31 -8.99 -12.95 24.71
N VAL C 32 -10.05 -12.19 24.99
CA VAL C 32 -11.32 -12.37 24.29
C VAL C 32 -11.14 -12.06 22.80
N GLY C 33 -10.45 -10.96 22.50
CA GLY C 33 -10.17 -10.59 21.13
C GLY C 33 -9.32 -11.64 20.44
N LEU C 34 -8.42 -12.24 21.21
CA LEU C 34 -7.62 -13.36 20.70
C LEU C 34 -8.53 -14.54 20.37
N VAL C 35 -9.56 -14.73 21.17
CA VAL C 35 -10.52 -15.81 20.93
C VAL C 35 -11.31 -15.51 19.64
N ILE C 36 -11.59 -14.22 19.42
CA ILE C 36 -12.31 -13.78 18.23
C ILE C 36 -11.51 -13.98 16.94
N ILE C 37 -10.24 -13.58 16.94
CA ILE C 37 -9.36 -13.77 15.78
C ILE C 37 -9.29 -15.23 15.33
N LEU C 38 -9.17 -16.14 16.29
CA LEU C 38 -9.00 -17.55 15.97
C LEU C 38 -10.37 -18.19 15.91
N SER C 39 -10.82 -18.51 14.70
CA SER C 39 -12.18 -18.97 14.48
C SER C 39 -12.25 -20.48 14.38
N LYS C 40 -11.09 -21.13 14.47
CA LYS C 40 -10.97 -22.58 14.29
C LYS C 40 -11.55 -23.02 12.95
#